data_6O00
#
_entry.id   6O00
#
_cell.length_a   1.00
_cell.length_b   1.00
_cell.length_c   1.00
_cell.angle_alpha   90.00
_cell.angle_beta   90.00
_cell.angle_gamma   90.00
#
_symmetry.space_group_name_H-M   'P 1'
#
_entity_poly.entity_id   1
_entity_poly.type   'polypeptide(L)'
_entity_poly.pdbx_seq_one_letter_code
;MIPVTELRYFADTQPAYRILKPWWDVFTDYISIVMLMIAVFGGTLQVTQDKMICLPCKWVTKDSCNDSFRGWAASSPEPT
YPNSTVLPTPDTGPTGIKYDLDRHQYNYVDAVCYENRLHWFAKYFPYLVLLHTLIFLACSNFWFKFPRTSSKLEHFVSIL
LKCFDSPWTTRALSETVVEESDPKPAFSKMNGSMDKKSSTVSEDVEATVPMLQRTKSRIEQGIVDRSETGVLDKKEGEQA
KALFEKVKKFRTHVEEGDIVYRLYMRQTIIKVIKFALIICYTVYYVHNIKFDVDCTVDIESLTGYRTYRCAHPLATLFKI
LASFYISLVIFYGLICMYTLWWMLRRSLKKYSFESIREESSYSDIPDVKNDFAFMLHLIDQYDPLYSKRFAVFLSEVSEN
KLRQLNLNNEWTLDKLRQRLTKNAQDKLELHLFMLSGIPDTVFDLVELEVLKLELIPDVTIPPSIAQLTGLKELWLYHTA
AKIEAPALAFLRENLRALHIKFTDIKEIPLWIYSLKTLEELHLTGNLSAENNRYIVIDGLRELKRLKVLRLKSNLSKLPQ
VVTDVGVHLQKLSINNEGTKLIVLNSLKKMVNLTELELIRCDLERIPHSIFSLHNLQEIDLKDNNLKTIEEIISFQHLHR
LTCLKLWYNHIAYIPIQIGNLTNLERLYLNRNKIEKIPTQLFYCRKLRYLDLSHNNLTFLPADIGLLQNLQNLAVTANRI
EALPPELFQCRKLRALHLGNNVLQSLPSRVGELTNLTQIELRGNRLECLPVELGECPLLKRSGLVVEEDLFSTLPPEVKE
RLWRADKEQASNSLEVLFQG
;
_entity_poly.pdbx_strand_id   A,B,C,D,E,F
#
# COMPACT_ATOMS: atom_id res chain seq x y z
N PRO A 15 -13.30 -6.84 -14.76
CA PRO A 15 -13.28 -7.28 -16.16
C PRO A 15 -13.04 -6.13 -17.13
N ALA A 16 -13.36 -6.34 -18.41
CA ALA A 16 -13.13 -5.32 -19.44
C ALA A 16 -14.39 -4.48 -19.63
N TYR A 17 -14.80 -3.87 -18.51
CA TYR A 17 -15.96 -3.00 -18.50
C TYR A 17 -15.63 -1.57 -18.89
N ARG A 18 -14.41 -1.29 -19.34
CA ARG A 18 -14.09 0.03 -19.86
C ARG A 18 -14.92 0.33 -21.11
N ILE A 19 -15.26 -0.70 -21.87
CA ILE A 19 -16.13 -0.52 -23.02
C ILE A 19 -17.50 -0.05 -22.58
N LEU A 20 -17.91 -0.42 -21.37
CA LEU A 20 -19.30 -0.26 -20.98
C LEU A 20 -19.62 1.16 -20.56
N LYS A 21 -18.62 2.03 -20.48
CA LYS A 21 -18.78 3.38 -19.93
C LYS A 21 -18.52 4.40 -21.03
N PRO A 22 -19.55 5.08 -21.57
CA PRO A 22 -19.27 6.15 -22.53
C PRO A 22 -18.56 7.32 -21.85
N TRP A 23 -18.18 8.29 -22.68
CA TRP A 23 -17.45 9.45 -22.17
C TRP A 23 -18.25 10.19 -21.11
N TRP A 24 -19.58 10.21 -21.23
CA TRP A 24 -20.39 10.83 -20.19
C TRP A 24 -20.37 10.03 -18.89
N ASP A 25 -20.01 8.75 -18.94
CA ASP A 25 -19.81 7.97 -17.72
C ASP A 25 -18.39 8.06 -17.19
N VAL A 26 -17.43 8.46 -18.03
CA VAL A 26 -16.03 8.45 -17.62
C VAL A 26 -15.64 9.74 -16.92
N PHE A 27 -16.06 10.89 -17.46
CA PHE A 27 -15.92 12.13 -16.70
C PHE A 27 -16.70 12.02 -15.40
N THR A 28 -17.91 11.45 -15.48
CA THR A 28 -18.72 11.22 -14.30
C THR A 28 -17.98 10.38 -13.27
N ASP A 29 -17.15 9.44 -13.72
CA ASP A 29 -16.37 8.64 -12.79
C ASP A 29 -15.40 9.51 -12.00
N TYR A 30 -14.70 10.42 -12.69
CA TYR A 30 -13.64 11.19 -12.07
C TYR A 30 -14.18 12.45 -11.38
N ILE A 31 -15.27 13.03 -11.88
CA ILE A 31 -15.94 14.08 -11.13
C ILE A 31 -16.43 13.52 -9.79
N SER A 32 -16.78 12.24 -9.75
CA SER A 32 -17.14 11.58 -8.51
C SER A 32 -15.93 11.06 -7.75
N ILE A 33 -14.74 11.57 -8.02
CA ILE A 33 -13.53 11.28 -7.27
C ILE A 33 -13.00 12.53 -6.57
N VAL A 34 -12.87 13.62 -7.30
CA VAL A 34 -12.45 14.86 -6.67
C VAL A 34 -13.54 15.39 -5.75
N MET A 35 -14.81 15.12 -6.08
CA MET A 35 -15.90 15.37 -5.14
C MET A 35 -15.64 14.68 -3.82
N LEU A 36 -15.12 13.46 -3.87
CA LEU A 36 -14.72 12.77 -2.64
C LEU A 36 -13.55 13.46 -1.98
N MET A 37 -12.55 13.88 -2.77
CA MET A 37 -11.30 14.37 -2.21
C MET A 37 -11.50 15.66 -1.43
N ILE A 38 -12.47 16.48 -1.81
CA ILE A 38 -12.77 17.67 -1.02
C ILE A 38 -13.65 17.32 0.16
N ALA A 39 -14.52 16.32 0.01
CA ALA A 39 -15.36 15.89 1.12
C ALA A 39 -14.51 15.34 2.25
N VAL A 40 -13.52 14.52 1.92
CA VAL A 40 -12.62 13.98 2.94
C VAL A 40 -11.68 15.07 3.45
N PHE A 41 -11.19 15.92 2.54
CA PHE A 41 -10.25 16.96 2.92
C PHE A 41 -10.91 17.99 3.83
N GLY A 42 -12.19 18.27 3.62
CA GLY A 42 -12.90 19.16 4.52
C GLY A 42 -13.25 18.50 5.84
N GLY A 43 -13.53 17.21 5.83
CA GLY A 43 -13.92 16.49 7.04
C GLY A 43 -12.74 16.29 7.97
N THR A 44 -11.65 15.76 7.44
CA THR A 44 -10.42 15.61 8.21
C THR A 44 -9.91 16.95 8.72
N LEU A 45 -10.21 18.04 8.01
CA LEU A 45 -9.92 19.37 8.51
C LEU A 45 -10.90 19.77 9.60
N GLN A 46 -12.19 19.49 9.40
CA GLN A 46 -13.22 19.84 10.38
C GLN A 46 -12.94 19.18 11.72
N VAL A 47 -12.80 17.86 11.73
CA VAL A 47 -12.49 17.14 12.96
C VAL A 47 -11.23 17.62 13.64
N THR A 48 -10.30 18.21 12.88
CA THR A 48 -9.02 18.61 13.43
C THR A 48 -9.19 19.75 14.45
N GLN A 49 -9.71 20.91 14.01
CA GLN A 49 -10.08 21.98 14.94
C GLN A 49 -11.56 22.31 14.91
N ASP A 50 -12.11 22.76 13.78
CA ASP A 50 -13.46 23.35 13.67
C ASP A 50 -13.85 24.13 14.93
N LYS A 51 -13.02 25.12 15.27
CA LYS A 51 -13.15 25.83 16.53
C LYS A 51 -13.47 27.29 16.30
N MET A 52 -13.79 27.97 17.40
CA MET A 52 -14.17 29.37 17.39
C MET A 52 -13.49 30.08 18.54
N ILE A 53 -13.51 31.41 18.51
CA ILE A 53 -12.88 32.25 19.53
C ILE A 53 -13.93 33.25 19.97
N CYS A 54 -14.69 32.90 21.00
CA CYS A 54 -15.80 33.72 21.48
C CYS A 54 -15.33 34.69 22.54
N LEU A 55 -15.62 35.97 22.34
CA LEU A 55 -15.27 37.04 23.25
C LEU A 55 -16.52 37.79 23.68
N PRO A 56 -16.59 38.26 24.93
CA PRO A 56 -17.81 38.95 25.37
C PRO A 56 -17.91 40.34 24.77
N CYS A 57 -18.95 41.07 25.18
CA CYS A 57 -19.12 42.46 24.80
C CYS A 57 -19.71 43.19 26.00
N LYS A 58 -18.96 44.16 26.53
CA LYS A 58 -19.35 44.79 27.78
C LYS A 58 -20.57 45.69 27.58
N TRP A 59 -20.44 46.70 26.73
CA TRP A 59 -21.55 47.58 26.39
C TRP A 59 -22.35 46.89 25.30
N VAL A 60 -23.48 46.31 25.68
CA VAL A 60 -24.37 45.65 24.74
C VAL A 60 -25.61 46.52 24.56
N THR A 61 -26.09 46.55 23.33
CA THR A 61 -27.36 47.15 22.99
C THR A 61 -28.05 46.18 22.04
N LYS A 62 -29.37 46.04 22.17
CA LYS A 62 -30.16 45.14 21.34
C LYS A 62 -29.76 43.68 21.53
N ASP A 63 -29.06 43.37 22.63
CA ASP A 63 -28.33 42.11 22.76
C ASP A 63 -27.32 41.98 21.61
N SER A 64 -26.68 43.11 21.29
CA SER A 64 -25.64 43.19 20.28
C SER A 64 -24.52 44.06 20.84
N CYS A 65 -23.30 43.81 20.36
CA CYS A 65 -22.16 44.59 20.82
C CYS A 65 -22.36 46.06 20.47
N ASN A 66 -22.59 46.89 21.48
CA ASN A 66 -22.86 48.31 21.25
C ASN A 66 -21.66 49.02 20.63
N ASP A 67 -20.45 48.48 20.78
CA ASP A 67 -19.25 49.07 20.21
C ASP A 67 -19.01 50.46 20.76
N SER A 68 -19.28 50.64 22.04
CA SER A 68 -19.13 51.93 22.72
C SER A 68 -17.76 52.05 23.38
N THR A 92 -2.67 57.55 29.45
CA THR A 92 -2.80 58.22 28.18
C THR A 92 -2.95 57.21 27.05
N GLY A 93 -1.87 56.48 26.76
CA GLY A 93 -1.85 55.51 25.70
C GLY A 93 -2.88 54.42 25.92
N PRO A 94 -3.12 53.61 24.89
CA PRO A 94 -4.14 52.57 25.01
C PRO A 94 -3.62 51.39 25.81
N THR A 95 -4.58 50.62 26.35
CA THR A 95 -4.26 49.50 27.21
C THR A 95 -5.24 48.37 26.96
N GLY A 96 -4.86 47.18 27.42
CA GLY A 96 -5.70 46.03 27.22
C GLY A 96 -6.93 46.04 28.09
N ILE A 97 -8.01 45.54 27.54
CA ILE A 97 -9.25 45.33 28.27
C ILE A 97 -9.14 44.00 28.99
N LYS A 98 -9.81 43.90 30.14
CA LYS A 98 -9.83 42.70 30.94
C LYS A 98 -11.26 42.31 31.23
N TYR A 99 -11.60 41.06 30.91
CA TYR A 99 -12.85 40.46 31.33
C TYR A 99 -12.70 39.56 32.54
N ASP A 100 -11.47 39.33 33.00
CA ASP A 100 -11.21 38.58 34.23
C ASP A 100 -11.73 37.13 34.11
N LEU A 101 -11.17 36.41 33.14
CA LEU A 101 -11.63 35.06 32.83
C LEU A 101 -10.45 34.14 32.54
N ASP A 102 -10.58 32.90 32.98
CA ASP A 102 -9.57 31.86 32.79
C ASP A 102 -9.82 31.08 31.50
N ARG A 103 -8.94 30.12 31.25
CA ARG A 103 -8.87 29.47 29.94
C ARG A 103 -10.08 28.58 29.68
N HIS A 104 -10.55 27.87 30.71
CA HIS A 104 -11.53 26.82 30.47
C HIS A 104 -12.91 27.40 30.17
N GLN A 105 -13.37 28.35 30.98
CA GLN A 105 -14.64 28.97 30.69
C GLN A 105 -14.59 29.75 29.38
N TYR A 106 -13.39 30.20 29.00
CA TYR A 106 -13.18 30.67 27.63
C TYR A 106 -13.36 29.53 26.64
N ASN A 107 -12.90 28.33 26.99
CA ASN A 107 -13.13 27.17 26.13
C ASN A 107 -14.59 26.74 26.19
N TYR A 108 -15.20 26.85 27.37
CA TYR A 108 -16.59 26.46 27.56
C TYR A 108 -17.49 27.27 26.65
N VAL A 109 -17.37 28.59 26.73
CA VAL A 109 -18.23 29.48 25.95
C VAL A 109 -18.05 29.23 24.45
N ASP A 110 -16.84 28.88 24.03
CA ASP A 110 -16.61 28.60 22.62
C ASP A 110 -17.43 27.39 22.16
N ALA A 111 -17.59 26.40 23.03
CA ALA A 111 -18.36 25.23 22.68
C ALA A 111 -19.83 25.57 22.48
N VAL A 112 -20.39 26.39 23.38
CA VAL A 112 -21.82 26.62 23.39
C VAL A 112 -22.24 27.44 22.17
N CYS A 113 -21.57 28.57 21.96
CA CYS A 113 -21.83 29.37 20.76
C CYS A 113 -21.56 28.57 19.50
N TYR A 114 -20.57 27.68 19.54
CA TYR A 114 -20.39 26.72 18.45
C TYR A 114 -21.52 25.71 18.41
N GLU A 115 -21.97 25.26 19.59
CA GLU A 115 -22.96 24.19 19.64
C GLU A 115 -24.29 24.65 19.08
N ASN A 116 -24.74 25.85 19.47
CA ASN A 116 -26.13 26.27 19.31
C ASN A 116 -26.28 27.42 18.35
N ARG A 117 -25.43 28.44 18.44
CA ARG A 117 -25.51 29.61 17.58
C ARG A 117 -24.66 29.47 16.33
N LEU A 118 -24.42 28.23 15.87
CA LEU A 118 -23.79 27.96 14.60
C LEU A 118 -24.69 27.05 13.77
N HIS A 119 -24.65 27.24 12.46
CA HIS A 119 -25.49 26.48 11.56
C HIS A 119 -24.97 25.06 11.41
N TRP A 120 -25.90 24.10 11.44
CA TRP A 120 -25.55 22.71 11.14
C TRP A 120 -24.85 22.59 9.79
N PHE A 121 -25.20 23.44 8.84
CA PHE A 121 -24.63 23.34 7.50
C PHE A 121 -23.14 23.66 7.52
N ALA A 122 -22.73 24.63 8.35
CA ALA A 122 -21.32 24.99 8.42
C ALA A 122 -20.50 23.85 9.01
N LYS A 123 -21.10 23.05 9.88
CA LYS A 123 -20.36 22.05 10.64
C LYS A 123 -20.31 20.70 9.93
N TYR A 124 -21.39 20.32 9.27
CA TYR A 124 -21.52 19.00 8.66
C TYR A 124 -21.38 19.03 7.15
N PHE A 125 -20.84 20.13 6.60
CA PHE A 125 -20.67 20.24 5.15
C PHE A 125 -19.80 19.14 4.57
N PRO A 126 -18.60 18.85 5.07
CA PRO A 126 -17.79 17.80 4.43
C PRO A 126 -18.40 16.43 4.58
N TYR A 127 -19.09 16.18 5.70
CA TYR A 127 -19.75 14.89 5.92
C TYR A 127 -21.00 14.74 5.06
N LEU A 128 -21.45 15.80 4.42
CA LEU A 128 -22.69 15.78 3.64
C LEU A 128 -22.44 15.44 2.18
N VAL A 129 -21.51 16.14 1.54
CA VAL A 129 -21.23 15.87 0.14
C VAL A 129 -20.59 14.50 -0.02
N LEU A 130 -19.83 14.06 0.98
CA LEU A 130 -19.31 12.71 0.98
C LEU A 130 -20.44 11.70 0.84
N LEU A 131 -21.48 11.85 1.65
CA LEU A 131 -22.68 11.02 1.53
C LEU A 131 -23.20 11.07 0.11
N HIS A 132 -23.36 12.28 -0.44
CA HIS A 132 -23.83 12.42 -1.81
C HIS A 132 -22.84 11.83 -2.79
N THR A 133 -21.54 11.93 -2.51
CA THR A 133 -20.53 11.38 -3.40
C THR A 133 -20.66 9.86 -3.51
N LEU A 134 -21.06 9.20 -2.42
CA LEU A 134 -21.19 7.75 -2.46
C LEU A 134 -22.40 7.30 -3.27
N ILE A 135 -23.48 8.09 -3.25
CA ILE A 135 -24.69 7.70 -3.98
C ILE A 135 -24.42 7.65 -5.46
N PHE A 136 -23.76 8.69 -5.99
CA PHE A 136 -23.45 8.74 -7.40
C PHE A 136 -22.55 7.58 -7.82
N LEU A 137 -21.73 7.07 -6.89
CA LEU A 137 -21.01 5.84 -7.16
C LEU A 137 -21.93 4.62 -7.07
N ALA A 138 -22.74 4.54 -6.02
CA ALA A 138 -23.65 3.42 -5.88
C ALA A 138 -24.67 3.40 -7.00
N CYS A 139 -25.07 4.56 -7.46
CA CYS A 139 -25.95 4.69 -8.61
C CYS A 139 -25.22 4.59 -9.94
N SER A 140 -24.02 4.00 -9.97
CA SER A 140 -23.46 3.46 -11.21
C SER A 140 -23.15 1.99 -11.12
N ASN A 141 -22.47 1.55 -10.06
CA ASN A 141 -22.06 0.16 -9.96
C ASN A 141 -23.20 -0.79 -9.63
N PHE A 142 -24.33 -0.27 -9.10
CA PHE A 142 -25.53 -1.08 -8.94
C PHE A 142 -25.92 -1.77 -10.24
N TRP A 143 -25.83 -1.04 -11.35
CA TRP A 143 -26.06 -1.61 -12.67
C TRP A 143 -25.15 -2.80 -12.92
N PHE A 144 -23.83 -2.59 -12.82
CA PHE A 144 -22.87 -3.68 -13.00
C PHE A 144 -23.02 -4.79 -11.98
N LYS A 145 -23.49 -4.46 -10.78
CA LYS A 145 -23.46 -5.40 -9.66
C LYS A 145 -24.78 -6.15 -9.47
N PHE A 146 -25.87 -5.66 -10.03
CA PHE A 146 -27.14 -6.36 -9.89
C PHE A 146 -27.09 -7.68 -10.66
N PRO A 147 -27.40 -8.82 -10.02
CA PRO A 147 -27.04 -10.09 -10.66
C PRO A 147 -27.91 -10.45 -11.85
N ARG A 148 -29.20 -10.13 -11.80
CA ARG A 148 -30.10 -10.48 -12.90
C ARG A 148 -29.65 -9.85 -14.21
N THR A 149 -28.94 -8.74 -14.15
CA THR A 149 -28.36 -8.09 -15.30
C THR A 149 -26.88 -8.40 -15.47
N SER A 150 -26.13 -8.43 -14.35
CA SER A 150 -24.68 -8.61 -14.42
C SER A 150 -24.30 -9.90 -15.14
N SER A 151 -25.17 -10.92 -15.08
CA SER A 151 -24.99 -12.08 -15.94
C SER A 151 -25.16 -11.71 -17.41
N LYS A 152 -26.20 -10.92 -17.72
CA LYS A 152 -26.43 -10.51 -19.10
C LYS A 152 -25.26 -9.69 -19.62
N LEU A 153 -24.74 -8.78 -18.79
CA LEU A 153 -23.60 -7.98 -19.20
C LEU A 153 -22.38 -8.85 -19.43
N GLU A 154 -22.05 -9.68 -18.43
CA GLU A 154 -20.89 -10.55 -18.55
C GLU A 154 -21.05 -11.56 -19.69
N HIS A 155 -22.29 -11.85 -20.08
CA HIS A 155 -22.52 -12.69 -21.26
C HIS A 155 -22.35 -11.88 -22.54
N PHE A 156 -22.95 -10.70 -22.58
CA PHE A 156 -22.90 -9.85 -23.78
C PHE A 156 -21.46 -9.53 -24.14
N VAL A 157 -20.64 -9.18 -23.15
CA VAL A 157 -19.24 -8.90 -23.41
C VAL A 157 -18.50 -10.16 -23.86
N SER A 158 -18.77 -11.29 -23.20
CA SER A 158 -17.97 -12.49 -23.41
C SER A 158 -18.07 -12.98 -24.85
N ILE A 159 -19.27 -12.91 -25.42
CA ILE A 159 -19.47 -13.32 -26.81
C ILE A 159 -18.83 -12.33 -27.77
N LEU A 160 -18.81 -11.05 -27.41
CA LEU A 160 -18.42 -10.03 -28.37
C LEU A 160 -16.91 -10.01 -28.59
N LEU A 161 -16.15 -10.34 -27.56
CA LEU A 161 -14.71 -10.50 -27.74
C LEU A 161 -14.41 -11.58 -28.76
N LYS A 162 -15.00 -12.77 -28.56
CA LYS A 162 -14.82 -13.87 -29.49
C LYS A 162 -15.27 -13.50 -30.89
N CYS A 163 -16.42 -12.86 -31.01
CA CYS A 163 -16.88 -12.37 -32.31
C CYS A 163 -15.91 -11.34 -32.87
N PHE A 164 -15.41 -10.46 -32.01
CA PHE A 164 -14.38 -9.53 -32.45
C PHE A 164 -13.10 -10.25 -32.84
N ASP A 165 -12.78 -11.38 -32.17
CA ASP A 165 -11.52 -12.06 -32.39
C ASP A 165 -11.62 -13.18 -33.41
N SER A 166 -12.80 -13.46 -33.94
CA SER A 166 -13.00 -14.59 -34.83
C SER A 166 -12.16 -14.41 -36.10
N PRO A 167 -11.37 -15.41 -36.51
CA PRO A 167 -10.72 -15.30 -37.82
C PRO A 167 -11.70 -15.33 -38.98
N TRP A 168 -12.81 -16.06 -38.85
CA TRP A 168 -13.65 -16.33 -40.02
C TRP A 168 -14.36 -15.06 -40.49
N THR A 169 -14.75 -14.20 -39.56
CA THR A 169 -15.36 -12.93 -39.95
C THR A 169 -14.44 -12.12 -40.85
N THR A 170 -13.13 -12.26 -40.68
CA THR A 170 -12.17 -11.57 -41.53
C THR A 170 -12.39 -11.93 -42.99
N ARG A 171 -12.72 -13.19 -43.25
CA ARG A 171 -13.11 -13.61 -44.59
C ARG A 171 -14.51 -13.10 -44.92
N ALA A 172 -15.47 -13.37 -44.04
CA ALA A 172 -16.86 -13.09 -44.33
C ALA A 172 -17.14 -11.58 -44.39
N LEU A 173 -16.34 -10.76 -43.71
CA LEU A 173 -16.54 -9.33 -43.74
C LEU A 173 -16.27 -8.73 -45.12
N SER A 174 -15.51 -9.44 -45.97
CA SER A 174 -15.25 -8.98 -47.32
C SER A 174 -16.45 -9.26 -48.22
N ASP A 233 -9.08 -23.42 -41.20
CA ASP A 233 -10.25 -23.01 -41.95
C ASP A 233 -11.48 -23.79 -41.49
N LYS A 234 -11.44 -25.12 -41.63
CA LYS A 234 -12.58 -25.95 -41.24
C LYS A 234 -12.72 -26.01 -39.73
N LYS A 235 -11.60 -26.18 -39.01
CA LYS A 235 -11.63 -26.12 -37.55
C LYS A 235 -12.23 -24.81 -37.08
N GLU A 236 -11.83 -23.72 -37.75
CA GLU A 236 -12.38 -22.40 -37.46
C GLU A 236 -13.88 -22.38 -37.74
N GLY A 237 -14.32 -23.16 -38.73
CA GLY A 237 -15.74 -23.25 -39.04
C GLY A 237 -16.54 -23.91 -37.94
N GLU A 238 -15.98 -24.94 -37.31
CA GLU A 238 -16.65 -25.54 -36.16
C GLU A 238 -16.74 -24.54 -35.03
N GLN A 239 -15.64 -23.85 -34.76
CA GLN A 239 -15.65 -22.77 -33.77
C GLN A 239 -16.64 -21.69 -34.15
N ALA A 240 -16.65 -21.32 -35.43
CA ALA A 240 -17.55 -20.27 -35.90
C ALA A 240 -19.00 -20.68 -35.72
N LYS A 241 -19.38 -21.85 -36.26
CA LYS A 241 -20.76 -22.30 -36.14
C LYS A 241 -21.14 -22.56 -34.69
N ALA A 242 -20.19 -23.02 -33.88
CA ALA A 242 -20.44 -23.17 -32.45
C ALA A 242 -20.91 -21.86 -31.85
N LEU A 243 -20.38 -20.74 -32.35
CA LEU A 243 -20.75 -19.43 -31.86
C LEU A 243 -22.07 -18.95 -32.47
N PHE A 244 -22.37 -19.38 -33.69
CA PHE A 244 -23.66 -19.04 -34.30
C PHE A 244 -24.83 -19.52 -33.46
N GLU A 245 -24.66 -20.65 -32.77
CA GLU A 245 -25.76 -21.25 -32.03
C GLU A 245 -26.05 -20.49 -30.75
N LYS A 246 -25.04 -20.39 -29.88
CA LYS A 246 -25.20 -19.63 -28.64
C LYS A 246 -25.61 -18.20 -28.91
N VAL A 247 -25.16 -17.62 -30.02
CA VAL A 247 -25.64 -16.31 -30.44
C VAL A 247 -27.15 -16.36 -30.64
N LYS A 248 -27.63 -17.39 -31.32
CA LYS A 248 -29.07 -17.53 -31.54
C LYS A 248 -29.79 -17.73 -30.22
N LYS A 249 -29.21 -18.52 -29.31
CA LYS A 249 -29.81 -18.70 -28.00
C LYS A 249 -29.72 -17.44 -27.16
N PHE A 250 -28.55 -16.80 -27.16
CA PHE A 250 -28.41 -15.50 -26.52
C PHE A 250 -29.40 -14.49 -27.10
N ARG A 251 -29.54 -14.46 -28.43
CA ARG A 251 -30.51 -13.58 -29.07
C ARG A 251 -31.92 -13.80 -28.52
N THR A 252 -32.27 -15.03 -28.21
CA THR A 252 -33.58 -15.34 -27.66
C THR A 252 -33.61 -15.22 -26.14
N HIS A 253 -32.51 -15.55 -25.47
CA HIS A 253 -32.50 -15.58 -24.02
C HIS A 253 -32.67 -14.20 -23.42
N VAL A 254 -31.95 -13.20 -23.94
CA VAL A 254 -31.92 -11.89 -23.32
C VAL A 254 -32.89 -10.89 -23.95
N GLU A 255 -33.29 -11.10 -25.21
CA GLU A 255 -34.20 -10.16 -25.85
C GLU A 255 -35.58 -10.18 -25.19
N GLU A 256 -35.90 -11.24 -24.45
CA GLU A 256 -37.14 -11.30 -23.70
C GLU A 256 -37.26 -10.17 -22.69
N GLY A 257 -36.32 -10.10 -21.75
CA GLY A 257 -36.41 -9.13 -20.68
C GLY A 257 -36.28 -7.70 -21.18
N ASP A 258 -36.54 -6.77 -20.26
CA ASP A 258 -36.30 -5.34 -20.49
C ASP A 258 -35.77 -4.65 -19.24
N ILE A 259 -35.25 -5.43 -18.28
CA ILE A 259 -34.83 -4.87 -17.00
C ILE A 259 -33.58 -4.00 -17.12
N VAL A 260 -32.67 -4.33 -18.04
CA VAL A 260 -31.39 -3.62 -18.12
C VAL A 260 -31.63 -2.18 -18.52
N TYR A 261 -32.39 -1.97 -19.59
CA TYR A 261 -32.75 -0.62 -20.01
C TYR A 261 -33.52 0.11 -18.91
N ARG A 262 -34.34 -0.62 -18.16
CA ARG A 262 -35.09 -0.02 -17.07
C ARG A 262 -34.15 0.47 -15.96
N LEU A 263 -33.15 -0.33 -15.61
CA LEU A 263 -32.22 0.06 -14.56
C LEU A 263 -31.43 1.30 -14.96
N TYR A 264 -30.78 1.26 -16.11
CA TYR A 264 -30.01 2.40 -16.60
C TYR A 264 -30.87 3.66 -16.66
N MET A 265 -32.12 3.49 -17.08
CA MET A 265 -33.08 4.59 -17.01
C MET A 265 -33.36 4.99 -15.57
N ARG A 266 -33.70 4.00 -14.73
CA ARG A 266 -34.03 4.28 -13.33
C ARG A 266 -32.82 4.84 -12.59
N GLN A 267 -31.63 4.57 -13.12
CA GLN A 267 -30.39 4.98 -12.48
C GLN A 267 -30.10 6.46 -12.72
N THR A 268 -30.00 6.85 -13.98
CA THR A 268 -29.63 8.23 -14.30
C THR A 268 -30.73 9.20 -13.91
N ILE A 269 -31.99 8.78 -14.01
CA ILE A 269 -33.11 9.66 -13.70
C ILE A 269 -33.08 10.14 -12.26
N ILE A 270 -32.69 9.27 -11.31
CA ILE A 270 -32.62 9.70 -9.92
C ILE A 270 -31.40 10.57 -9.66
N LYS A 271 -30.29 10.29 -10.33
CA LYS A 271 -29.10 11.11 -10.17
C LYS A 271 -29.34 12.52 -10.70
N VAL A 272 -30.08 12.64 -11.79
CA VAL A 272 -30.50 13.95 -12.27
C VAL A 272 -31.41 14.61 -11.26
N ILE A 273 -32.41 13.87 -10.78
CA ILE A 273 -33.30 14.35 -9.73
C ILE A 273 -32.50 14.73 -8.50
N LYS A 274 -31.51 13.90 -8.15
CA LYS A 274 -30.66 14.17 -7.00
C LYS A 274 -29.90 15.47 -7.17
N PHE A 275 -29.38 15.72 -8.36
CA PHE A 275 -28.59 16.92 -8.62
C PHE A 275 -29.42 18.19 -8.38
N ALA A 276 -30.70 18.15 -8.74
CA ALA A 276 -31.54 19.34 -8.63
C ALA A 276 -31.70 19.78 -7.18
N LEU A 277 -31.76 18.81 -6.26
CA LEU A 277 -31.98 19.13 -4.85
C LEU A 277 -30.73 19.72 -4.21
N ILE A 278 -29.56 19.23 -4.61
CA ILE A 278 -28.31 19.72 -4.04
C ILE A 278 -28.17 21.21 -4.30
N ILE A 279 -28.57 21.66 -5.48
CA ILE A 279 -28.53 23.07 -5.81
C ILE A 279 -29.65 23.83 -5.12
N CYS A 280 -30.76 23.15 -4.78
CA CYS A 280 -31.90 23.84 -4.20
C CYS A 280 -31.59 24.36 -2.81
N TYR A 281 -30.93 23.55 -1.98
CA TYR A 281 -30.69 23.90 -0.59
C TYR A 281 -29.29 24.44 -0.35
N THR A 282 -28.29 23.96 -1.09
CA THR A 282 -26.91 24.27 -0.78
C THR A 282 -26.63 25.75 -1.00
N VAL A 283 -27.09 26.29 -2.12
CA VAL A 283 -27.01 27.72 -2.35
C VAL A 283 -27.89 28.48 -1.34
N TYR A 284 -28.97 27.84 -0.88
CA TYR A 284 -29.89 28.48 0.03
C TYR A 284 -29.31 28.66 1.43
N TYR A 285 -28.17 28.04 1.72
CA TYR A 285 -27.52 28.15 3.03
C TYR A 285 -26.03 28.45 2.95
N VAL A 286 -25.45 28.57 1.76
CA VAL A 286 -24.04 28.93 1.66
C VAL A 286 -23.82 30.34 2.19
N HIS A 287 -24.80 31.21 2.05
CA HIS A 287 -24.74 32.53 2.67
C HIS A 287 -24.65 32.44 4.19
N ASN A 288 -25.15 31.35 4.78
CA ASN A 288 -25.27 31.27 6.22
C ASN A 288 -23.92 31.26 6.90
N ILE A 289 -22.91 30.65 6.29
CA ILE A 289 -21.59 30.57 6.92
C ILE A 289 -20.88 31.90 6.77
N LYS A 290 -20.09 32.26 7.77
CA LYS A 290 -19.38 33.54 7.76
C LYS A 290 -18.44 33.60 8.94
N PHE A 291 -17.36 34.36 8.76
CA PHE A 291 -16.31 34.46 9.75
C PHE A 291 -16.85 35.04 11.05
N ASP A 292 -17.30 36.28 11.01
CA ASP A 292 -17.73 36.98 12.22
C ASP A 292 -19.15 36.58 12.60
N VAL A 293 -19.33 36.19 13.85
CA VAL A 293 -20.63 35.81 14.38
C VAL A 293 -20.73 36.28 15.83
N ASP A 294 -21.97 36.52 16.26
CA ASP A 294 -22.27 36.92 17.62
C ASP A 294 -23.31 35.97 18.19
N CYS A 295 -23.11 35.58 19.45
CA CYS A 295 -23.97 34.63 20.13
C CYS A 295 -24.48 35.25 21.41
N THR A 296 -25.77 35.05 21.70
CA THR A 296 -26.39 35.42 22.96
C THR A 296 -26.97 34.13 23.53
N VAL A 297 -26.37 33.65 24.62
CA VAL A 297 -26.53 32.26 25.03
C VAL A 297 -27.05 32.10 26.45
N ASP A 298 -27.16 33.19 27.21
CA ASP A 298 -27.75 33.16 28.55
C ASP A 298 -26.96 32.23 29.49
N ILE A 299 -25.70 32.61 29.71
CA ILE A 299 -24.93 32.05 30.81
C ILE A 299 -24.19 33.17 31.51
N GLU A 300 -24.78 33.66 32.58
CA GLU A 300 -24.22 34.74 33.38
C GLU A 300 -23.98 34.33 34.82
N SER A 301 -24.61 33.24 35.28
CA SER A 301 -24.25 32.64 36.55
C SER A 301 -22.86 32.03 36.52
N LEU A 302 -22.30 31.79 35.34
CA LEU A 302 -21.06 31.05 35.17
C LEU A 302 -19.91 31.93 34.72
N THR A 303 -20.19 32.89 33.84
CA THR A 303 -19.21 33.86 33.37
C THR A 303 -19.47 35.25 33.93
N GLY A 304 -20.73 35.68 33.90
CA GLY A 304 -21.11 37.04 34.22
C GLY A 304 -21.41 37.90 33.02
N TYR A 305 -21.23 37.38 31.80
CA TYR A 305 -21.60 38.05 30.57
C TYR A 305 -22.66 37.25 29.86
N ARG A 306 -23.44 37.94 29.02
CA ARG A 306 -24.55 37.31 28.29
C ARG A 306 -24.18 37.08 26.83
N THR A 307 -23.80 38.14 26.15
CA THR A 307 -23.57 38.11 24.71
C THR A 307 -22.08 38.07 24.42
N TYR A 308 -21.70 37.33 23.39
CA TYR A 308 -20.31 37.16 23.02
C TYR A 308 -20.19 37.17 21.50
N ARG A 309 -19.13 37.80 21.04
CA ARG A 309 -18.78 37.83 19.62
C ARG A 309 -17.71 36.79 19.37
N CYS A 310 -18.00 35.86 18.46
CA CYS A 310 -17.06 34.84 18.06
C CYS A 310 -16.58 35.07 16.64
N ALA A 311 -15.71 34.17 16.19
CA ALA A 311 -15.09 34.29 14.87
C ALA A 311 -14.76 32.89 14.40
N HIS A 312 -15.39 32.47 13.30
CA HIS A 312 -15.13 31.15 12.73
C HIS A 312 -14.00 31.28 11.72
N PRO A 313 -12.81 30.73 11.98
CA PRO A 313 -11.70 30.97 11.03
C PRO A 313 -11.88 30.24 9.72
N LEU A 314 -12.64 29.14 9.70
CA LEU A 314 -12.77 28.30 8.52
C LEU A 314 -13.99 28.64 7.66
N ALA A 315 -14.77 29.65 8.04
CA ALA A 315 -15.95 30.00 7.27
C ALA A 315 -15.59 30.38 5.84
N THR A 316 -14.41 30.97 5.63
CA THR A 316 -14.00 31.36 4.30
C THR A 316 -13.73 30.12 3.45
N LEU A 317 -12.82 29.27 3.90
CA LEU A 317 -12.40 28.10 3.12
C LEU A 317 -13.58 27.21 2.78
N PHE A 318 -14.46 26.95 3.76
CA PHE A 318 -15.65 26.15 3.48
C PHE A 318 -16.54 26.82 2.45
N LYS A 319 -16.57 28.15 2.44
CA LYS A 319 -17.27 28.85 1.38
C LYS A 319 -16.63 28.59 0.02
N ILE A 320 -15.31 28.45 -0.02
CA ILE A 320 -14.63 28.19 -1.28
C ILE A 320 -14.98 26.80 -1.78
N LEU A 321 -14.90 25.81 -0.91
CA LEU A 321 -15.22 24.45 -1.31
C LEU A 321 -16.65 24.33 -1.79
N ALA A 322 -17.57 25.03 -1.15
CA ALA A 322 -18.97 24.98 -1.56
C ALA A 322 -19.15 25.57 -2.94
N SER A 323 -18.65 26.79 -3.15
CA SER A 323 -18.73 27.41 -4.47
C SER A 323 -17.97 26.58 -5.50
N PHE A 324 -16.87 25.97 -5.09
CA PHE A 324 -16.12 25.08 -5.97
C PHE A 324 -16.91 23.79 -6.21
N TYR A 325 -17.43 23.20 -5.14
CA TYR A 325 -18.20 21.97 -5.25
C TYR A 325 -19.44 22.16 -6.11
N ILE A 326 -20.18 23.25 -5.86
CA ILE A 326 -21.39 23.54 -6.61
C ILE A 326 -21.07 23.69 -8.08
N SER A 327 -20.01 24.45 -8.40
CA SER A 327 -19.57 24.57 -9.78
C SER A 327 -19.19 23.21 -10.35
N LEU A 328 -18.58 22.37 -9.52
CA LEU A 328 -18.26 21.01 -9.94
C LEU A 328 -19.52 20.24 -10.30
N VAL A 329 -20.49 20.24 -9.40
CA VAL A 329 -21.67 19.40 -9.54
C VAL A 329 -22.57 19.93 -10.64
N ILE A 330 -22.49 21.22 -10.95
CA ILE A 330 -23.20 21.74 -12.10
C ILE A 330 -22.74 21.04 -13.37
N PHE A 331 -21.43 20.92 -13.55
CA PHE A 331 -20.89 20.19 -14.69
C PHE A 331 -21.31 18.72 -14.64
N TYR A 332 -21.38 18.15 -13.44
CA TYR A 332 -21.96 16.82 -13.28
C TYR A 332 -23.40 16.80 -13.76
N GLY A 333 -24.20 17.75 -13.32
CA GLY A 333 -25.62 17.72 -13.62
C GLY A 333 -25.94 17.83 -15.09
N LEU A 334 -25.06 18.47 -15.87
CA LEU A 334 -25.28 18.59 -17.30
C LEU A 334 -24.96 17.29 -18.02
N ILE A 335 -23.93 16.58 -17.56
CA ILE A 335 -23.56 15.30 -18.15
C ILE A 335 -24.74 14.34 -18.11
N CYS A 336 -25.26 14.12 -16.90
CA CYS A 336 -26.39 13.21 -16.73
C CYS A 336 -27.65 13.70 -17.45
N MET A 337 -27.79 15.02 -17.61
CA MET A 337 -28.91 15.56 -18.37
C MET A 337 -28.80 15.18 -19.84
N TYR A 338 -27.58 15.27 -20.40
CA TYR A 338 -27.40 15.07 -21.82
C TYR A 338 -27.70 13.64 -22.23
N THR A 339 -27.06 12.68 -21.57
CA THR A 339 -27.27 11.27 -21.88
C THR A 339 -28.72 10.87 -21.68
N LEU A 340 -29.44 11.53 -20.77
CA LEU A 340 -30.84 11.21 -20.54
C LEU A 340 -31.67 11.60 -21.75
N TRP A 341 -31.56 12.86 -22.17
CA TRP A 341 -32.18 13.30 -23.43
C TRP A 341 -31.82 12.37 -24.58
N TRP A 342 -30.56 11.97 -24.65
CA TRP A 342 -30.12 11.01 -25.66
C TRP A 342 -30.84 9.67 -25.50
N MET A 343 -31.05 9.24 -24.26
CA MET A 343 -31.82 8.03 -24.01
C MET A 343 -33.28 8.19 -24.38
N LEU A 344 -33.80 9.41 -24.41
CA LEU A 344 -35.21 9.68 -24.71
C LEU A 344 -35.42 9.94 -26.19
N ARG A 345 -34.58 10.81 -26.77
CA ARG A 345 -34.71 11.17 -28.18
C ARG A 345 -34.58 9.94 -29.07
N ARG A 346 -33.66 9.05 -28.73
CA ARG A 346 -33.15 8.07 -29.68
C ARG A 346 -33.96 6.76 -29.70
N SER A 347 -34.80 6.50 -28.68
CA SER A 347 -35.66 5.31 -28.66
C SER A 347 -34.83 4.03 -28.72
N LEU A 348 -34.08 3.80 -27.66
CA LEU A 348 -33.01 2.80 -27.62
C LEU A 348 -33.51 1.37 -27.45
N LYS A 349 -34.82 1.13 -27.29
CA LYS A 349 -35.29 -0.25 -27.19
C LYS A 349 -34.96 -1.04 -28.44
N LYS A 350 -35.01 -0.39 -29.60
CA LYS A 350 -34.73 -1.01 -30.89
C LYS A 350 -33.52 -0.35 -31.52
N TYR A 351 -32.80 -1.11 -32.36
CA TYR A 351 -31.69 -0.59 -33.13
C TYR A 351 -31.94 -0.82 -34.61
N SER A 352 -31.57 0.17 -35.43
CA SER A 352 -31.69 0.07 -36.88
C SER A 352 -30.36 -0.42 -37.45
N PHE A 353 -30.35 -1.66 -37.91
CA PHE A 353 -29.22 -2.22 -38.66
C PHE A 353 -29.16 -1.70 -40.09
N GLU A 354 -30.15 -0.90 -40.52
CA GLU A 354 -30.41 -0.73 -41.96
C GLU A 354 -29.27 0.01 -42.65
N SER A 355 -28.45 0.74 -41.90
CA SER A 355 -27.30 1.42 -42.49
C SER A 355 -26.17 0.43 -42.76
N ILE A 356 -25.91 -0.47 -41.81
CA ILE A 356 -24.82 -1.43 -41.96
C ILE A 356 -25.12 -2.39 -43.11
N ARG A 357 -26.38 -2.78 -43.27
CA ARG A 357 -26.70 -3.84 -44.22
C ARG A 357 -26.50 -3.38 -45.67
N GLU A 358 -26.51 -2.07 -45.89
CA GLU A 358 -26.13 -1.54 -47.20
C GLU A 358 -24.68 -1.88 -47.51
N GLU A 359 -23.77 -1.57 -46.58
CA GLU A 359 -22.35 -1.78 -46.84
C GLU A 359 -22.00 -3.26 -46.90
N SER A 360 -22.45 -4.03 -45.90
CA SER A 360 -22.16 -5.46 -45.91
C SER A 360 -22.85 -6.18 -47.07
N SER A 361 -23.89 -5.58 -47.64
CA SER A 361 -24.62 -6.17 -48.76
C SER A 361 -25.31 -7.47 -48.32
N TYR A 362 -25.83 -7.47 -47.09
CA TYR A 362 -26.55 -8.60 -46.52
C TYR A 362 -28.01 -8.20 -46.34
N SER A 363 -28.88 -8.72 -47.19
CA SER A 363 -30.30 -8.42 -47.08
C SER A 363 -30.98 -9.22 -46.00
N ASP A 364 -30.41 -10.35 -45.58
CA ASP A 364 -30.94 -11.17 -44.50
C ASP A 364 -30.19 -10.82 -43.22
N ILE A 365 -30.72 -9.86 -42.48
CA ILE A 365 -30.20 -9.55 -41.16
C ILE A 365 -31.32 -8.88 -40.35
N PRO A 366 -31.71 -9.41 -39.19
CA PRO A 366 -32.85 -8.85 -38.48
C PRO A 366 -32.46 -7.71 -37.56
N ASP A 367 -33.45 -6.88 -37.23
CA ASP A 367 -33.29 -5.84 -36.22
C ASP A 367 -33.59 -6.41 -34.85
N VAL A 368 -33.28 -5.63 -33.83
CA VAL A 368 -33.53 -5.99 -32.44
C VAL A 368 -34.93 -5.54 -32.05
N LYS A 369 -35.43 -6.07 -30.93
CA LYS A 369 -36.69 -5.63 -30.35
C LYS A 369 -36.51 -4.88 -29.03
N ASN A 370 -35.80 -5.46 -28.06
CA ASN A 370 -35.77 -4.89 -26.72
C ASN A 370 -34.67 -5.49 -25.86
N ASP A 371 -33.93 -4.62 -25.16
CA ASP A 371 -32.92 -4.96 -24.17
C ASP A 371 -31.64 -5.49 -24.78
N PHE A 372 -31.59 -5.72 -26.09
CA PHE A 372 -30.40 -6.18 -26.80
C PHE A 372 -29.91 -5.15 -27.80
N ALA A 373 -30.77 -4.21 -28.21
CA ALA A 373 -30.36 -3.06 -28.99
C ALA A 373 -29.84 -1.94 -28.10
N PHE A 374 -30.36 -1.85 -26.88
CA PHE A 374 -29.88 -0.87 -25.92
C PHE A 374 -28.41 -1.10 -25.60
N MET A 375 -28.07 -2.31 -25.18
CA MET A 375 -26.67 -2.68 -24.99
C MET A 375 -25.89 -2.56 -26.30
N LEU A 376 -26.54 -2.82 -27.43
CA LEU A 376 -25.91 -2.54 -28.72
C LEU A 376 -25.76 -1.04 -28.93
N HIS A 377 -26.79 -0.28 -28.58
CA HIS A 377 -26.73 1.17 -28.71
C HIS A 377 -25.60 1.73 -27.88
N LEU A 378 -25.36 1.13 -26.72
CA LEU A 378 -24.26 1.53 -25.86
C LEU A 378 -22.92 1.33 -26.54
N ILE A 379 -22.60 0.08 -26.88
CA ILE A 379 -21.28 -0.25 -27.40
C ILE A 379 -21.04 0.45 -28.73
N ASP A 380 -22.11 0.74 -29.47
CA ASP A 380 -21.99 1.62 -30.62
C ASP A 380 -21.39 2.96 -30.23
N GLN A 381 -21.73 3.45 -29.03
CA GLN A 381 -21.17 4.71 -28.56
C GLN A 381 -19.68 4.60 -28.35
N TYR A 382 -19.21 3.47 -27.80
CA TYR A 382 -17.77 3.24 -27.72
C TYR A 382 -17.16 3.23 -29.12
N ASP A 383 -17.66 2.37 -30.00
CA ASP A 383 -17.30 2.43 -31.40
C ASP A 383 -18.35 1.65 -32.20
N PRO A 384 -18.52 1.98 -33.49
CA PRO A 384 -19.39 1.15 -34.33
C PRO A 384 -18.74 -0.12 -34.83
N LEU A 385 -17.44 -0.32 -34.58
CA LEU A 385 -16.73 -1.45 -35.14
C LEU A 385 -17.28 -2.77 -34.64
N TYR A 386 -17.36 -2.93 -33.32
CA TYR A 386 -17.80 -4.19 -32.74
C TYR A 386 -19.19 -4.57 -33.22
N SER A 387 -20.07 -3.58 -33.41
CA SER A 387 -21.38 -3.85 -33.98
C SER A 387 -21.26 -4.35 -35.41
N LYS A 388 -20.28 -3.84 -36.15
CA LYS A 388 -20.12 -4.23 -37.55
C LYS A 388 -19.68 -5.69 -37.66
N ARG A 389 -18.68 -6.07 -36.86
CA ARG A 389 -18.24 -7.46 -36.82
C ARG A 389 -19.35 -8.40 -36.37
N PHE A 390 -20.35 -7.88 -35.67
CA PHE A 390 -21.42 -8.70 -35.13
C PHE A 390 -22.54 -8.97 -36.14
N ALA A 391 -22.63 -8.16 -37.21
CA ALA A 391 -23.64 -8.41 -38.23
C ALA A 391 -23.44 -9.78 -38.89
N VAL A 392 -22.20 -10.25 -38.96
CA VAL A 392 -21.94 -11.46 -39.74
C VAL A 392 -22.39 -12.71 -38.99
N PHE A 393 -22.17 -12.76 -37.68
CA PHE A 393 -22.58 -13.93 -36.91
C PHE A 393 -24.09 -13.99 -36.75
N LEU A 394 -24.80 -12.90 -37.01
CA LEU A 394 -26.24 -12.85 -36.89
C LEU A 394 -26.97 -13.24 -38.16
N SER A 395 -26.41 -12.93 -39.33
CA SER A 395 -27.08 -13.21 -40.59
C SER A 395 -27.14 -14.71 -40.83
N GLU A 396 -28.31 -15.19 -41.25
CA GLU A 396 -28.46 -16.62 -41.50
C GLU A 396 -27.73 -17.05 -42.77
N VAL A 397 -27.74 -16.21 -43.79
CA VAL A 397 -26.98 -16.54 -45.00
C VAL A 397 -25.49 -16.57 -44.71
N SER A 398 -25.02 -15.76 -43.77
CA SER A 398 -23.63 -15.86 -43.35
C SER A 398 -23.33 -17.22 -42.74
N GLU A 399 -24.23 -17.71 -41.89
CA GLU A 399 -24.14 -19.11 -41.45
C GLU A 399 -24.24 -20.05 -42.62
N ASN A 400 -25.16 -19.77 -43.54
CA ASN A 400 -25.33 -20.59 -44.74
C ASN A 400 -24.04 -20.62 -45.55
N LYS A 401 -23.38 -19.47 -45.67
CA LYS A 401 -22.08 -19.43 -46.34
C LYS A 401 -21.07 -20.32 -45.62
N LEU A 402 -21.02 -20.22 -44.29
CA LEU A 402 -20.19 -21.13 -43.52
C LEU A 402 -20.66 -22.57 -43.70
N ARG A 403 -21.97 -22.80 -43.61
CA ARG A 403 -22.51 -24.15 -43.68
C ARG A 403 -22.17 -24.82 -45.00
N GLN A 404 -22.18 -24.04 -46.09
CA GLN A 404 -21.74 -24.56 -47.38
C GLN A 404 -20.24 -24.87 -47.36
N LEU A 405 -19.44 -23.94 -46.83
CA LEU A 405 -18.00 -24.17 -46.71
C LEU A 405 -17.68 -25.26 -45.70
N ASN A 406 -18.53 -25.45 -44.70
CA ASN A 406 -18.30 -26.49 -43.71
C ASN A 406 -18.67 -27.85 -44.26
N LEU A 407 -19.79 -27.95 -44.96
CA LEU A 407 -20.14 -29.17 -45.68
C LEU A 407 -19.07 -29.54 -46.70
N ASN A 408 -18.45 -28.55 -47.34
CA ASN A 408 -17.46 -28.77 -48.39
C ASN A 408 -16.10 -29.14 -47.77
N PRO B 15 -11.07 -17.05 -4.76
CA PRO B 15 -11.62 -17.74 -5.94
C PRO B 15 -12.80 -17.00 -6.54
N ALA B 16 -13.59 -17.69 -7.37
CA ALA B 16 -14.74 -17.08 -8.06
C ALA B 16 -16.00 -17.28 -7.23
N TYR B 17 -15.93 -16.79 -5.99
CA TYR B 17 -17.04 -16.86 -5.07
C TYR B 17 -18.02 -15.70 -5.22
N ARG B 18 -17.86 -14.86 -6.25
CA ARG B 18 -18.84 -13.83 -6.52
C ARG B 18 -20.19 -14.45 -6.89
N ILE B 19 -20.16 -15.63 -7.50
CA ILE B 19 -21.39 -16.35 -7.80
C ILE B 19 -22.10 -16.73 -6.51
N LEU B 20 -21.34 -16.94 -5.44
CA LEU B 20 -21.91 -17.57 -4.25
C LEU B 20 -22.71 -16.61 -3.40
N LYS B 21 -22.72 -15.31 -3.75
CA LYS B 21 -23.32 -14.28 -2.92
C LYS B 21 -24.50 -13.66 -3.67
N PRO B 22 -25.75 -13.92 -3.29
CA PRO B 22 -26.86 -13.23 -3.93
C PRO B 22 -26.84 -11.75 -3.58
N TRP B 23 -27.76 -11.01 -4.21
CA TRP B 23 -27.83 -9.56 -3.99
C TRP B 23 -28.06 -9.23 -2.53
N TRP B 24 -28.81 -10.06 -1.81
CA TRP B 24 -28.98 -9.83 -0.38
C TRP B 24 -27.69 -10.05 0.41
N ASP B 25 -26.73 -10.79 -0.15
CA ASP B 25 -25.41 -10.92 0.45
C ASP B 25 -24.44 -9.84 0.01
N VAL B 26 -24.72 -9.17 -1.11
CA VAL B 26 -23.78 -8.21 -1.67
C VAL B 26 -23.98 -6.82 -1.06
N PHE B 27 -25.23 -6.37 -0.94
CA PHE B 27 -25.50 -5.17 -0.17
C PHE B 27 -25.04 -5.38 1.26
N THR B 28 -25.32 -6.57 1.81
CA THR B 28 -24.87 -6.94 3.14
C THR B 28 -23.36 -6.81 3.28
N ASP B 29 -22.63 -7.12 2.21
CA ASP B 29 -21.18 -6.97 2.26
C ASP B 29 -20.78 -5.52 2.45
N TYR B 30 -21.42 -4.61 1.73
CA TYR B 30 -21.02 -3.21 1.73
C TYR B 30 -21.66 -2.42 2.86
N ILE B 31 -22.86 -2.81 3.30
CA ILE B 31 -23.41 -2.24 4.53
C ILE B 31 -22.50 -2.59 5.70
N SER B 32 -21.85 -3.75 5.64
CA SER B 32 -20.87 -4.13 6.64
C SER B 32 -19.49 -3.56 6.36
N ILE B 33 -19.39 -2.52 5.54
CA ILE B 33 -18.15 -1.78 5.31
C ILE B 33 -18.26 -0.35 5.82
N VAL B 34 -19.33 0.35 5.43
CA VAL B 34 -19.51 1.70 5.95
C VAL B 34 -19.84 1.65 7.43
N MET B 35 -20.50 0.58 7.89
CA MET B 35 -20.64 0.34 9.32
C MET B 35 -19.28 0.35 10.00
N LEU B 36 -18.27 -0.24 9.36
CA LEU B 36 -16.91 -0.18 9.88
C LEU B 36 -16.38 1.24 9.83
N MET B 37 -16.63 1.95 8.72
CA MET B 37 -15.97 3.23 8.50
C MET B 37 -16.42 4.27 9.51
N ILE B 38 -17.65 4.19 10.01
CA ILE B 38 -18.08 5.09 11.07
C ILE B 38 -17.58 4.60 12.42
N ALA B 39 -17.48 3.28 12.60
CA ALA B 39 -16.95 2.75 13.85
C ALA B 39 -15.51 3.16 14.06
N VAL B 40 -14.69 3.08 13.01
CA VAL B 40 -13.30 3.51 13.11
C VAL B 40 -13.23 5.03 13.16
N PHE B 41 -14.07 5.72 12.39
CA PHE B 41 -14.02 7.18 12.35
C PHE B 41 -14.46 7.78 13.67
N GLY B 42 -15.39 7.14 14.37
CA GLY B 42 -15.77 7.59 15.69
C GLY B 42 -14.74 7.25 16.75
N GLY B 43 -14.07 6.12 16.61
CA GLY B 43 -13.10 5.68 17.59
C GLY B 43 -11.83 6.51 17.53
N THR B 44 -11.26 6.64 16.33
CA THR B 44 -10.11 7.49 16.13
C THR B 44 -10.39 8.94 16.51
N LEU B 45 -11.64 9.36 16.42
CA LEU B 45 -12.05 10.66 16.93
C LEU B 45 -12.13 10.65 18.46
N GLN B 46 -12.71 9.59 19.02
CA GLN B 46 -12.86 9.48 20.47
C GLN B 46 -11.51 9.52 21.16
N VAL B 47 -10.60 8.63 20.78
CA VAL B 47 -9.25 8.62 21.35
C VAL B 47 -8.54 9.95 21.20
N THR B 48 -8.90 10.75 20.19
CA THR B 48 -8.18 11.98 19.93
C THR B 48 -8.38 12.98 21.07
N GLN B 49 -9.63 13.41 21.32
CA GLN B 49 -9.93 14.22 22.50
C GLN B 49 -10.90 13.54 23.47
N ASP B 50 -12.13 13.22 23.05
CA ASP B 50 -13.24 12.81 23.93
C ASP B 50 -13.17 13.48 25.31
N LYS B 51 -13.19 14.81 25.29
CA LYS B 51 -12.93 15.60 26.49
C LYS B 51 -14.15 16.42 26.86
N MET B 52 -14.09 17.02 28.05
CA MET B 52 -15.17 17.82 28.60
C MET B 52 -14.59 19.07 29.23
N ILE B 53 -15.46 20.03 29.53
CA ILE B 53 -15.06 21.31 30.11
C ILE B 53 -15.96 21.53 31.32
N CYS B 54 -15.49 21.08 32.48
CA CYS B 54 -16.28 21.12 33.71
C CYS B 54 -16.01 22.41 34.46
N LEU B 55 -17.10 23.13 34.78
CA LEU B 55 -17.05 24.38 35.50
C LEU B 55 -17.89 24.27 36.77
N PRO B 56 -17.48 24.91 37.87
CA PRO B 56 -18.25 24.79 39.11
C PRO B 56 -19.54 25.59 39.05
N CYS B 57 -20.26 25.60 40.16
CA CYS B 57 -21.46 26.43 40.31
C CYS B 57 -21.49 26.92 41.75
N LYS B 58 -21.41 28.24 41.91
CA LYS B 58 -21.27 28.81 43.24
C LYS B 58 -22.55 28.66 44.05
N TRP B 59 -23.63 29.27 43.56
CA TRP B 59 -24.93 29.14 44.20
C TRP B 59 -25.56 27.84 43.71
N VAL B 60 -25.52 26.81 44.54
CA VAL B 60 -26.10 25.52 44.22
C VAL B 60 -27.37 25.35 45.04
N THR B 61 -28.36 24.75 44.42
CA THR B 61 -29.58 24.32 45.07
C THR B 61 -29.87 22.92 44.56
N LYS B 62 -30.36 22.04 45.43
CA LYS B 62 -30.69 20.66 45.06
C LYS B 62 -29.44 19.88 44.63
N ASP B 63 -28.24 20.37 44.95
CA ASP B 63 -27.01 19.92 44.30
C ASP B 63 -27.12 20.15 42.79
N SER B 64 -27.70 21.29 42.42
CA SER B 64 -27.83 21.73 41.04
C SER B 64 -27.50 23.20 40.98
N CYS B 65 -27.03 23.65 39.83
CA CYS B 65 -26.67 25.06 39.66
C CYS B 65 -27.91 25.93 39.85
N ASN B 66 -27.95 26.67 40.96
CA ASN B 66 -29.11 27.48 41.28
C ASN B 66 -29.35 28.58 40.26
N ASP B 67 -28.31 28.97 39.51
CA ASP B 67 -28.43 29.99 38.47
C ASP B 67 -28.86 31.33 39.07
N SER B 68 -28.33 31.63 40.25
CA SER B 68 -28.68 32.86 40.96
C SER B 68 -27.68 33.96 40.66
N THR B 92 -20.04 48.99 37.34
CA THR B 92 -21.30 49.06 36.61
C THR B 92 -21.41 47.92 35.60
N GLY B 93 -20.58 47.97 34.56
CA GLY B 93 -20.60 46.98 33.52
C GLY B 93 -20.28 45.59 34.05
N PRO B 94 -20.51 44.57 33.23
CA PRO B 94 -20.29 43.21 33.69
C PRO B 94 -18.81 42.86 33.71
N THR B 95 -18.48 41.86 34.51
CA THR B 95 -17.09 41.46 34.71
C THR B 95 -17.02 39.94 34.86
N GLY B 96 -15.80 39.43 34.69
CA GLY B 96 -15.61 38.00 34.78
C GLY B 96 -15.71 37.48 36.20
N ILE B 97 -16.25 36.29 36.31
CA ILE B 97 -16.30 35.58 37.58
C ILE B 97 -14.98 34.86 37.75
N LYS B 98 -14.57 34.68 38.99
CA LYS B 98 -13.33 33.99 39.33
C LYS B 98 -13.62 32.89 40.33
N TYR B 99 -13.20 31.68 40.01
CA TYR B 99 -13.20 30.57 40.94
C TYR B 99 -11.83 30.33 41.56
N ASP B 100 -10.79 31.04 41.10
CA ASP B 100 -9.45 30.97 41.69
C ASP B 100 -8.87 29.56 41.58
N LEU B 101 -8.73 29.11 40.33
CA LEU B 101 -8.28 27.74 40.06
C LEU B 101 -7.29 27.72 38.90
N ASP B 102 -6.31 26.83 39.02
CA ASP B 102 -5.27 26.64 38.02
C ASP B 102 -5.66 25.55 37.02
N ARG B 103 -4.77 25.32 36.06
CA ARG B 103 -5.11 24.54 34.88
C ARG B 103 -5.30 23.06 35.21
N HIS B 104 -4.47 22.52 36.10
CA HIS B 104 -4.45 21.07 36.28
C HIS B 104 -5.67 20.57 37.02
N GLN B 105 -6.01 21.20 38.14
CA GLN B 105 -7.21 20.80 38.84
C GLN B 105 -8.45 21.06 38.01
N TYR B 106 -8.37 22.04 37.09
CA TYR B 106 -9.38 22.14 36.04
C TYR B 106 -9.35 20.93 35.13
N ASN B 107 -8.14 20.41 34.84
CA ASN B 107 -8.04 19.18 34.06
C ASN B 107 -8.45 17.98 34.89
N TYR B 108 -8.13 18.00 36.18
CA TYR B 108 -8.45 16.91 37.08
C TYR B 108 -9.96 16.69 37.13
N VAL B 109 -10.69 17.77 37.43
CA VAL B 109 -12.13 17.69 37.57
C VAL B 109 -12.78 17.22 36.29
N ASP B 110 -12.21 17.59 35.14
CA ASP B 110 -12.76 17.14 33.86
C ASP B 110 -12.68 15.63 33.73
N ALA B 111 -11.61 15.03 34.26
CA ALA B 111 -11.47 13.59 34.19
C ALA B 111 -12.54 12.89 35.01
N VAL B 112 -12.79 13.38 36.22
CA VAL B 112 -13.65 12.68 37.16
C VAL B 112 -15.09 12.69 36.68
N CYS B 113 -15.60 13.88 36.38
CA CYS B 113 -16.94 14.00 35.83
C CYS B 113 -17.06 13.22 34.52
N TYR B 114 -15.99 13.19 33.73
CA TYR B 114 -15.94 12.29 32.58
C TYR B 114 -15.89 10.85 33.00
N GLU B 115 -15.11 10.55 34.05
CA GLU B 115 -14.90 9.16 34.46
C GLU B 115 -16.20 8.53 34.95
N ASN B 116 -16.93 9.25 35.80
CA ASN B 116 -17.98 8.65 36.62
C ASN B 116 -19.37 9.15 36.26
N ARG B 117 -19.53 10.45 36.05
CA ARG B 117 -20.81 11.03 35.72
C ARG B 117 -21.05 11.13 34.22
N LEU B 118 -20.43 10.24 33.44
CA LEU B 118 -20.71 10.08 32.03
C LEU B 118 -21.06 8.63 31.74
N HIS B 119 -21.95 8.44 30.77
CA HIS B 119 -22.43 7.12 30.42
C HIS B 119 -21.36 6.35 29.67
N TRP B 120 -21.21 5.07 30.03
CA TRP B 120 -20.33 4.18 29.25
C TRP B 120 -20.70 4.17 27.78
N PHE B 121 -21.99 4.32 27.48
CA PHE B 121 -22.44 4.24 26.10
C PHE B 121 -21.90 5.40 25.27
N ALA B 122 -21.81 6.59 25.88
CA ALA B 122 -21.30 7.74 25.16
C ALA B 122 -19.81 7.58 24.83
N LYS B 123 -19.09 6.84 25.67
CA LYS B 123 -17.63 6.77 25.55
C LYS B 123 -17.19 5.62 24.67
N TYR B 124 -17.88 4.48 24.74
CA TYR B 124 -17.47 3.26 24.06
C TYR B 124 -18.33 2.98 22.83
N PHE B 125 -19.09 3.96 22.34
CA PHE B 125 -19.92 3.77 21.17
C PHE B 125 -19.15 3.32 19.94
N PRO B 126 -18.07 3.99 19.52
CA PRO B 126 -17.39 3.55 18.30
C PRO B 126 -16.73 2.19 18.45
N TYR B 127 -16.25 1.88 19.65
CA TYR B 127 -15.64 0.59 19.93
C TYR B 127 -16.66 -0.54 20.00
N LEU B 128 -17.95 -0.21 20.04
CA LEU B 128 -19.01 -1.19 20.21
C LEU B 128 -19.55 -1.68 18.88
N VAL B 129 -19.90 -0.75 17.99
CA VAL B 129 -20.44 -1.16 16.70
C VAL B 129 -19.36 -1.81 15.86
N LEU B 130 -18.10 -1.41 16.04
CA LEU B 130 -16.99 -2.09 15.41
C LEU B 130 -17.00 -3.57 15.75
N LEU B 131 -17.12 -3.87 17.04
CA LEU B 131 -17.27 -5.25 17.48
C LEU B 131 -18.40 -5.93 16.73
N HIS B 132 -19.57 -5.28 16.71
CA HIS B 132 -20.71 -5.84 15.99
C HIS B 132 -20.43 -5.93 14.49
N THR B 133 -19.68 -4.98 13.96
CA THR B 133 -19.36 -5.00 12.52
C THR B 133 -18.54 -6.22 12.17
N LEU B 134 -17.68 -6.67 13.08
CA LEU B 134 -16.85 -7.84 12.80
C LEU B 134 -17.65 -9.13 12.82
N ILE B 135 -18.66 -9.22 13.66
CA ILE B 135 -19.45 -10.44 13.77
C ILE B 135 -20.17 -10.71 12.47
N PHE B 136 -20.81 -9.68 11.92
CA PHE B 136 -21.54 -9.83 10.66
C PHE B 136 -20.61 -10.24 9.53
N LEU B 137 -19.33 -9.87 9.60
CA LEU B 137 -18.35 -10.40 8.67
C LEU B 137 -17.99 -11.84 9.01
N ALA B 138 -17.72 -12.12 10.29
CA ALA B 138 -17.37 -13.47 10.69
C ALA B 138 -18.54 -14.42 10.46
N CYS B 139 -19.75 -13.93 10.62
CA CYS B 139 -20.94 -14.69 10.32
C CYS B 139 -21.32 -14.67 8.85
N SER B 140 -20.37 -14.38 7.96
CA SER B 140 -20.49 -14.76 6.55
C SER B 140 -19.35 -15.63 6.08
N ASN B 141 -18.10 -15.25 6.37
CA ASN B 141 -16.97 -16.00 5.87
C ASN B 141 -16.74 -17.32 6.59
N PHE B 142 -17.31 -17.48 7.79
CA PHE B 142 -17.29 -18.78 8.46
C PHE B 142 -17.82 -19.88 7.55
N TRP B 143 -18.91 -19.59 6.83
CA TRP B 143 -19.45 -20.50 5.84
C TRP B 143 -18.40 -20.89 4.81
N PHE B 144 -17.81 -19.90 4.13
CA PHE B 144 -16.76 -20.15 3.15
C PHE B 144 -15.53 -20.79 3.76
N LYS B 145 -15.24 -20.52 5.03
CA LYS B 145 -13.97 -20.90 5.63
C LYS B 145 -14.04 -22.20 6.40
N PHE B 146 -15.22 -22.67 6.76
CA PHE B 146 -15.32 -23.93 7.49
C PHE B 146 -14.93 -25.07 6.56
N PRO B 147 -13.98 -25.95 6.96
CA PRO B 147 -13.38 -26.84 5.96
C PRO B 147 -14.29 -27.95 5.51
N ARG B 148 -15.11 -28.51 6.42
CA ARG B 148 -15.99 -29.62 6.04
C ARG B 148 -16.94 -29.23 4.94
N THR B 149 -17.26 -27.95 4.81
CA THR B 149 -18.07 -27.41 3.72
C THR B 149 -17.23 -26.78 2.63
N SER B 150 -16.19 -26.04 3.00
CA SER B 150 -15.39 -25.29 2.02
C SER B 150 -14.82 -26.21 0.95
N SER B 151 -14.57 -27.48 1.28
CA SER B 151 -14.25 -28.46 0.25
C SER B 151 -15.46 -28.69 -0.67
N LYS B 152 -16.65 -28.83 -0.08
CA LYS B 152 -17.85 -29.04 -0.89
C LYS B 152 -18.10 -27.85 -1.81
N LEU B 153 -17.92 -26.63 -1.28
CA LEU B 153 -18.11 -25.45 -2.10
C LEU B 153 -17.09 -25.40 -3.21
N GLU B 154 -15.81 -25.55 -2.87
CA GLU B 154 -14.75 -25.50 -3.86
C GLU B 154 -14.88 -26.65 -4.87
N HIS B 155 -15.54 -27.73 -4.48
CA HIS B 155 -15.83 -28.81 -5.43
C HIS B 155 -17.02 -28.46 -6.31
N PHE B 156 -18.10 -27.96 -5.69
CA PHE B 156 -19.31 -27.63 -6.43
C PHE B 156 -19.02 -26.59 -7.51
N VAL B 157 -18.23 -25.58 -7.18
CA VAL B 157 -17.88 -24.56 -8.16
C VAL B 157 -16.98 -25.16 -9.24
N SER B 158 -16.02 -25.99 -8.86
CA SER B 158 -14.98 -26.44 -9.78
C SER B 158 -15.59 -27.25 -10.93
N ILE B 159 -16.57 -28.09 -10.61
CA ILE B 159 -17.22 -28.89 -11.64
C ILE B 159 -18.11 -28.03 -12.52
N LEU B 160 -18.69 -26.97 -11.96
CA LEU B 160 -19.72 -26.23 -12.68
C LEU B 160 -19.12 -25.35 -13.76
N LEU B 161 -17.91 -24.83 -13.53
CA LEU B 161 -17.21 -24.11 -14.58
C LEU B 161 -16.98 -25.00 -15.79
N LYS B 162 -16.42 -26.19 -15.56
CA LYS B 162 -16.18 -27.15 -16.63
C LYS B 162 -17.47 -27.52 -17.33
N CYS B 163 -18.53 -27.79 -16.56
CA CYS B 163 -19.82 -28.07 -17.16
C CYS B 163 -20.34 -26.86 -17.92
N PHE B 164 -20.14 -25.66 -17.37
CA PHE B 164 -20.47 -24.45 -18.12
C PHE B 164 -19.61 -24.31 -19.36
N ASP B 165 -18.35 -24.76 -19.31
CA ASP B 165 -17.42 -24.54 -20.41
C ASP B 165 -17.37 -25.71 -21.39
N SER B 166 -18.10 -26.79 -21.13
CA SER B 166 -18.01 -27.98 -21.95
C SER B 166 -18.47 -27.68 -23.37
N PRO B 167 -17.69 -28.03 -24.40
CA PRO B 167 -18.23 -27.90 -25.77
C PRO B 167 -19.37 -28.85 -26.06
N TRP B 168 -19.39 -30.04 -25.45
CA TRP B 168 -20.33 -31.06 -25.89
C TRP B 168 -21.76 -30.70 -25.51
N THR B 169 -21.95 -30.05 -24.36
CA THR B 169 -23.29 -29.59 -23.99
C THR B 169 -23.88 -28.67 -25.03
N THR B 170 -23.03 -27.93 -25.74
CA THR B 170 -23.51 -27.04 -26.80
C THR B 170 -24.25 -27.83 -27.87
N ARG B 171 -23.78 -29.04 -28.15
CA ARG B 171 -24.51 -29.95 -29.03
C ARG B 171 -25.73 -30.54 -28.30
N ALA B 172 -25.50 -31.07 -27.11
CA ALA B 172 -26.55 -31.81 -26.41
C ALA B 172 -27.66 -30.90 -25.93
N LEU B 173 -27.37 -29.60 -25.73
CA LEU B 173 -28.41 -28.67 -25.29
C LEU B 173 -29.47 -28.45 -26.36
N SER B 174 -29.15 -28.72 -27.61
CA SER B 174 -30.14 -28.58 -28.69
C SER B 174 -31.08 -29.78 -28.71
N ASP B 233 -14.29 -33.82 -31.23
CA ASP B 233 -15.59 -34.43 -31.00
C ASP B 233 -15.43 -35.64 -30.07
N LYS B 234 -14.65 -36.63 -30.52
CA LYS B 234 -14.46 -37.84 -29.73
C LYS B 234 -13.58 -37.57 -28.51
N LYS B 235 -12.51 -36.80 -28.69
CA LYS B 235 -11.68 -36.39 -27.55
C LYS B 235 -12.52 -35.66 -26.53
N GLU B 236 -13.42 -34.80 -27.01
CA GLU B 236 -14.35 -34.08 -26.16
C GLU B 236 -15.27 -35.07 -25.45
N GLY B 237 -15.59 -36.18 -26.11
CA GLY B 237 -16.42 -37.21 -25.50
C GLY B 237 -15.75 -37.90 -24.32
N GLU B 238 -14.44 -38.14 -24.44
CA GLU B 238 -13.70 -38.70 -23.31
C GLU B 238 -13.71 -37.71 -22.16
N GLN B 239 -13.42 -36.44 -22.46
CA GLN B 239 -13.52 -35.39 -21.45
C GLN B 239 -14.94 -35.31 -20.88
N ALA B 240 -15.93 -35.37 -21.76
CA ALA B 240 -17.32 -35.29 -21.31
C ALA B 240 -17.67 -36.44 -20.39
N LYS B 241 -17.44 -37.68 -20.84
CA LYS B 241 -17.78 -38.83 -20.01
C LYS B 241 -16.94 -38.87 -18.75
N ALA B 242 -15.68 -38.41 -18.83
CA ALA B 242 -14.87 -38.28 -17.62
C ALA B 242 -15.57 -37.44 -16.57
N LEU B 243 -16.31 -36.42 -17.01
CA LEU B 243 -17.02 -35.55 -16.11
C LEU B 243 -18.34 -36.18 -15.64
N PHE B 244 -18.95 -37.00 -16.49
CA PHE B 244 -20.17 -37.71 -16.09
C PHE B 244 -19.94 -38.57 -14.85
N GLU B 245 -18.73 -39.11 -14.70
CA GLU B 245 -18.46 -40.04 -13.61
C GLU B 245 -18.31 -39.31 -12.29
N LYS B 246 -17.37 -38.38 -12.22
CA LYS B 246 -17.18 -37.58 -11.00
C LYS B 246 -18.45 -36.84 -10.61
N VAL B 247 -19.25 -36.44 -11.61
CA VAL B 247 -20.57 -35.88 -11.31
C VAL B 247 -21.41 -36.91 -10.56
N LYS B 248 -21.40 -38.15 -11.02
CA LYS B 248 -22.15 -39.20 -10.34
C LYS B 248 -21.59 -39.43 -8.94
N LYS B 249 -20.27 -39.42 -8.80
CA LYS B 249 -19.67 -39.58 -7.49
C LYS B 249 -19.91 -38.36 -6.61
N PHE B 250 -19.74 -37.16 -7.17
CA PHE B 250 -20.11 -35.95 -6.47
C PHE B 250 -21.58 -35.97 -6.07
N ARG B 251 -22.47 -36.38 -6.98
CA ARG B 251 -23.89 -36.51 -6.65
C ARG B 251 -24.11 -37.39 -5.44
N THR B 252 -23.33 -38.44 -5.27
CA THR B 252 -23.44 -39.33 -4.13
C THR B 252 -22.64 -38.85 -2.93
N HIS B 253 -21.49 -38.23 -3.18
CA HIS B 253 -20.59 -37.87 -2.10
C HIS B 253 -21.19 -36.78 -1.22
N VAL B 254 -21.77 -35.74 -1.82
CA VAL B 254 -22.21 -34.58 -1.05
C VAL B 254 -23.71 -34.62 -0.70
N GLU B 255 -24.52 -35.36 -1.45
CA GLU B 255 -25.95 -35.40 -1.16
C GLU B 255 -26.23 -36.08 0.17
N GLU B 256 -25.27 -36.86 0.67
CA GLU B 256 -25.40 -37.48 1.99
C GLU B 256 -25.58 -36.44 3.09
N GLY B 257 -24.59 -35.56 3.24
CA GLY B 257 -24.61 -34.60 4.33
C GLY B 257 -25.74 -33.60 4.21
N ASP B 258 -25.92 -32.83 5.29
CA ASP B 258 -26.84 -31.69 5.30
C ASP B 258 -26.26 -30.52 6.09
N ILE B 259 -24.94 -30.51 6.31
CA ILE B 259 -24.32 -29.49 7.15
C ILE B 259 -24.32 -28.11 6.50
N VAL B 260 -24.20 -28.04 5.18
CA VAL B 260 -24.07 -26.75 4.51
C VAL B 260 -25.34 -25.93 4.68
N TYR B 261 -26.49 -26.54 4.40
CA TYR B 261 -27.76 -25.87 4.61
C TYR B 261 -27.95 -25.52 6.08
N ARG B 262 -27.45 -26.36 6.98
CA ARG B 262 -27.55 -26.09 8.41
C ARG B 262 -26.73 -24.85 8.78
N LEU B 263 -25.53 -24.72 8.24
CA LEU B 263 -24.68 -23.58 8.56
C LEU B 263 -25.31 -22.29 8.08
N TYR B 264 -25.65 -22.22 6.80
CA TYR B 264 -26.27 -21.03 6.23
C TYR B 264 -27.53 -20.66 7.00
N MET B 265 -28.31 -21.66 7.41
CA MET B 265 -29.44 -21.43 8.31
C MET B 265 -28.95 -20.92 9.66
N ARG B 266 -28.00 -21.63 10.27
CA ARG B 266 -27.51 -21.24 11.59
C ARG B 266 -26.81 -19.90 11.54
N GLN B 267 -26.37 -19.49 10.36
CA GLN B 267 -25.63 -18.25 10.18
C GLN B 267 -26.57 -17.05 10.17
N THR B 268 -27.52 -17.03 9.24
CA THR B 268 -28.39 -15.88 9.11
C THR B 268 -29.31 -15.73 10.30
N ILE B 269 -29.73 -16.84 10.89
CA ILE B 269 -30.67 -16.81 12.02
C ILE B 269 -30.08 -16.05 13.21
N ILE B 270 -28.79 -16.20 13.48
CA ILE B 270 -28.20 -15.47 14.59
C ILE B 270 -27.98 -14.00 14.24
N LYS B 271 -27.66 -13.69 12.99
CA LYS B 271 -27.49 -12.31 12.58
C LYS B 271 -28.81 -11.55 12.67
N VAL B 272 -29.91 -12.22 12.31
CA VAL B 272 -31.23 -11.63 12.51
C VAL B 272 -31.48 -11.44 14.00
N ILE B 273 -31.23 -12.48 14.79
CA ILE B 273 -31.35 -12.39 16.25
C ILE B 273 -30.45 -11.28 16.77
N LYS B 274 -29.24 -11.19 16.22
CA LYS B 274 -28.30 -10.16 16.65
C LYS B 274 -28.84 -8.77 16.37
N PHE B 275 -29.46 -8.59 15.20
CA PHE B 275 -29.98 -7.28 14.81
C PHE B 275 -31.04 -6.80 15.79
N ALA B 276 -31.87 -7.71 16.30
CA ALA B 276 -32.97 -7.32 17.17
C ALA B 276 -32.46 -6.71 18.47
N LEU B 277 -31.33 -7.21 18.97
CA LEU B 277 -30.80 -6.73 20.25
C LEU B 277 -30.18 -5.36 20.11
N ILE B 278 -29.52 -5.10 18.98
CA ILE B 278 -28.87 -3.82 18.77
C ILE B 278 -29.90 -2.70 18.84
N ILE B 279 -31.08 -2.92 18.28
CA ILE B 279 -32.15 -1.94 18.36
C ILE B 279 -32.78 -1.90 19.73
N CYS B 280 -32.69 -2.98 20.50
CA CYS B 280 -33.34 -3.03 21.80
C CYS B 280 -32.69 -2.07 22.79
N TYR B 281 -31.35 -2.05 22.82
CA TYR B 281 -30.62 -1.26 23.81
C TYR B 281 -30.13 0.07 23.26
N THR B 282 -29.77 0.12 21.98
CA THR B 282 -29.10 1.30 21.45
C THR B 282 -30.03 2.51 21.46
N VAL B 283 -31.27 2.32 21.01
CA VAL B 283 -32.27 3.37 21.14
C VAL B 283 -32.57 3.64 22.61
N TYR B 284 -32.43 2.64 23.47
CA TYR B 284 -32.75 2.78 24.88
C TYR B 284 -31.75 3.66 25.62
N TYR B 285 -30.61 3.98 24.99
CA TYR B 285 -29.58 4.81 25.62
C TYR B 285 -29.08 5.94 24.72
N VAL B 286 -29.58 6.05 23.48
CA VAL B 286 -29.16 7.16 22.63
C VAL B 286 -29.62 8.49 23.23
N HIS B 287 -30.75 8.49 23.93
CA HIS B 287 -31.18 9.67 24.66
C HIS B 287 -30.17 10.06 25.74
N ASN B 288 -29.39 9.10 26.24
CA ASN B 288 -28.53 9.36 27.38
C ASN B 288 -27.43 10.38 27.06
N ILE B 289 -26.92 10.38 25.85
CA ILE B 289 -25.84 11.30 25.50
C ILE B 289 -26.42 12.69 25.26
N LYS B 290 -25.66 13.71 25.61
CA LYS B 290 -26.13 15.08 25.48
C LYS B 290 -24.99 16.03 25.81
N PHE B 291 -25.05 17.21 25.19
CA PHE B 291 -23.99 18.20 25.33
C PHE B 291 -23.84 18.65 26.78
N ASP B 292 -24.88 19.28 27.32
CA ASP B 292 -24.81 19.85 28.65
C ASP B 292 -25.04 18.78 29.71
N VAL B 293 -24.13 18.72 30.69
CA VAL B 293 -24.22 17.78 31.79
C VAL B 293 -23.72 18.45 33.05
N ASP B 294 -24.22 17.99 34.19
CA ASP B 294 -23.81 18.46 35.50
C ASP B 294 -23.38 17.26 36.34
N CYS B 295 -22.28 17.43 37.07
CA CYS B 295 -21.70 16.38 37.89
C CYS B 295 -21.58 16.87 39.33
N THR B 296 -21.92 16.01 40.28
CA THR B 296 -21.71 16.24 41.70
C THR B 296 -20.84 15.07 42.18
N VAL B 297 -19.59 15.38 42.53
CA VAL B 297 -18.54 14.37 42.60
C VAL B 297 -17.85 14.32 43.96
N ASP B 298 -18.15 15.24 44.87
CA ASP B 298 -17.61 15.23 46.23
C ASP B 298 -16.09 15.28 46.23
N ILE B 299 -15.57 16.40 45.72
CA ILE B 299 -14.18 16.76 45.94
C ILE B 299 -14.10 18.23 46.28
N GLU B 300 -14.07 18.52 47.58
CA GLU B 300 -13.98 19.88 48.09
C GLU B 300 -12.75 20.11 48.93
N SER B 301 -12.10 19.04 49.40
CA SER B 301 -10.79 19.15 50.01
C SER B 301 -9.72 19.56 49.00
N LEU B 302 -10.01 19.40 47.71
CA LEU B 302 -9.02 19.58 46.65
C LEU B 302 -9.28 20.83 45.81
N THR B 303 -10.54 21.12 45.55
CA THR B 303 -10.96 22.32 44.81
C THR B 303 -11.63 23.33 45.73
N GLY B 304 -12.54 22.86 46.57
CA GLY B 304 -13.39 23.72 47.36
C GLY B 304 -14.80 23.84 46.84
N TYR B 305 -15.11 23.24 45.69
CA TYR B 305 -16.45 23.19 45.15
C TYR B 305 -16.90 21.74 45.06
N ARG B 306 -18.21 21.54 45.07
CA ARG B 306 -18.81 20.20 45.05
C ARG B 306 -19.35 19.86 43.67
N THR B 307 -20.24 20.70 43.16
CA THR B 307 -20.97 20.44 41.93
C THR B 307 -20.37 21.26 40.79
N TYR B 308 -20.35 20.66 39.61
CA TYR B 308 -19.77 21.29 38.44
C TYR B 308 -20.62 20.97 37.23
N ARG B 309 -20.76 21.96 36.36
CA ARG B 309 -21.46 21.82 35.10
C ARG B 309 -20.42 21.64 34.00
N CYS B 310 -20.52 20.54 33.27
CA CYS B 310 -19.64 20.25 32.15
C CYS B 310 -20.41 20.34 30.84
N ALA B 311 -19.67 20.09 29.76
CA ALA B 311 -20.22 20.21 28.41
C ALA B 311 -19.46 19.24 27.52
N HIS B 312 -20.16 18.25 26.98
CA HIS B 312 -19.54 17.29 26.08
C HIS B 312 -19.67 17.80 24.66
N PRO B 313 -18.58 18.21 24.00
CA PRO B 313 -18.74 18.81 22.67
C PRO B 313 -19.15 17.81 21.61
N LEU B 314 -18.86 16.53 21.80
CA LEU B 314 -19.09 15.50 20.79
C LEU B 314 -20.41 14.77 20.97
N ALA B 315 -21.21 15.14 21.97
CA ALA B 315 -22.49 14.47 22.18
C ALA B 315 -23.39 14.59 20.97
N THR B 316 -23.31 15.69 20.24
CA THR B 316 -24.14 15.87 19.07
C THR B 316 -23.74 14.89 17.97
N LEU B 317 -22.48 14.95 17.55
CA LEU B 317 -22.00 14.13 16.44
C LEU B 317 -22.22 12.64 16.69
N PHE B 318 -21.92 12.19 17.90
CA PHE B 318 -22.16 10.79 18.23
C PHE B 318 -23.65 10.45 18.17
N LYS B 319 -24.51 11.42 18.48
CA LYS B 319 -25.94 11.21 18.27
C LYS B 319 -26.25 11.05 16.79
N ILE B 320 -25.54 11.76 15.92
CA ILE B 320 -25.79 11.65 14.49
C ILE B 320 -25.38 10.27 13.99
N LEU B 321 -24.19 9.81 14.38
CA LEU B 321 -23.73 8.50 13.95
C LEU B 321 -24.66 7.41 14.42
N ALA B 322 -25.18 7.52 15.64
CA ALA B 322 -26.08 6.50 16.17
C ALA B 322 -27.38 6.47 15.38
N SER B 323 -28.01 7.62 15.21
CA SER B 323 -29.24 7.68 14.40
C SER B 323 -28.95 7.26 12.97
N PHE B 324 -27.77 7.60 12.46
CA PHE B 324 -27.36 7.16 11.13
C PHE B 324 -27.09 5.66 11.11
N TYR B 325 -26.35 5.18 12.11
CA TYR B 325 -26.01 3.77 12.20
C TYR B 325 -27.25 2.92 12.36
N ILE B 326 -28.15 3.34 13.25
CA ILE B 326 -29.38 2.60 13.49
C ILE B 326 -30.21 2.52 12.22
N SER B 327 -30.34 3.64 11.51
CA SER B 327 -31.03 3.63 10.23
C SER B 327 -30.33 2.71 9.25
N LEU B 328 -28.99 2.68 9.30
CA LEU B 328 -28.23 1.77 8.46
C LEU B 328 -28.57 0.32 8.78
N VAL B 329 -28.52 -0.03 10.06
CA VAL B 329 -28.66 -1.42 10.47
C VAL B 329 -30.10 -1.89 10.32
N ILE B 330 -31.06 -0.96 10.34
CA ILE B 330 -32.43 -1.32 10.03
C ILE B 330 -32.50 -1.90 8.62
N PHE B 331 -31.89 -1.22 7.65
CA PHE B 331 -31.85 -1.75 6.29
C PHE B 331 -31.10 -3.07 6.24
N TYR B 332 -30.06 -3.21 7.06
CA TYR B 332 -29.41 -4.51 7.22
C TYR B 332 -30.40 -5.55 7.72
N GLY B 333 -31.14 -5.22 8.78
CA GLY B 333 -32.00 -6.20 9.41
C GLY B 333 -33.10 -6.71 8.51
N LEU B 334 -33.53 -5.90 7.54
CA LEU B 334 -34.57 -6.34 6.62
C LEU B 334 -34.02 -7.30 5.58
N ILE B 335 -32.79 -7.06 5.13
CA ILE B 335 -32.15 -7.93 4.15
C ILE B 335 -32.11 -9.36 4.68
N CYS B 336 -31.50 -9.53 5.86
CA CYS B 336 -31.39 -10.85 6.46
C CYS B 336 -32.75 -11.44 6.80
N MET B 337 -33.75 -10.61 7.08
CA MET B 337 -35.10 -11.12 7.32
C MET B 337 -35.68 -11.71 6.05
N TYR B 338 -35.47 -11.04 4.91
CA TYR B 338 -36.11 -11.45 3.66
C TYR B 338 -35.59 -12.81 3.21
N THR B 339 -34.27 -12.95 3.09
CA THR B 339 -33.68 -14.21 2.65
C THR B 339 -34.02 -15.35 3.59
N LEU B 340 -34.24 -15.05 4.88
CA LEU B 340 -34.60 -16.10 5.83
C LEU B 340 -35.99 -16.65 5.51
N TRP B 341 -36.98 -15.76 5.41
CA TRP B 341 -38.30 -16.16 4.95
C TRP B 341 -38.23 -16.93 3.65
N TRP B 342 -37.40 -16.46 2.72
CA TRP B 342 -37.18 -17.17 1.47
C TRP B 342 -36.59 -18.56 1.71
N MET B 343 -35.69 -18.68 2.68
CA MET B 343 -35.16 -19.99 3.06
C MET B 343 -36.20 -20.87 3.71
N LEU B 344 -37.24 -20.29 4.29
CA LEU B 344 -38.29 -21.04 4.98
C LEU B 344 -39.45 -21.37 4.06
N ARG B 345 -39.92 -20.38 3.32
CA ARG B 345 -41.05 -20.57 2.41
C ARG B 345 -40.74 -21.64 1.37
N ARG B 346 -39.52 -21.63 0.85
CA ARG B 346 -39.22 -22.31 -0.41
C ARG B 346 -38.81 -23.78 -0.23
N SER B 347 -38.46 -24.21 0.97
CA SER B 347 -38.11 -25.62 1.24
C SER B 347 -36.93 -26.06 0.38
N LEU B 348 -35.77 -25.49 0.68
CA LEU B 348 -34.59 -25.56 -0.18
C LEU B 348 -33.83 -26.88 -0.08
N LYS B 349 -34.24 -27.82 0.78
CA LYS B 349 -33.55 -29.11 0.82
C LYS B 349 -33.63 -29.82 -0.52
N LYS B 350 -34.75 -29.68 -1.21
CA LYS B 350 -34.99 -30.32 -2.49
C LYS B 350 -35.18 -29.25 -3.56
N TYR B 351 -34.86 -29.59 -4.81
CA TYR B 351 -35.09 -28.72 -5.96
C TYR B 351 -35.95 -29.45 -6.97
N SER B 352 -36.88 -28.71 -7.58
CA SER B 352 -37.75 -29.24 -8.63
C SER B 352 -37.12 -28.93 -9.99
N PHE B 353 -36.60 -29.97 -10.64
CA PHE B 353 -36.15 -29.89 -12.02
C PHE B 353 -37.30 -29.85 -13.01
N GLU B 354 -38.55 -30.00 -12.56
CA GLU B 354 -39.63 -30.41 -13.44
C GLU B 354 -39.95 -29.35 -14.48
N SER B 355 -39.56 -28.09 -14.24
CA SER B 355 -39.77 -27.05 -15.23
C SER B 355 -38.75 -27.14 -16.36
N ILE B 356 -37.49 -27.40 -16.01
CA ILE B 356 -36.43 -27.48 -17.02
C ILE B 356 -36.65 -28.67 -17.93
N ARG B 357 -37.13 -29.79 -17.38
CA ARG B 357 -37.19 -31.02 -18.15
C ARG B 357 -38.24 -30.95 -19.25
N GLU B 358 -39.22 -30.05 -19.10
CA GLU B 358 -40.13 -29.78 -20.20
C GLU B 358 -39.39 -29.22 -21.41
N GLU B 359 -38.58 -28.18 -21.18
CA GLU B 359 -37.90 -27.51 -22.29
C GLU B 359 -36.83 -28.42 -22.90
N SER B 360 -35.96 -28.99 -22.06
CA SER B 360 -34.92 -29.88 -22.57
C SER B 360 -35.50 -31.14 -23.20
N SER B 361 -36.74 -31.50 -22.86
CA SER B 361 -37.39 -32.69 -23.39
C SER B 361 -36.66 -33.95 -22.95
N TYR B 362 -36.18 -33.95 -21.71
CA TYR B 362 -35.48 -35.07 -21.09
C TYR B 362 -36.34 -35.62 -19.97
N SER B 363 -36.96 -36.78 -20.21
CA SER B 363 -37.79 -37.40 -19.19
C SER B 363 -36.97 -38.13 -18.13
N ASP B 364 -35.72 -38.49 -18.44
CA ASP B 364 -34.83 -39.14 -17.49
C ASP B 364 -33.91 -38.08 -16.90
N ILE B 365 -34.35 -37.49 -15.79
CA ILE B 365 -33.50 -36.58 -15.04
C ILE B 365 -33.99 -36.57 -13.58
N PRO B 366 -33.15 -36.88 -12.60
CA PRO B 366 -33.66 -36.99 -11.23
C PRO B 366 -33.62 -35.65 -10.50
N ASP B 367 -34.44 -35.57 -9.45
CA ASP B 367 -34.40 -34.43 -8.54
C ASP B 367 -33.38 -34.67 -7.45
N VAL B 368 -33.12 -33.62 -6.69
CA VAL B 368 -32.18 -33.67 -5.58
C VAL B 368 -32.92 -34.09 -4.32
N LYS B 369 -32.18 -34.49 -3.29
CA LYS B 369 -32.73 -34.78 -1.97
C LYS B 369 -32.33 -33.77 -0.91
N ASN B 370 -31.03 -33.51 -0.75
CA ASN B 370 -30.57 -32.71 0.38
C ASN B 370 -29.14 -32.23 0.21
N ASP B 371 -28.90 -30.95 0.50
CA ASP B 371 -27.59 -30.30 0.55
C ASP B 371 -26.98 -30.07 -0.83
N PHE B 372 -27.60 -30.57 -1.91
CA PHE B 372 -27.14 -30.36 -3.26
C PHE B 372 -28.15 -29.56 -4.08
N ALA B 373 -29.41 -29.51 -3.64
CA ALA B 373 -30.40 -28.62 -4.21
C ALA B 373 -30.31 -27.24 -3.59
N PHE B 374 -29.90 -27.16 -2.33
CA PHE B 374 -29.71 -25.88 -1.67
C PHE B 374 -28.66 -25.05 -2.38
N MET B 375 -27.46 -25.62 -2.55
CA MET B 375 -26.43 -24.98 -3.36
C MET B 375 -26.90 -24.77 -4.79
N LEU B 376 -27.74 -25.66 -5.31
CA LEU B 376 -28.36 -25.42 -6.60
C LEU B 376 -29.36 -24.27 -6.51
N HIS B 377 -30.14 -24.24 -5.44
CA HIS B 377 -31.11 -23.18 -5.23
C HIS B 377 -30.41 -21.84 -5.15
N LEU B 378 -29.21 -21.82 -4.56
CA LEU B 378 -28.40 -20.62 -4.48
C LEU B 378 -28.03 -20.12 -5.87
N ILE B 379 -27.29 -20.94 -6.62
CA ILE B 379 -26.73 -20.50 -7.89
C ILE B 379 -27.84 -20.20 -8.88
N ASP B 380 -28.99 -20.84 -8.71
CA ASP B 380 -30.18 -20.43 -9.45
C ASP B 380 -30.50 -18.96 -9.21
N GLN B 381 -30.26 -18.49 -7.98
CA GLN B 381 -30.50 -17.08 -7.67
C GLN B 381 -29.56 -16.18 -8.45
N TYR B 382 -28.29 -16.59 -8.59
CA TYR B 382 -27.38 -15.85 -9.46
C TYR B 382 -27.91 -15.84 -10.89
N ASP B 383 -28.13 -17.03 -11.45
CA ASP B 383 -28.84 -17.15 -12.73
C ASP B 383 -29.34 -18.57 -12.86
N PRO B 384 -30.40 -18.80 -13.66
CA PRO B 384 -30.82 -20.17 -13.96
C PRO B 384 -29.99 -20.84 -15.04
N LEU B 385 -29.07 -20.11 -15.68
CA LEU B 385 -28.33 -20.66 -16.82
C LEU B 385 -27.48 -21.84 -16.41
N TYR B 386 -26.63 -21.66 -15.40
CA TYR B 386 -25.70 -22.71 -14.99
C TYR B 386 -26.44 -23.97 -14.58
N SER B 387 -27.61 -23.83 -13.97
CA SER B 387 -28.44 -24.99 -13.65
C SER B 387 -28.92 -25.67 -14.93
N LYS B 388 -29.20 -24.90 -15.97
CA LYS B 388 -29.69 -25.46 -17.22
C LYS B 388 -28.63 -26.29 -17.90
N ARG B 389 -27.41 -25.74 -18.00
CA ARG B 389 -26.29 -26.49 -18.58
C ARG B 389 -25.97 -27.75 -17.77
N PHE B 390 -26.40 -27.79 -16.51
CA PHE B 390 -26.09 -28.93 -15.64
C PHE B 390 -27.07 -30.07 -15.79
N ALA B 391 -28.25 -29.82 -16.35
CA ALA B 391 -29.21 -30.90 -16.57
C ALA B 391 -28.65 -31.97 -17.50
N VAL B 392 -27.78 -31.57 -18.43
CA VAL B 392 -27.35 -32.51 -19.46
C VAL B 392 -26.34 -33.51 -18.91
N PHE B 393 -25.41 -33.06 -18.07
CA PHE B 393 -24.42 -33.97 -17.51
C PHE B 393 -25.03 -34.91 -16.48
N LEU B 394 -26.23 -34.61 -15.99
CA LEU B 394 -26.90 -35.43 -15.00
C LEU B 394 -27.78 -36.51 -15.62
N SER B 395 -28.39 -36.26 -16.77
CA SER B 395 -29.30 -37.21 -17.38
C SER B 395 -28.52 -38.42 -17.88
N GLU B 396 -29.05 -39.61 -17.59
CA GLU B 396 -28.37 -40.83 -18.01
C GLU B 396 -28.50 -41.03 -19.52
N VAL B 397 -29.65 -40.69 -20.10
CA VAL B 397 -29.79 -40.80 -21.55
C VAL B 397 -28.85 -39.82 -22.25
N SER B 398 -28.56 -38.68 -21.63
CA SER B 398 -27.56 -37.78 -22.19
C SER B 398 -26.19 -38.44 -22.24
N GLU B 399 -25.81 -39.13 -21.16
CA GLU B 399 -24.63 -39.98 -21.20
C GLU B 399 -24.79 -41.06 -22.26
N ASN B 400 -25.98 -41.67 -22.33
CA ASN B 400 -26.24 -42.70 -23.32
C ASN B 400 -26.07 -42.15 -24.73
N LYS B 401 -26.54 -40.92 -24.96
CA LYS B 401 -26.32 -40.26 -26.24
C LYS B 401 -24.84 -40.11 -26.52
N LEU B 402 -24.08 -39.65 -25.52
CA LEU B 402 -22.63 -39.60 -25.66
C LEU B 402 -22.06 -41.00 -25.85
N ARG B 403 -22.51 -41.95 -25.04
CA ARG B 403 -21.98 -43.31 -25.08
C ARG B 403 -22.18 -43.94 -26.45
N GLN B 404 -23.32 -43.66 -27.08
CA GLN B 404 -23.54 -44.12 -28.45
C GLN B 404 -22.59 -43.43 -29.41
N LEU B 405 -22.47 -42.10 -29.29
CA LEU B 405 -21.54 -41.35 -30.13
C LEU B 405 -20.09 -41.69 -29.82
N ASN B 406 -19.79 -42.08 -28.58
CA ASN B 406 -18.43 -42.44 -28.21
C ASN B 406 -18.07 -43.83 -28.74
N LEU B 407 -18.99 -44.78 -28.60
CA LEU B 407 -18.83 -46.09 -29.22
C LEU B 407 -18.66 -45.97 -30.74
N ASN B 408 -19.37 -45.03 -31.35
CA ASN B 408 -19.36 -44.87 -32.81
C ASN B 408 -18.10 -44.14 -33.26
N PRO C 15 2.10 -20.80 -0.83
CA PRO C 15 1.56 -21.97 -1.54
C PRO C 15 0.16 -22.33 -1.09
N ALA C 16 -0.29 -23.55 -1.40
CA ALA C 16 -1.64 -23.99 -1.06
C ALA C 16 -1.63 -24.70 0.29
N TYR C 17 -1.16 -23.96 1.30
CA TYR C 17 -1.11 -24.45 2.67
C TYR C 17 -2.42 -24.25 3.42
N ARG C 18 -3.48 -23.81 2.75
CA ARG C 18 -4.79 -23.74 3.40
C ARG C 18 -5.26 -25.13 3.81
N ILE C 19 -4.87 -26.15 3.04
CA ILE C 19 -5.20 -27.52 3.41
C ILE C 19 -4.53 -27.89 4.72
N LEU C 20 -3.39 -27.28 5.02
CA LEU C 20 -2.54 -27.77 6.10
C LEU C 20 -3.04 -27.32 7.46
N LYS C 21 -4.06 -26.48 7.52
CA LYS C 21 -4.51 -25.87 8.75
C LYS C 21 -5.93 -26.34 9.06
N PRO C 22 -6.14 -27.22 10.05
CA PRO C 22 -7.51 -27.57 10.43
C PRO C 22 -8.24 -26.37 11.03
N TRP C 23 -9.53 -26.57 11.30
CA TRP C 23 -10.34 -25.49 11.85
C TRP C 23 -9.80 -24.98 13.17
N TRP C 24 -9.19 -25.87 13.97
CA TRP C 24 -8.56 -25.41 15.20
C TRP C 24 -7.32 -24.57 14.95
N ASP C 25 -6.72 -24.66 13.77
CA ASP C 25 -5.63 -23.78 13.38
C ASP C 25 -6.12 -22.50 12.71
N VAL C 26 -7.34 -22.48 12.19
CA VAL C 26 -7.83 -21.33 11.44
C VAL C 26 -8.44 -20.29 12.34
N PHE C 27 -9.27 -20.71 13.31
CA PHE C 27 -9.69 -19.77 14.35
C PHE C 27 -8.47 -19.25 15.09
N THR C 28 -7.54 -20.15 15.38
CA THR C 28 -6.28 -19.77 16.03
C THR C 28 -5.54 -18.71 15.24
N ASP C 29 -5.64 -18.77 13.90
CA ASP C 29 -4.99 -17.76 13.08
C ASP C 29 -5.60 -16.38 13.33
N TYR C 30 -6.93 -16.31 13.39
CA TYR C 30 -7.61 -15.03 13.49
C TYR C 30 -7.74 -14.54 14.93
N ILE C 31 -7.83 -15.45 15.89
CA ILE C 31 -7.71 -15.04 17.29
C ILE C 31 -6.35 -14.42 17.53
N SER C 32 -5.32 -14.88 16.81
CA SER C 32 -4.00 -14.28 16.86
C SER C 32 -3.86 -13.07 15.95
N ILE C 33 -4.97 -12.48 15.51
CA ILE C 33 -4.96 -11.23 14.75
C ILE C 33 -5.63 -10.11 15.55
N VAL C 34 -6.81 -10.37 16.08
CA VAL C 34 -7.45 -9.34 16.91
C VAL C 34 -6.69 -9.17 18.21
N MET C 35 -6.06 -10.25 18.71
CA MET C 35 -5.12 -10.12 19.81
C MET C 35 -4.06 -9.08 19.49
N LEU C 36 -3.57 -9.07 18.25
CA LEU C 36 -2.64 -8.03 17.82
C LEU C 36 -3.31 -6.67 17.80
N MET C 37 -4.53 -6.61 17.28
CA MET C 37 -5.18 -5.32 17.02
C MET C 37 -5.44 -4.55 18.30
N ILE C 38 -5.68 -5.24 19.41
CA ILE C 38 -5.83 -4.56 20.70
C ILE C 38 -4.46 -4.24 21.29
N ALA C 39 -3.47 -5.10 21.04
CA ALA C 39 -2.12 -4.83 21.53
C ALA C 39 -1.56 -3.56 20.90
N VAL C 40 -1.74 -3.41 19.59
CA VAL C 40 -1.28 -2.20 18.91
C VAL C 40 -2.18 -1.02 19.27
N PHE C 41 -3.49 -1.24 19.36
CA PHE C 41 -4.41 -0.16 19.66
C PHE C 41 -4.20 0.38 21.07
N GLY C 42 -3.83 -0.49 22.01
CA GLY C 42 -3.51 -0.03 23.35
C GLY C 42 -2.16 0.65 23.43
N GLY C 43 -1.20 0.19 22.63
CA GLY C 43 0.14 0.74 22.67
C GLY C 43 0.20 2.12 22.05
N THR C 44 -0.33 2.24 20.83
CA THR C 44 -0.43 3.53 20.17
C THR C 44 -1.25 4.52 20.98
N LEU C 45 -2.19 4.03 21.79
CA LEU C 45 -2.90 4.88 22.74
C LEU C 45 -2.02 5.23 23.92
N GLN C 46 -1.28 4.24 24.45
CA GLN C 46 -0.42 4.47 25.60
C GLN C 46 0.62 5.53 25.31
N VAL C 47 1.41 5.33 24.23
CA VAL C 47 2.41 6.31 23.84
C VAL C 47 1.83 7.70 23.60
N THR C 48 0.55 7.79 23.28
CA THR C 48 -0.05 9.07 22.92
C THR C 48 -0.10 9.99 24.15
N GLN C 49 -0.82 9.59 25.21
CA GLN C 49 -0.78 10.33 26.47
C GLN C 49 -0.23 9.49 27.63
N ASP C 50 -0.88 8.39 27.99
CA ASP C 50 -0.63 7.63 29.23
C ASP C 50 -0.20 8.54 30.38
N LYS C 51 -1.05 9.50 30.71
CA LYS C 51 -0.72 10.57 31.64
C LYS C 51 -1.61 10.51 32.86
N MET C 52 -1.25 11.31 33.86
CA MET C 52 -1.95 11.39 35.14
C MET C 52 -2.07 12.84 35.55
N ILE C 53 -2.92 13.08 36.53
CA ILE C 53 -3.20 14.44 37.04
C ILE C 53 -3.04 14.36 38.55
N CYS C 54 -1.83 14.63 39.03
CA CYS C 54 -1.51 14.51 40.44
C CYS C 54 -1.75 15.84 41.16
N LEU C 55 -2.54 15.78 42.24
CA LEU C 55 -2.87 16.92 43.06
C LEU C 55 -2.44 16.67 44.50
N PRO C 56 -1.99 17.70 45.22
CA PRO C 56 -1.54 17.47 46.60
C PRO C 56 -2.72 17.24 47.54
N CYS C 57 -2.41 17.09 48.83
CA CYS C 57 -3.42 17.00 49.86
C CYS C 57 -2.90 17.74 51.08
N LYS C 58 -3.59 18.80 51.47
CA LYS C 58 -3.08 19.68 52.53
C LYS C 58 -3.13 18.99 53.89
N TRP C 59 -4.33 18.63 54.33
CA TRP C 59 -4.49 17.90 55.57
C TRP C 59 -4.28 16.43 55.27
N VAL C 60 -3.10 15.92 55.64
CA VAL C 60 -2.76 14.52 55.45
C VAL C 60 -2.78 13.84 56.80
N THR C 61 -3.25 12.60 56.80
CA THR C 61 -3.18 11.70 57.93
C THR C 61 -2.75 10.35 57.38
N LYS C 62 -1.90 9.64 58.13
CA LYS C 62 -1.41 8.33 57.73
C LYS C 62 -0.57 8.40 56.44
N ASP C 63 -0.09 9.60 56.08
CA ASP C 63 0.38 9.87 54.72
C ASP C 63 -0.71 9.55 53.71
N SER C 64 -1.94 9.92 54.07
CA SER C 64 -3.11 9.78 53.21
C SER C 64 -3.92 11.06 53.32
N CYS C 65 -4.67 11.38 52.26
CA CYS C 65 -5.49 12.58 52.26
C CYS C 65 -6.52 12.51 53.37
N ASN C 66 -6.34 13.32 54.41
CA ASN C 66 -7.23 13.29 55.56
C ASN C 66 -8.67 13.68 55.20
N ASP C 67 -8.85 14.40 54.09
CA ASP C 67 -10.19 14.79 53.63
C ASP C 67 -10.88 15.68 54.66
N SER C 68 -10.11 16.55 55.30
CA SER C 68 -10.62 17.43 56.34
C SER C 68 -11.02 18.78 55.77
N THR C 92 -18.82 33.66 52.18
CA THR C 92 -19.92 32.73 52.42
C THR C 92 -19.85 31.55 51.46
N GLY C 93 -20.11 31.82 50.18
CA GLY C 93 -20.12 30.79 49.17
C GLY C 93 -18.76 30.12 49.05
N PRO C 94 -18.71 29.00 48.33
CA PRO C 94 -17.46 28.26 48.21
C PRO C 94 -16.52 28.94 47.23
N THR C 95 -15.23 28.62 47.39
CA THR C 95 -14.19 29.24 46.59
C THR C 95 -13.10 28.22 46.29
N GLY C 96 -12.28 28.53 45.30
CA GLY C 96 -11.23 27.63 44.90
C GLY C 96 -10.10 27.58 45.91
N ILE C 97 -9.54 26.40 46.04
CA ILE C 97 -8.36 26.19 46.84
C ILE C 97 -7.15 26.52 45.98
N LYS C 98 -6.08 26.99 46.63
CA LYS C 98 -4.84 27.34 45.95
C LYS C 98 -3.70 26.63 46.63
N TYR C 99 -2.91 25.91 45.82
CA TYR C 99 -1.64 25.36 46.26
C TYR C 99 -0.45 26.19 45.82
N ASP C 100 -0.68 27.23 45.01
CA ASP C 100 0.38 28.17 44.62
C ASP C 100 1.48 27.45 43.84
N LEU C 101 1.10 26.88 42.70
CA LEU C 101 2.02 26.07 41.90
C LEU C 101 1.81 26.35 40.42
N ASP C 102 2.92 26.35 39.68
CA ASP C 102 2.95 26.58 38.24
C ASP C 102 2.84 25.26 37.48
N ARG C 103 2.85 25.39 36.15
CA ARG C 103 2.47 24.27 35.29
C ARG C 103 3.52 23.16 35.30
N HIS C 104 4.80 23.53 35.33
CA HIS C 104 5.84 22.53 35.10
C HIS C 104 6.00 21.60 36.29
N GLN C 105 6.10 22.16 37.48
CA GLN C 105 6.21 21.30 38.66
C GLN C 105 4.93 20.51 38.86
N TYR C 106 3.80 21.02 38.35
CA TYR C 106 2.61 20.18 38.21
C TYR C 106 2.86 19.06 37.21
N ASN C 107 3.58 19.35 36.13
CA ASN C 107 3.95 18.29 35.18
C ASN C 107 5.01 17.38 35.77
N TYR C 108 5.93 17.95 36.54
CA TYR C 108 7.00 17.19 37.16
C TYR C 108 6.43 16.11 38.08
N VAL C 109 5.58 16.54 39.01
CA VAL C 109 5.01 15.61 39.98
C VAL C 109 4.21 14.51 39.30
N ASP C 110 3.57 14.83 38.17
CA ASP C 110 2.82 13.82 37.45
C ASP C 110 3.74 12.72 36.93
N ALA C 111 4.95 13.08 36.53
CA ALA C 111 5.91 12.09 36.04
C ALA C 111 6.32 11.14 37.15
N VAL C 112 6.61 11.67 38.33
CA VAL C 112 7.21 10.88 39.39
C VAL C 112 6.21 9.87 39.93
N CYS C 113 5.02 10.35 40.30
CA CYS C 113 3.96 9.44 40.73
C CYS C 113 3.61 8.44 39.64
N TYR C 114 3.67 8.86 38.39
CA TYR C 114 3.57 7.93 37.27
C TYR C 114 4.78 7.01 37.22
N GLU C 115 5.97 7.56 37.45
CA GLU C 115 7.18 6.77 37.30
C GLU C 115 7.27 5.64 38.31
N ASN C 116 6.96 5.94 39.57
CA ASN C 116 7.32 5.08 40.69
C ASN C 116 6.12 4.48 41.38
N ARG C 117 5.08 5.30 41.64
CA ARG C 117 3.89 4.83 42.33
C ARG C 117 2.81 4.34 41.37
N LEU C 118 3.22 3.87 40.19
CA LEU C 118 2.32 3.19 39.27
C LEU C 118 2.90 1.83 38.92
N HIS C 119 2.00 0.87 38.69
CA HIS C 119 2.40 -0.49 38.40
C HIS C 119 2.96 -0.60 36.99
N TRP C 120 4.06 -1.35 36.85
CA TRP C 120 4.58 -1.66 35.53
C TRP C 120 3.52 -2.30 34.65
N PHE C 121 2.61 -3.08 35.25
CA PHE C 121 1.61 -3.79 34.46
C PHE C 121 0.65 -2.83 33.79
N ALA C 122 0.31 -1.74 34.48
CA ALA C 122 -0.62 -0.76 33.89
C ALA C 122 0.02 -0.06 32.70
N LYS C 123 1.35 0.08 32.71
CA LYS C 123 2.03 0.89 31.71
C LYS C 123 2.44 0.09 30.49
N TYR C 124 2.88 -1.15 30.70
CA TYR C 124 3.42 -1.98 29.64
C TYR C 124 2.46 -3.06 29.17
N PHE C 125 1.17 -2.94 29.51
CA PHE C 125 0.17 -3.92 29.10
C PHE C 125 0.09 -4.10 27.59
N PRO C 126 -0.05 -3.06 26.77
CA PRO C 126 -0.17 -3.30 25.33
C PRO C 126 1.10 -3.84 24.71
N TYR C 127 2.25 -3.45 25.25
CA TYR C 127 3.54 -3.94 24.78
C TYR C 127 3.80 -5.37 25.19
N LEU C 128 2.98 -5.93 26.09
CA LEU C 128 3.19 -7.27 26.63
C LEU C 128 2.44 -8.32 25.83
N VAL C 129 1.14 -8.10 25.61
CA VAL C 129 0.36 -9.08 24.87
C VAL C 129 0.80 -9.13 23.41
N LEU C 130 1.26 -7.99 22.88
CA LEU C 130 1.86 -7.98 21.55
C LEU C 130 3.00 -8.97 21.46
N LEU C 131 3.91 -8.93 22.44
CA LEU C 131 4.97 -9.92 22.53
C LEU C 131 4.40 -11.32 22.50
N HIS C 132 3.41 -11.57 23.35
CA HIS C 132 2.78 -12.89 23.38
C HIS C 132 2.07 -13.19 22.07
N THR C 133 1.50 -12.17 21.43
CA THR C 133 0.82 -12.38 20.16
C THR C 133 1.78 -12.87 19.09
N LEU C 134 3.03 -12.42 19.14
CA LEU C 134 4.01 -12.83 18.13
C LEU C 134 4.43 -14.27 18.32
N ILE C 135 4.52 -14.74 19.57
CA ILE C 135 4.97 -16.10 19.84
C ILE C 135 4.00 -17.09 19.23
N PHE C 136 2.71 -16.88 19.47
CA PHE C 136 1.69 -17.78 18.93
C PHE C 136 1.73 -17.81 17.41
N LEU C 137 2.16 -16.73 16.77
CA LEU C 137 2.42 -16.77 15.34
C LEU C 137 3.70 -17.51 15.02
N ALA C 138 4.78 -17.20 15.75
CA ALA C 138 6.05 -17.87 15.51
C ALA C 138 5.95 -19.36 15.82
N CYS C 139 5.15 -19.70 16.82
CA CYS C 139 4.87 -21.09 17.14
C CYS C 139 3.78 -21.69 16.27
N SER C 140 3.52 -21.15 15.08
CA SER C 140 2.86 -21.87 14.02
C SER C 140 3.69 -21.95 12.75
N ASN C 141 4.23 -20.82 12.29
CA ASN C 141 4.95 -20.79 11.03
C ASN C 141 6.33 -21.42 11.12
N PHE C 142 6.88 -21.57 12.33
CA PHE C 142 8.12 -22.33 12.52
C PHE C 142 8.01 -23.72 11.90
N TRP C 143 6.87 -24.37 12.09
CA TRP C 143 6.58 -25.65 11.46
C TRP C 143 6.72 -25.56 9.94
N PHE C 144 5.97 -24.66 9.32
CA PHE C 144 6.05 -24.46 7.88
C PHE C 144 7.42 -23.99 7.42
N LYS C 145 8.16 -23.27 8.26
CA LYS C 145 9.37 -22.59 7.85
C LYS C 145 10.63 -23.40 8.15
N PHE C 146 10.57 -24.37 9.04
CA PHE C 146 11.75 -25.16 9.34
C PHE C 146 12.11 -26.01 8.12
N PRO C 147 13.36 -25.96 7.64
CA PRO C 147 13.62 -26.51 6.30
C PRO C 147 13.61 -28.02 6.24
N ARG C 148 14.12 -28.69 7.30
CA ARG C 148 14.16 -30.15 7.30
C ARG C 148 12.79 -30.76 7.15
N THR C 149 11.75 -30.04 7.55
CA THR C 149 10.36 -30.46 7.36
C THR C 149 9.71 -29.77 6.18
N SER C 150 9.98 -28.47 5.99
CA SER C 150 9.30 -27.70 4.94
C SER C 150 9.51 -28.30 3.56
N SER C 151 10.63 -29.00 3.36
CA SER C 151 10.79 -29.81 2.15
C SER C 151 9.80 -30.96 2.15
N LYS C 152 9.67 -31.66 3.28
CA LYS C 152 8.72 -32.77 3.37
C LYS C 152 7.30 -32.30 3.12
N LEU C 153 6.94 -31.16 3.70
CA LEU C 153 5.59 -30.62 3.48
C LEU C 153 5.40 -30.26 2.03
N GLU C 154 6.32 -29.48 1.47
CA GLU C 154 6.21 -29.06 0.07
C GLU C 154 6.26 -30.25 -0.88
N HIS C 155 6.87 -31.36 -0.44
CA HIS C 155 6.83 -32.58 -1.23
C HIS C 155 5.51 -33.30 -1.08
N PHE C 156 5.03 -33.44 0.17
CA PHE C 156 3.79 -34.14 0.44
C PHE C 156 2.63 -33.50 -0.30
N VAL C 157 2.57 -32.17 -0.29
CA VAL C 157 1.50 -31.48 -1.01
C VAL C 157 1.67 -31.66 -2.51
N SER C 158 2.91 -31.56 -3.01
CA SER C 158 3.13 -31.51 -4.45
C SER C 158 2.66 -32.79 -5.13
N ILE C 159 2.91 -33.92 -4.50
CA ILE C 159 2.48 -35.19 -5.05
C ILE C 159 0.96 -35.36 -4.96
N LEU C 160 0.35 -34.79 -3.93
CA LEU C 160 -1.06 -35.08 -3.66
C LEU C 160 -1.97 -34.34 -4.63
N LEU C 161 -1.56 -33.16 -5.08
CA LEU C 161 -2.32 -32.47 -6.14
C LEU C 161 -2.36 -33.32 -7.39
N LYS C 162 -1.19 -33.79 -7.84
CA LYS C 162 -1.12 -34.63 -9.03
C LYS C 162 -1.94 -35.90 -8.86
N CYS C 163 -1.81 -36.54 -7.69
CA CYS C 163 -2.63 -37.71 -7.40
C CYS C 163 -4.10 -37.35 -7.38
N PHE C 164 -4.43 -36.19 -6.80
CA PHE C 164 -5.81 -35.72 -6.86
C PHE C 164 -6.23 -35.42 -8.30
N ASP C 165 -5.30 -34.95 -9.13
CA ASP C 165 -5.64 -34.51 -10.49
C ASP C 165 -5.47 -35.61 -11.53
N SER C 166 -4.99 -36.78 -11.15
CA SER C 166 -4.67 -37.83 -12.10
C SER C 166 -5.95 -38.29 -12.83
N PRO C 167 -5.97 -38.33 -14.16
CA PRO C 167 -7.13 -38.95 -14.82
C PRO C 167 -7.26 -40.43 -14.57
N TRP C 168 -6.15 -41.15 -14.37
CA TRP C 168 -6.23 -42.61 -14.37
C TRP C 168 -6.92 -43.13 -13.12
N THR C 169 -6.74 -42.45 -11.99
CA THR C 169 -7.46 -42.85 -10.78
C THR C 169 -8.96 -42.82 -10.98
N THR C 170 -9.44 -41.94 -11.85
CA THR C 170 -10.87 -41.87 -12.15
C THR C 170 -11.37 -43.21 -12.68
N ARG C 171 -10.54 -43.88 -13.47
CA ARG C 171 -10.85 -45.25 -13.89
C ARG C 171 -10.64 -46.22 -12.75
N ALA C 172 -9.47 -46.16 -12.12
CA ALA C 172 -9.09 -47.16 -11.13
C ALA C 172 -9.93 -47.05 -9.87
N LEU C 173 -10.48 -45.86 -9.58
CA LEU C 173 -11.30 -45.70 -8.39
C LEU C 173 -12.61 -46.48 -8.48
N SER C 174 -13.04 -46.83 -9.69
CA SER C 174 -14.24 -47.63 -9.86
C SER C 174 -13.97 -49.10 -9.58
N ASP C 233 -4.75 -42.34 -22.76
CA ASP C 233 -4.86 -43.53 -21.93
C ASP C 233 -3.45 -44.07 -21.64
N LYS C 234 -2.72 -44.44 -22.68
CA LYS C 234 -1.38 -44.99 -22.50
C LYS C 234 -0.39 -43.92 -22.05
N LYS C 235 -0.45 -42.74 -22.67
CA LYS C 235 0.36 -41.62 -22.22
C LYS C 235 0.11 -41.31 -20.76
N GLU C 236 -1.16 -41.37 -20.37
CA GLU C 236 -1.56 -41.18 -18.98
C GLU C 236 -0.96 -42.29 -18.12
N GLY C 237 -0.81 -43.49 -18.68
CA GLY C 237 -0.19 -44.59 -17.96
C GLY C 237 1.28 -44.37 -17.67
N GLU C 238 2.00 -43.77 -18.62
CA GLU C 238 3.39 -43.40 -18.35
C GLU C 238 3.45 -42.37 -17.25
N GLN C 239 2.61 -41.35 -17.33
CA GLN C 239 2.50 -40.36 -16.27
C GLN C 239 2.10 -41.02 -14.96
N ALA C 240 1.14 -41.93 -15.02
CA ALA C 240 0.67 -42.60 -13.80
C ALA C 240 1.78 -43.41 -13.17
N LYS C 241 2.40 -44.30 -13.95
CA LYS C 241 3.47 -45.13 -13.40
C LYS C 241 4.67 -44.30 -12.97
N ALA C 242 4.94 -43.20 -13.69
CA ALA C 242 5.97 -42.27 -13.26
C ALA C 242 5.73 -41.80 -11.84
N LEU C 243 4.47 -41.63 -11.46
CA LEU C 243 4.11 -41.20 -10.13
C LEU C 243 4.14 -42.34 -9.14
N PHE C 244 3.86 -43.57 -9.59
CA PHE C 244 3.95 -44.73 -8.71
C PHE C 244 5.36 -44.88 -8.12
N GLU C 245 6.38 -44.49 -8.88
CA GLU C 245 7.76 -44.71 -8.45
C GLU C 245 8.17 -43.71 -7.37
N LYS C 246 8.07 -42.42 -7.68
CA LYS C 246 8.38 -41.39 -6.69
C LYS C 246 7.53 -41.53 -5.45
N VAL C 247 6.29 -42.00 -5.60
CA VAL C 247 5.47 -42.33 -4.44
C VAL C 247 6.17 -43.39 -3.59
N LYS C 248 6.68 -44.44 -4.25
CA LYS C 248 7.39 -45.49 -3.53
C LYS C 248 8.65 -44.93 -2.88
N LYS C 249 9.36 -44.06 -3.58
CA LYS C 249 10.56 -43.44 -3.00
C LYS C 249 10.18 -42.46 -1.90
N PHE C 250 9.18 -41.63 -2.14
CA PHE C 250 8.65 -40.78 -1.09
C PHE C 250 8.19 -41.59 0.10
N ARG C 251 7.46 -42.69 -0.13
CA ARG C 251 7.06 -43.58 0.95
C ARG C 251 8.23 -44.03 1.79
N THR C 252 9.38 -44.28 1.18
CA THR C 252 10.57 -44.69 1.90
C THR C 252 11.38 -43.52 2.42
N HIS C 253 11.40 -42.41 1.67
CA HIS C 253 12.26 -41.29 2.03
C HIS C 253 11.81 -40.63 3.32
N VAL C 254 10.51 -40.39 3.48
CA VAL C 254 10.01 -39.60 4.61
C VAL C 254 9.52 -40.46 5.77
N GLU C 255 9.14 -41.71 5.53
CA GLU C 255 8.64 -42.54 6.62
C GLU C 255 9.74 -42.86 7.62
N GLU C 256 11.01 -42.70 7.23
CA GLU C 256 12.13 -42.88 8.14
C GLU C 256 12.04 -41.92 9.33
N GLY C 257 12.06 -40.62 9.05
CA GLY C 257 12.10 -39.64 10.11
C GLY C 257 10.84 -39.63 10.96
N ASP C 258 10.91 -38.88 12.07
CA ASP C 258 9.75 -38.61 12.90
C ASP C 258 9.76 -37.17 13.42
N ILE C 259 10.54 -36.29 12.78
CA ILE C 259 10.69 -34.93 13.27
C ILE C 259 9.43 -34.09 13.12
N VAL C 260 8.65 -34.32 12.07
CA VAL C 260 7.49 -33.48 11.79
C VAL C 260 6.46 -33.61 12.90
N TYR C 261 6.11 -34.86 13.25
CA TYR C 261 5.19 -35.10 14.36
C TYR C 261 5.76 -34.55 15.67
N ARG C 262 7.09 -34.61 15.82
CA ARG C 262 7.72 -34.08 17.03
C ARG C 262 7.56 -32.57 17.11
N LEU C 263 7.75 -31.88 15.98
CA LEU C 263 7.62 -30.42 15.98
C LEU C 263 6.20 -29.98 16.31
N TYR C 264 5.22 -30.50 15.57
CA TYR C 264 3.82 -30.17 15.82
C TYR C 264 3.44 -30.47 17.26
N MET C 265 3.95 -31.57 17.80
CA MET C 265 3.79 -31.86 19.23
C MET C 265 4.52 -30.82 20.07
N ARG C 266 5.80 -30.59 19.78
CA ARG C 266 6.58 -29.63 20.56
C ARG C 266 6.03 -28.22 20.42
N GLN C 267 5.29 -27.97 19.35
CA GLN C 267 4.76 -26.65 19.06
C GLN C 267 3.53 -26.35 19.92
N THR C 268 2.50 -27.18 19.81
CA THR C 268 1.25 -26.92 20.52
C THR C 268 1.43 -27.04 22.02
N ILE C 269 2.30 -27.97 22.46
CA ILE C 269 2.48 -28.21 23.88
C ILE C 269 3.01 -26.98 24.60
N ILE C 270 3.89 -26.20 23.97
CA ILE C 270 4.39 -24.99 24.62
C ILE C 270 3.34 -23.88 24.58
N LYS C 271 2.56 -23.80 23.51
CA LYS C 271 1.51 -22.78 23.43
C LYS C 271 0.45 -23.03 24.49
N VAL C 272 0.12 -24.29 24.74
CA VAL C 272 -0.76 -24.62 25.85
C VAL C 272 -0.13 -24.23 27.17
N ILE C 273 1.14 -24.62 27.35
CA ILE C 273 1.89 -24.24 28.53
C ILE C 273 1.94 -22.72 28.66
N LYS C 274 2.15 -22.05 27.52
CA LYS C 274 2.21 -20.59 27.51
C LYS C 274 0.89 -19.98 27.96
N PHE C 275 -0.22 -20.55 27.51
CA PHE C 275 -1.53 -20.02 27.85
C PHE C 275 -1.77 -20.06 29.35
N ALA C 276 -1.29 -21.11 30.03
CA ALA C 276 -1.55 -21.26 31.45
C ALA C 276 -0.91 -20.14 32.25
N LEU C 277 0.26 -19.67 31.83
CA LEU C 277 0.98 -18.65 32.57
C LEU C 277 0.33 -17.28 32.41
N ILE C 278 -0.19 -16.99 31.22
CA ILE C 278 -0.81 -15.70 30.97
C ILE C 278 -1.98 -15.50 31.92
N ILE C 279 -2.75 -16.56 32.17
CA ILE C 279 -3.85 -16.47 33.12
C ILE C 279 -3.36 -16.46 34.55
N CYS C 280 -2.16 -16.99 34.82
CA CYS C 280 -1.68 -17.08 36.20
C CYS C 280 -1.37 -15.69 36.76
N TYR C 281 -0.70 -14.85 35.97
CA TYR C 281 -0.26 -13.54 36.46
C TYR C 281 -1.19 -12.41 36.05
N THR C 282 -1.82 -12.49 34.88
CA THR C 282 -2.55 -11.35 34.35
C THR C 282 -3.77 -11.04 35.22
N VAL C 283 -4.51 -12.08 35.60
CA VAL C 283 -5.59 -11.89 36.56
C VAL C 283 -5.04 -11.47 37.92
N TYR C 284 -3.82 -11.90 38.24
CA TYR C 284 -3.22 -11.60 39.53
C TYR C 284 -2.83 -10.13 39.68
N TYR C 285 -2.86 -9.36 38.60
CA TYR C 285 -2.51 -7.94 38.62
C TYR C 285 -3.52 -7.04 37.92
N VAL C 286 -4.57 -7.61 37.32
CA VAL C 286 -5.60 -6.76 36.69
C VAL C 286 -6.29 -5.91 37.74
N HIS C 287 -6.43 -6.42 38.96
CA HIS C 287 -6.94 -5.61 40.06
C HIS C 287 -6.05 -4.41 40.35
N ASN C 288 -4.76 -4.49 40.00
CA ASN C 288 -3.82 -3.46 40.39
C ASN C 288 -4.12 -2.12 39.73
N ILE C 289 -4.61 -2.13 38.51
CA ILE C 289 -4.88 -0.88 37.80
C ILE C 289 -6.17 -0.28 38.31
N LYS C 290 -6.23 1.05 38.36
CA LYS C 290 -7.42 1.72 38.87
C LYS C 290 -7.27 3.21 38.65
N PHE C 291 -8.42 3.88 38.49
CA PHE C 291 -8.44 5.30 38.19
C PHE C 291 -7.79 6.11 39.30
N ASP C 292 -8.37 6.08 40.50
CA ASP C 292 -7.89 6.91 41.60
C ASP C 292 -6.69 6.27 42.26
N VAL C 293 -5.63 7.06 42.43
CA VAL C 293 -4.41 6.60 43.09
C VAL C 293 -3.83 7.76 43.89
N ASP C 294 -3.10 7.41 44.94
CA ASP C 294 -2.40 8.37 45.78
C ASP C 294 -0.93 7.99 45.86
N CYS C 295 -0.07 8.99 45.78
CA CYS C 295 1.37 8.80 45.80
C CYS C 295 1.98 9.63 46.91
N THR C 296 2.93 9.04 47.62
CA THR C 296 3.75 9.73 48.62
C THR C 296 5.19 9.54 48.17
N VAL C 297 5.81 10.64 47.73
CA VAL C 297 7.02 10.57 46.90
C VAL C 297 8.19 11.33 47.48
N ASP C 298 8.01 12.07 48.57
CA ASP C 298 9.10 12.76 49.26
C ASP C 298 9.82 13.75 48.34
N ILE C 299 9.05 14.76 47.91
CA ILE C 299 9.64 15.94 47.30
C ILE C 299 8.94 17.17 47.86
N GLU C 300 9.56 17.76 48.89
CA GLU C 300 9.05 18.94 49.55
C GLU C 300 10.00 20.11 49.48
N SER C 301 11.28 19.85 49.18
CA SER C 301 12.21 20.92 48.85
C SER C 301 11.87 21.60 47.54
N LEU C 302 11.05 20.96 46.70
CA LEU C 302 10.78 21.42 45.34
C LEU C 302 9.36 21.93 45.17
N THR C 303 8.40 21.30 45.82
CA THR C 303 7.01 21.72 45.81
C THR C 303 6.59 22.30 47.15
N GLY C 304 6.94 21.62 48.23
CA GLY C 304 6.46 21.94 49.56
C GLY C 304 5.37 21.02 50.07
N TYR C 305 4.92 20.07 49.25
CA TYR C 305 3.97 19.04 49.64
C TYR C 305 4.63 17.68 49.52
N ARG C 306 4.11 16.72 50.27
CA ARG C 306 4.66 15.37 50.30
C ARG C 306 3.78 14.40 49.52
N THR C 307 2.50 14.33 49.89
CA THR C 307 1.58 13.35 49.34
C THR C 307 0.67 14.01 48.33
N TYR C 308 0.36 13.25 47.27
CA TYR C 308 -0.47 13.76 46.19
C TYR C 308 -1.41 12.67 45.72
N ARG C 309 -2.63 13.07 45.41
CA ARG C 309 -3.64 12.19 44.84
C ARG C 309 -3.68 12.40 43.34
N CYS C 310 -3.46 11.33 42.59
CA CYS C 310 -3.53 11.36 41.14
C CYS C 310 -4.74 10.60 40.64
N ALA C 311 -4.88 10.57 39.32
CA ALA C 311 -6.03 9.96 38.67
C ALA C 311 -5.58 9.47 37.31
N HIS C 312 -5.62 8.15 37.09
CA HIS C 312 -5.25 7.59 35.81
C HIS C 312 -6.50 7.50 34.93
N PRO C 313 -6.62 8.30 33.87
CA PRO C 313 -7.87 8.27 33.11
C PRO C 313 -8.09 6.99 32.32
N LEU C 314 -7.01 6.30 31.98
CA LEU C 314 -7.08 5.12 31.12
C LEU C 314 -7.16 3.81 31.89
N ALA C 315 -7.18 3.85 33.22
CA ALA C 315 -7.24 2.63 34.00
C ALA C 315 -8.48 1.82 33.69
N THR C 316 -9.58 2.50 33.34
CA THR C 316 -10.81 1.78 33.01
C THR C 316 -10.65 1.01 31.72
N LEU C 317 -10.32 1.73 30.63
CA LEU C 317 -10.24 1.12 29.31
C LEU C 317 -9.25 -0.04 29.28
N PHE C 318 -8.09 0.14 29.89
CA PHE C 318 -7.12 -0.95 29.95
C PHE C 318 -7.68 -2.14 30.74
N LYS C 319 -8.52 -1.88 31.73
CA LYS C 319 -9.21 -2.97 32.40
C LYS C 319 -10.15 -3.69 31.45
N ILE C 320 -10.77 -2.97 30.53
CA ILE C 320 -11.68 -3.60 29.58
C ILE C 320 -10.92 -4.49 28.63
N LEU C 321 -9.81 -3.98 28.07
CA LEU C 321 -9.02 -4.77 27.14
C LEU C 321 -8.48 -6.03 27.81
N ALA C 322 -8.08 -5.92 29.08
CA ALA C 322 -7.55 -7.08 29.79
C ALA C 322 -8.64 -8.14 29.98
N SER C 323 -9.79 -7.74 30.52
CA SER C 323 -10.90 -8.67 30.67
C SER C 323 -11.36 -9.19 29.32
N PHE C 324 -11.31 -8.35 28.30
CA PHE C 324 -11.63 -8.78 26.94
C PHE C 324 -10.56 -9.72 26.40
N TYR C 325 -9.29 -9.34 26.58
CA TYR C 325 -8.17 -10.14 26.10
C TYR C 325 -8.14 -11.49 26.78
N ILE C 326 -8.31 -11.50 28.10
CA ILE C 326 -8.30 -12.74 28.86
C ILE C 326 -9.41 -13.66 28.39
N SER C 327 -10.61 -13.11 28.22
CA SER C 327 -11.72 -13.90 27.67
C SER C 327 -11.38 -14.41 26.28
N LEU C 328 -10.68 -13.59 25.49
CA LEU C 328 -10.23 -14.01 24.17
C LEU C 328 -9.29 -15.21 24.28
N VAL C 329 -8.28 -15.08 25.13
CA VAL C 329 -7.21 -16.07 25.18
C VAL C 329 -7.71 -17.36 25.84
N ILE C 330 -8.75 -17.26 26.66
CA ILE C 330 -9.39 -18.47 27.19
C ILE C 330 -9.90 -19.32 26.04
N PHE C 331 -10.61 -18.71 25.10
CA PHE C 331 -11.07 -19.44 23.93
C PHE C 331 -9.90 -19.96 23.11
N TYR C 332 -8.81 -19.19 23.04
CA TYR C 332 -7.58 -19.70 22.46
C TYR C 332 -7.09 -20.94 23.19
N GLY C 333 -7.03 -20.87 24.52
CA GLY C 333 -6.44 -21.95 25.29
C GLY C 333 -7.20 -23.26 25.17
N LEU C 334 -8.50 -23.18 24.89
CA LEU C 334 -9.30 -24.40 24.75
C LEU C 334 -9.05 -25.05 23.39
N ILE C 335 -8.86 -24.23 22.35
CA ILE C 335 -8.58 -24.75 21.01
C ILE C 335 -7.34 -25.63 21.04
N CYS C 336 -6.23 -25.05 21.52
CA CYS C 336 -4.98 -25.80 21.58
C CYS C 336 -5.06 -26.98 22.53
N MET C 337 -5.91 -26.91 23.56
CA MET C 337 -6.10 -28.06 24.44
C MET C 337 -6.78 -29.20 23.70
N TYR C 338 -7.78 -28.89 22.88
CA TYR C 338 -8.58 -29.93 22.23
C TYR C 338 -7.74 -30.74 21.25
N THR C 339 -7.08 -30.04 20.31
CA THR C 339 -6.26 -30.71 19.32
C THR C 339 -5.13 -31.52 19.96
N LEU C 340 -4.65 -31.09 21.13
CA LEU C 340 -3.59 -31.82 21.82
C LEU C 340 -4.11 -33.17 22.31
N TRP C 341 -5.21 -33.16 23.06
CA TRP C 341 -5.89 -34.40 23.43
C TRP C 341 -6.15 -35.27 22.21
N TRP C 342 -6.59 -34.67 21.12
CA TRP C 342 -6.79 -35.39 19.88
C TRP C 342 -5.48 -35.98 19.36
N MET C 343 -4.38 -35.24 19.50
CA MET C 343 -3.07 -35.78 19.14
C MET C 343 -2.62 -36.90 20.07
N LEU C 344 -3.15 -36.96 21.28
CA LEU C 344 -2.77 -37.97 22.26
C LEU C 344 -3.68 -39.19 22.21
N ARG C 345 -4.99 -38.96 22.17
CA ARG C 345 -5.95 -40.04 22.14
C ARG C 345 -5.76 -40.92 20.92
N ARG C 346 -5.48 -40.30 19.77
CA ARG C 346 -5.66 -40.95 18.49
C ARG C 346 -4.43 -41.72 18.01
N SER C 347 -3.25 -41.49 18.59
CA SER C 347 -2.04 -42.25 18.25
C SER C 347 -1.69 -42.09 16.77
N LEU C 348 -1.32 -40.85 16.42
CA LEU C 348 -1.21 -40.41 15.03
C LEU C 348 0.05 -40.89 14.32
N LYS C 349 0.97 -41.59 14.98
CA LYS C 349 2.15 -42.09 14.29
C LYS C 349 1.76 -43.04 13.16
N LYS C 350 0.70 -43.82 13.36
CA LYS C 350 0.21 -44.79 12.39
C LYS C 350 -1.20 -44.41 11.97
N TYR C 351 -1.56 -44.80 10.75
CA TYR C 351 -2.91 -44.61 10.24
C TYR C 351 -3.49 -45.96 9.82
N SER C 352 -4.77 -46.16 10.12
CA SER C 352 -5.49 -47.38 9.73
C SER C 352 -6.20 -47.14 8.40
N PHE C 353 -5.67 -47.75 7.34
CA PHE C 353 -6.33 -47.78 6.05
C PHE C 353 -7.52 -48.74 6.01
N GLU C 354 -7.76 -49.49 7.09
CA GLU C 354 -8.55 -50.71 6.99
C GLU C 354 -10.02 -50.41 6.67
N SER C 355 -10.47 -49.19 6.91
CA SER C 355 -11.84 -48.82 6.54
C SER C 355 -11.95 -48.56 5.04
N ILE C 356 -10.96 -47.87 4.47
CA ILE C 356 -11.01 -47.55 3.04
C ILE C 356 -10.91 -48.81 2.21
N ARG C 357 -10.10 -49.78 2.65
CA ARG C 357 -9.81 -50.94 1.81
C ARG C 357 -11.03 -51.83 1.64
N GLU C 358 -11.98 -51.74 2.57
CA GLU C 358 -13.27 -52.40 2.38
C GLU C 358 -13.98 -51.85 1.15
N GLU C 359 -14.12 -50.53 1.07
CA GLU C 359 -14.87 -49.93 -0.03
C GLU C 359 -14.14 -50.09 -1.35
N SER C 360 -12.85 -49.75 -1.40
CA SER C 360 -12.09 -49.89 -2.64
C SER C 360 -11.95 -51.35 -3.05
N SER C 361 -12.13 -52.29 -2.12
CA SER C 361 -12.00 -53.71 -2.41
C SER C 361 -10.58 -54.06 -2.83
N TYR C 362 -9.61 -53.42 -2.19
CA TYR C 362 -8.18 -53.65 -2.43
C TYR C 362 -7.58 -54.28 -1.19
N SER C 363 -7.29 -55.58 -1.27
CA SER C 363 -6.68 -56.28 -0.14
C SER C 363 -5.19 -56.02 -0.03
N ASP C 364 -4.54 -55.59 -1.10
CA ASP C 364 -3.12 -55.25 -1.10
C ASP C 364 -2.99 -53.74 -0.97
N ILE C 365 -2.91 -53.28 0.28
CA ILE C 365 -2.62 -51.88 0.55
C ILE C 365 -2.00 -51.79 1.94
N PRO C 366 -0.79 -51.22 2.09
CA PRO C 366 -0.15 -51.24 3.41
C PRO C 366 -0.55 -50.04 4.25
N ASP C 367 -0.37 -50.20 5.56
CA ASP C 367 -0.53 -49.10 6.50
C ASP C 367 0.79 -48.33 6.63
N VAL C 368 0.70 -47.20 7.30
CA VAL C 368 1.86 -46.34 7.54
C VAL C 368 2.52 -46.78 8.84
N LYS C 369 3.76 -46.32 9.06
CA LYS C 369 4.47 -46.53 10.31
C LYS C 369 4.65 -45.24 11.11
N ASN C 370 5.22 -44.20 10.50
CA ASN C 370 5.62 -43.02 11.26
C ASN C 370 5.92 -41.82 10.37
N ASP C 371 5.39 -40.65 10.74
CA ASP C 371 5.65 -39.35 10.13
C ASP C 371 4.97 -39.19 8.78
N PHE C 372 4.34 -40.22 8.23
CA PHE C 372 3.61 -40.15 6.98
C PHE C 372 2.12 -40.41 7.17
N ALA C 373 1.74 -41.03 8.29
CA ALA C 373 0.35 -41.15 8.69
C ALA C 373 -0.12 -39.92 9.44
N PHE C 374 0.80 -39.26 10.14
CA PHE C 374 0.47 -38.03 10.83
C PHE C 374 0.03 -36.95 9.84
N MET C 375 0.87 -36.67 8.84
CA MET C 375 0.49 -35.78 7.76
C MET C 375 -0.74 -36.31 7.03
N LEU C 376 -0.89 -37.63 6.94
CA LEU C 376 -2.12 -38.19 6.40
C LEU C 376 -3.28 -37.93 7.36
N HIS C 377 -3.03 -38.12 8.66
CA HIS C 377 -4.06 -37.87 9.67
C HIS C 377 -4.52 -36.42 9.61
N LEU C 378 -3.59 -35.53 9.33
CA LEU C 378 -3.92 -34.11 9.18
C LEU C 378 -4.88 -33.88 8.03
N ILE C 379 -4.44 -34.23 6.82
CA ILE C 379 -5.22 -33.91 5.61
C ILE C 379 -6.55 -34.64 5.62
N ASP C 380 -6.60 -35.79 6.30
CA ASP C 380 -7.88 -36.42 6.58
C ASP C 380 -8.82 -35.48 7.31
N GLN C 381 -8.26 -34.64 8.20
CA GLN C 381 -9.09 -33.68 8.92
C GLN C 381 -9.66 -32.64 7.97
N TYR C 382 -8.88 -32.19 6.99
CA TYR C 382 -9.43 -31.33 5.96
C TYR C 382 -10.55 -32.03 5.21
N ASP C 383 -10.24 -33.20 4.63
CA ASP C 383 -11.28 -34.07 4.08
C ASP C 383 -10.70 -35.47 3.95
N PRO C 384 -11.55 -36.50 3.95
CA PRO C 384 -11.07 -37.86 3.66
C PRO C 384 -10.88 -38.13 2.17
N LEU C 385 -11.29 -37.21 1.30
CA LEU C 385 -11.27 -37.45 -0.14
C LEU C 385 -9.85 -37.69 -0.65
N TYR C 386 -8.95 -36.74 -0.37
CA TYR C 386 -7.58 -36.83 -0.88
C TYR C 386 -6.90 -38.11 -0.43
N SER C 387 -7.20 -38.56 0.79
CA SER C 387 -6.67 -39.84 1.25
C SER C 387 -7.23 -40.99 0.43
N LYS C 388 -8.49 -40.87 0.00
CA LYS C 388 -9.12 -41.93 -0.76
C LYS C 388 -8.49 -42.07 -2.14
N ARG C 389 -8.30 -40.95 -2.83
CA ARG C 389 -7.63 -40.96 -4.12
C ARG C 389 -6.20 -41.46 -4.01
N PHE C 390 -5.61 -41.41 -2.82
CA PHE C 390 -4.23 -41.81 -2.62
C PHE C 390 -4.07 -43.31 -2.41
N ALA C 391 -5.13 -44.01 -2.05
CA ALA C 391 -5.05 -45.46 -1.88
C ALA C 391 -4.66 -46.15 -3.19
N VAL C 392 -5.04 -45.57 -4.32
CA VAL C 392 -4.86 -46.28 -5.58
C VAL C 392 -3.41 -46.24 -6.03
N PHE C 393 -2.73 -45.10 -5.86
CA PHE C 393 -1.34 -45.00 -6.26
C PHE C 393 -0.41 -45.79 -5.35
N LEU C 394 -0.89 -46.18 -4.17
CA LEU C 394 -0.11 -46.94 -3.21
C LEU C 394 -0.22 -48.44 -3.39
N SER C 395 -1.37 -48.94 -3.82
CA SER C 395 -1.58 -50.38 -3.95
C SER C 395 -0.74 -50.92 -5.09
N GLU C 396 -0.06 -52.04 -4.84
CA GLU C 396 0.78 -52.64 -5.87
C GLU C 396 -0.05 -53.27 -6.97
N VAL C 397 -1.18 -53.89 -6.62
CA VAL C 397 -2.05 -54.46 -7.64
C VAL C 397 -2.64 -53.35 -8.51
N SER C 398 -2.85 -52.15 -7.95
CA SER C 398 -3.27 -51.02 -8.77
C SER C 398 -2.21 -50.67 -9.81
N GLU C 399 -0.94 -50.65 -9.39
CA GLU C 399 0.15 -50.56 -10.36
C GLU C 399 0.12 -51.74 -11.32
N ASN C 400 -0.11 -52.94 -10.77
CA ASN C 400 -0.19 -54.14 -11.61
C ASN C 400 -1.30 -54.01 -12.64
N LYS C 401 -2.44 -53.45 -12.23
CA LYS C 401 -3.52 -53.19 -13.17
C LYS C 401 -3.06 -52.23 -14.26
N LEU C 402 -2.39 -51.15 -13.87
CA LEU C 402 -1.80 -50.25 -14.85
C LEU C 402 -0.75 -50.98 -15.68
N ARG C 403 0.13 -51.74 -15.00
CA ARG C 403 1.22 -52.41 -15.70
C ARG C 403 0.70 -53.38 -16.75
N GLN C 404 -0.41 -54.05 -16.47
CA GLN C 404 -1.05 -54.90 -17.47
C GLN C 404 -1.61 -54.06 -18.61
N LEU C 405 -2.31 -52.98 -18.28
CA LEU C 405 -2.84 -52.08 -19.29
C LEU C 405 -1.74 -51.33 -20.03
N ASN C 406 -0.60 -51.11 -19.38
CA ASN C 406 0.51 -50.43 -20.03
C ASN C 406 1.25 -51.37 -20.98
N LEU C 407 1.48 -52.61 -20.53
CA LEU C 407 2.02 -53.63 -21.42
C LEU C 407 1.12 -53.85 -22.63
N ASN C 408 -0.20 -53.77 -22.44
CA ASN C 408 -1.16 -54.05 -23.49
C ASN C 408 -1.28 -52.84 -24.44
N PRO D 15 13.72 -14.34 -6.81
CA PRO D 15 13.77 -15.72 -7.29
C PRO D 15 13.56 -16.74 -6.17
N ALA D 16 13.94 -18.00 -6.41
CA ALA D 16 13.74 -19.07 -5.44
C ALA D 16 15.00 -19.22 -4.59
N TYR D 17 15.36 -18.13 -3.94
CA TYR D 17 16.52 -18.08 -3.07
C TYR D 17 16.19 -18.54 -1.64
N ARG D 18 14.98 -19.04 -1.40
CA ARG D 18 14.68 -19.63 -0.09
C ARG D 18 15.56 -20.84 0.18
N ILE D 19 15.95 -21.56 -0.88
CA ILE D 19 16.87 -22.68 -0.73
C ILE D 19 18.21 -22.19 -0.23
N LEU D 20 18.57 -20.95 -0.56
CA LEU D 20 19.95 -20.51 -0.37
C LEU D 20 20.24 -20.11 1.07
N LYS D 21 19.22 -20.11 1.93
CA LYS D 21 19.35 -19.60 3.29
C LYS D 21 19.14 -20.74 4.28
N PRO D 22 20.17 -21.25 4.95
CA PRO D 22 19.93 -22.26 5.99
C PRO D 22 19.18 -21.66 7.17
N TRP D 23 18.83 -22.53 8.11
CA TRP D 23 18.07 -22.09 9.28
C TRP D 23 18.81 -21.02 10.06
N TRP D 24 20.14 -21.09 10.09
CA TRP D 24 20.91 -20.03 10.75
C TRP D 24 20.83 -18.71 10.00
N ASP D 25 20.48 -18.72 8.72
CA ASP D 25 20.24 -17.50 7.97
C ASP D 25 18.78 -17.04 8.05
N VAL D 26 17.87 -17.92 8.42
CA VAL D 26 16.45 -17.58 8.42
C VAL D 26 16.03 -16.94 9.73
N PHE D 27 16.45 -17.50 10.86
CA PHE D 27 16.27 -16.79 12.12
C PHE D 27 16.99 -15.45 12.06
N THR D 28 18.20 -15.46 11.50
CA THR D 28 18.97 -14.24 11.31
C THR D 28 18.19 -13.21 10.50
N ASP D 29 17.39 -13.67 9.55
CA ASP D 29 16.58 -12.74 8.76
C ASP D 29 15.56 -12.03 9.65
N TYR D 30 14.89 -12.78 10.53
CA TYR D 30 13.80 -12.23 11.32
C TYR D 30 14.28 -11.57 12.59
N ILE D 31 15.40 -12.03 13.17
CA ILE D 31 16.03 -11.28 14.25
C ILE D 31 16.45 -9.92 13.75
N SER D 32 16.81 -9.82 12.47
CA SER D 32 17.13 -8.54 11.85
C SER D 32 15.89 -7.81 11.34
N ILE D 33 14.71 -8.17 11.84
CA ILE D 33 13.47 -7.44 11.55
C ILE D 33 12.90 -6.81 12.82
N VAL D 34 12.79 -7.60 13.89
CA VAL D 34 12.33 -7.02 15.14
C VAL D 34 13.38 -6.07 15.71
N MET D 35 14.66 -6.34 15.45
CA MET D 35 15.71 -5.37 15.73
C MET D 35 15.39 -4.02 15.08
N LEU D 36 14.88 -4.05 13.86
CA LEU D 36 14.43 -2.83 13.20
C LEU D 36 13.22 -2.24 13.92
N MET D 37 12.27 -3.09 14.30
CA MET D 37 10.99 -2.60 14.79
C MET D 37 11.13 -1.85 16.10
N ILE D 38 12.11 -2.22 16.92
CA ILE D 38 12.37 -1.46 18.14
C ILE D 38 13.21 -0.22 17.84
N ALA D 39 14.09 -0.30 16.84
CA ALA D 39 14.88 0.85 16.45
C ALA D 39 13.99 1.97 15.93
N VAL D 40 13.02 1.62 15.09
CA VAL D 40 12.08 2.62 14.58
C VAL D 40 11.10 3.04 15.67
N PHE D 41 10.65 2.08 16.49
CA PHE D 41 9.68 2.40 17.53
C PHE D 41 10.29 3.30 18.60
N GLY D 42 11.58 3.13 18.88
CA GLY D 42 12.24 4.04 19.80
C GLY D 42 12.53 5.39 19.20
N GLY D 43 12.83 5.44 17.90
CA GLY D 43 13.16 6.68 17.24
C GLY D 43 11.96 7.57 17.07
N THR D 44 10.89 7.00 16.49
CA THR D 44 9.63 7.72 16.36
C THR D 44 9.09 8.17 17.71
N LEU D 45 9.41 7.43 18.77
CA LEU D 45 9.09 7.87 20.12
C LEU D 45 10.01 9.00 20.57
N GLN D 46 11.31 8.87 20.29
CA GLN D 46 12.29 9.87 20.69
C GLN D 46 11.96 11.23 20.07
N VAL D 47 11.83 11.27 18.74
CA VAL D 47 11.47 12.51 18.06
C VAL D 47 10.18 13.12 18.56
N THR D 48 9.28 12.29 19.11
CA THR D 48 7.97 12.79 19.52
C THR D 48 8.09 13.75 20.68
N GLN D 49 8.62 13.31 21.84
CA GLN D 49 8.92 14.22 22.94
C GLN D 49 10.42 14.25 23.28
N ASP D 50 11.01 13.12 23.69
CA ASP D 50 12.36 13.05 24.31
C ASP D 50 12.68 14.30 25.13
N LYS D 51 11.84 14.57 26.11
CA LYS D 51 11.89 15.82 26.87
C LYS D 51 12.21 15.55 28.33
N MET D 52 12.48 16.64 29.05
CA MET D 52 12.85 16.60 30.45
C MET D 52 12.11 17.70 31.19
N ILE D 53 12.12 17.63 32.51
CA ILE D 53 11.44 18.59 33.37
C ILE D 53 12.46 19.04 34.41
N CYS D 54 13.18 20.11 34.10
CA CYS D 54 14.26 20.61 34.94
C CYS D 54 13.73 21.62 35.94
N LEU D 55 14.02 21.39 37.21
CA LEU D 55 13.63 22.25 38.32
C LEU D 55 14.85 22.71 39.08
N PRO D 56 14.86 23.94 39.60
CA PRO D 56 16.05 24.42 40.32
C PRO D 56 16.17 23.78 41.69
N CYS D 57 17.19 24.21 42.44
CA CYS D 57 17.36 23.79 43.82
C CYS D 57 17.88 24.99 44.60
N LYS D 58 17.10 25.45 45.56
CA LYS D 58 17.43 26.69 46.26
C LYS D 58 18.64 26.52 47.15
N TRP D 59 18.55 25.62 48.13
CA TRP D 59 19.67 25.32 49.01
C TRP D 59 20.53 24.29 48.30
N VAL D 60 21.64 24.73 47.74
CA VAL D 60 22.58 23.86 47.06
C VAL D 60 23.81 23.71 47.93
N THR D 61 24.35 22.49 47.93
CA THR D 61 25.64 22.19 48.53
C THR D 61 26.37 21.30 47.54
N LYS D 62 27.68 21.51 47.41
CA LYS D 62 28.52 20.73 46.50
C LYS D 62 28.12 20.96 45.04
N ASP D 63 27.38 22.04 44.75
CA ASP D 63 26.64 22.17 43.49
C ASP D 63 25.70 20.98 43.32
N SER D 64 25.06 20.60 44.43
CA SER D 64 24.06 19.54 44.47
C SER D 64 22.91 20.02 45.34
N CYS D 65 21.72 19.50 45.07
CA CYS D 65 20.55 19.89 45.85
C CYS D 65 20.75 19.49 47.30
N ASN D 66 20.93 20.48 48.18
CA ASN D 66 21.21 20.22 49.58
C ASN D 66 20.03 19.53 50.27
N ASP D 67 18.82 19.64 49.71
CA ASP D 67 17.64 18.99 50.28
C ASP D 67 17.35 19.48 51.69
N SER D 68 17.56 20.78 51.91
CA SER D 68 17.38 21.40 53.21
C SER D 68 15.98 21.99 53.34
N THR D 92 0.59 27.21 58.89
CA THR D 92 0.77 25.91 59.52
C THR D 92 0.98 24.82 58.47
N GLY D 93 -0.08 24.52 57.74
CA GLY D 93 -0.04 23.49 56.73
C GLY D 93 0.98 23.78 55.65
N PRO D 94 1.28 22.80 54.82
CA PRO D 94 2.30 22.99 53.78
C PRO D 94 1.76 23.81 52.63
N THR D 95 2.69 24.42 51.89
CA THR D 95 2.34 25.30 50.79
C THR D 95 3.34 25.14 49.67
N GLY D 96 2.96 25.61 48.49
CA GLY D 96 3.81 25.48 47.33
C GLY D 96 5.00 26.42 47.39
N ILE D 97 6.11 25.92 46.88
CA ILE D 97 7.31 26.72 46.71
C ILE D 97 7.19 27.48 45.40
N LYS D 98 7.80 28.65 45.35
CA LYS D 98 7.79 29.49 44.16
C LYS D 98 9.22 29.86 43.80
N TYR D 99 9.58 29.60 42.56
CA TYR D 99 10.82 30.10 41.98
C TYR D 99 10.61 31.32 41.12
N ASP D 100 9.37 31.74 40.89
CA ASP D 100 9.06 32.97 40.16
C ASP D 100 9.60 32.93 38.73
N LEU D 101 9.09 31.96 37.97
CA LEU D 101 9.57 31.72 36.62
C LEU D 101 8.42 31.40 35.67
N ASP D 102 8.53 31.89 34.45
CA ASP D 102 7.55 31.69 33.40
C ASP D 102 7.86 30.44 32.58
N ARG D 103 7.00 30.18 31.60
CA ARG D 103 7.00 28.90 30.91
C ARG D 103 8.22 28.72 30.02
N HIS D 104 8.65 29.78 29.35
CA HIS D 104 9.65 29.62 28.30
C HIS D 104 11.03 29.36 28.88
N GLN D 105 11.45 30.17 29.85
CA GLN D 105 12.73 29.92 30.49
C GLN D 105 12.72 28.58 31.22
N TYR D 106 11.54 28.13 31.65
CA TYR D 106 11.39 26.74 32.07
C TYR D 106 11.62 25.79 30.90
N ASN D 107 11.16 26.17 29.70
CA ASN D 107 11.44 25.36 28.53
C ASN D 107 12.89 25.50 28.11
N TYR D 108 13.45 26.70 28.27
CA TYR D 108 14.83 26.96 27.90
C TYR D 108 15.78 26.06 28.68
N VAL D 109 15.64 26.09 30.01
CA VAL D 109 16.52 25.32 30.88
C VAL D 109 16.41 23.84 30.59
N ASP D 110 15.22 23.37 30.20
CA ASP D 110 15.06 21.95 29.87
C ASP D 110 15.90 21.58 28.67
N ALA D 111 16.03 22.49 27.70
CA ALA D 111 16.84 22.21 26.52
C ALA D 111 18.30 22.07 26.88
N VAL D 112 18.82 22.96 27.72
CA VAL D 112 20.25 23.02 27.97
C VAL D 112 20.71 21.80 28.75
N CYS D 113 20.04 21.51 29.87
CA CYS D 113 20.34 20.31 30.63
C CYS D 113 20.15 19.06 29.79
N TYR D 114 19.16 19.08 28.89
CA TYR D 114 19.04 18.03 27.90
C TYR D 114 20.18 18.07 26.90
N GLU D 115 20.57 19.28 26.48
CA GLU D 115 21.58 19.42 25.44
C GLU D 115 22.93 18.90 25.89
N ASN D 116 23.35 19.27 27.10
CA ASN D 116 24.74 19.15 27.53
C ASN D 116 24.93 18.15 28.65
N ARG D 117 24.06 18.18 29.66
CA ARG D 117 24.17 17.29 30.80
C ARG D 117 23.37 16.01 30.61
N LEU D 118 23.17 15.59 29.36
CA LEU D 118 22.60 14.28 29.05
C LEU D 118 23.54 13.53 28.11
N HIS D 119 23.56 12.22 28.26
CA HIS D 119 24.45 11.39 27.48
C HIS D 119 23.95 11.26 26.05
N TRP D 120 24.89 11.35 25.09
CA TRP D 120 24.56 11.09 23.69
C TRP D 120 23.91 9.72 23.53
N PHE D 121 24.31 8.75 24.35
CA PHE D 121 23.79 7.40 24.20
C PHE D 121 22.31 7.34 24.51
N ALA D 122 21.85 8.11 25.49
CA ALA D 122 20.44 8.11 25.84
C ALA D 122 19.60 8.70 24.72
N LYS D 123 20.17 9.62 23.95
CA LYS D 123 19.40 10.38 22.97
C LYS D 123 19.39 9.71 21.60
N TYR D 124 20.50 9.11 21.21
CA TYR D 124 20.68 8.56 19.87
C TYR D 124 20.59 7.04 19.86
N PHE D 125 20.08 6.43 20.93
CA PHE D 125 19.96 4.97 20.99
C PHE D 125 19.14 4.38 19.86
N PRO D 126 17.92 4.85 19.57
CA PRO D 126 17.15 4.21 18.50
C PRO D 126 17.76 4.44 17.13
N TYR D 127 18.40 5.58 16.93
CA TYR D 127 19.06 5.87 15.66
C TYR D 127 20.34 5.08 15.49
N LEU D 128 20.83 4.41 16.53
CA LEU D 128 22.09 3.71 16.50
C LEU D 128 21.91 2.25 16.11
N VAL D 129 21.00 1.54 16.78
CA VAL D 129 20.79 0.14 16.46
C VAL D 129 20.17 -0.01 15.09
N LEU D 130 19.36 0.97 14.66
CA LEU D 130 18.86 1.00 13.30
C LEU D 130 20.01 0.94 12.30
N LEU D 131 21.00 1.80 12.50
CA LEU D 131 22.21 1.75 11.68
C LEU D 131 22.80 0.35 11.68
N HIS D 132 22.97 -0.23 12.87
CA HIS D 132 23.50 -1.57 12.97
C HIS D 132 22.56 -2.59 12.34
N THR D 133 21.25 -2.36 12.43
CA THR D 133 20.29 -3.27 11.84
C THR D 133 20.43 -3.33 10.34
N LEU D 134 20.80 -2.21 9.71
CA LEU D 134 20.93 -2.18 8.26
C LEU D 134 22.18 -2.93 7.80
N ILE D 135 23.25 -2.89 8.59
CA ILE D 135 24.50 -3.54 8.20
C ILE D 135 24.29 -5.05 8.09
N PHE D 136 23.66 -5.63 9.10
CA PHE D 136 23.40 -7.05 9.11
C PHE D 136 22.53 -7.48 7.93
N LEU D 137 21.68 -6.57 7.43
CA LEU D 137 20.97 -6.83 6.19
C LEU D 137 21.90 -6.66 5.00
N ALA D 138 22.67 -5.57 4.96
CA ALA D 138 23.58 -5.35 3.84
C ALA D 138 24.65 -6.42 3.80
N CYS D 139 25.06 -6.91 4.95
CA CYS D 139 25.99 -8.02 5.04
C CYS D 139 25.31 -9.38 4.90
N SER D 140 24.13 -9.45 4.29
CA SER D 140 23.62 -10.68 3.71
C SER D 140 23.32 -10.56 2.23
N ASN D 141 22.61 -9.51 1.83
CA ASN D 141 22.20 -9.39 0.44
C ASN D 141 23.34 -8.98 -0.48
N PHE D 142 24.43 -8.42 0.06
CA PHE D 142 25.63 -8.18 -0.73
C PHE D 142 26.08 -9.43 -1.47
N TRP D 143 26.05 -10.57 -0.77
CA TRP D 143 26.33 -11.86 -1.38
C TRP D 143 25.44 -12.12 -2.59
N PHE D 144 24.12 -12.08 -2.39
CA PHE D 144 23.17 -12.26 -3.48
C PHE D 144 23.30 -11.19 -4.56
N LYS D 145 23.70 -9.98 -4.19
CA LYS D 145 23.64 -8.84 -5.10
C LYS D 145 24.94 -8.57 -5.83
N PHE D 146 26.06 -9.10 -5.35
CA PHE D 146 27.32 -8.86 -6.03
C PHE D 146 27.31 -9.60 -7.36
N PRO D 147 27.61 -8.92 -8.48
CA PRO D 147 27.30 -9.52 -9.78
C PRO D 147 28.21 -10.67 -10.17
N ARG D 148 29.51 -10.57 -9.84
CA ARG D 148 30.45 -11.61 -10.21
C ARG D 148 30.07 -12.96 -9.63
N THR D 149 29.33 -12.96 -8.52
CA THR D 149 28.79 -14.17 -7.91
C THR D 149 27.33 -14.39 -8.26
N SER D 150 26.53 -13.32 -8.25
CA SER D 150 25.09 -13.44 -8.45
C SER D 150 24.75 -14.13 -9.77
N SER D 151 25.63 -14.00 -10.77
CA SER D 151 25.49 -14.82 -11.96
C SER D 151 25.73 -16.30 -11.64
N LYS D 152 26.78 -16.58 -10.86
CA LYS D 152 27.07 -17.97 -10.48
C LYS D 152 25.92 -18.57 -9.68
N LEU D 153 25.35 -17.79 -8.76
CA LEU D 153 24.22 -18.28 -7.97
C LEU D 153 23.02 -18.53 -8.88
N GLU D 154 22.65 -17.53 -9.67
CA GLU D 154 21.51 -17.67 -10.57
C GLU D 154 21.72 -18.75 -11.60
N HIS D 155 22.98 -19.09 -11.90
CA HIS D 155 23.27 -20.22 -12.77
C HIS D 155 23.15 -21.53 -12.00
N PHE D 156 23.75 -21.59 -10.81
CA PHE D 156 23.74 -22.82 -10.01
C PHE D 156 22.32 -23.25 -9.71
N VAL D 157 21.45 -22.31 -9.35
CA VAL D 157 20.06 -22.64 -9.08
C VAL D 157 19.35 -23.08 -10.36
N SER D 158 19.61 -22.38 -11.48
CA SER D 158 18.82 -22.58 -12.69
C SER D 158 18.99 -24.00 -13.22
N ILE D 159 20.22 -24.52 -13.16
CA ILE D 159 20.47 -25.88 -13.62
C ILE D 159 19.88 -26.90 -12.66
N LEU D 160 19.83 -26.59 -11.37
CA LEU D 160 19.47 -27.59 -10.38
C LEU D 160 17.98 -27.88 -10.39
N LEU D 161 17.17 -26.87 -10.69
CA LEU D 161 15.73 -27.12 -10.87
C LEU D 161 15.50 -28.11 -11.98
N LYS D 162 16.10 -27.85 -13.15
CA LYS D 162 15.96 -28.75 -14.29
C LYS D 162 16.46 -30.14 -13.96
N CYS D 163 17.62 -30.23 -13.31
CA CYS D 163 18.13 -31.53 -12.87
C CYS D 163 17.18 -32.16 -11.87
N PHE D 164 16.63 -31.36 -10.95
CA PHE D 164 15.61 -31.87 -10.05
C PHE D 164 14.36 -32.29 -10.81
N ASP D 165 14.03 -31.59 -11.90
CA ASP D 165 12.77 -31.84 -12.61
C ASP D 165 12.92 -32.83 -13.76
N SER D 166 14.14 -33.30 -14.04
CA SER D 166 14.39 -34.14 -15.21
C SER D 166 13.61 -35.45 -15.09
N PRO D 167 12.83 -35.85 -16.09
CA PRO D 167 12.25 -37.20 -16.03
C PRO D 167 13.27 -38.32 -16.11
N TRP D 168 14.40 -38.11 -16.81
CA TRP D 168 15.28 -39.23 -17.10
C TRP D 168 16.01 -39.72 -15.85
N THR D 169 16.34 -38.80 -14.95
CA THR D 169 16.97 -39.21 -13.69
C THR D 169 16.08 -40.16 -12.92
N THR D 170 14.76 -40.05 -13.08
CA THR D 170 13.83 -40.96 -12.42
C THR D 170 14.11 -42.39 -12.82
N ARG D 171 14.47 -42.60 -14.08
CA ARG D 171 14.93 -43.91 -14.54
C ARG D 171 16.34 -44.20 -14.03
N ALA D 172 17.25 -43.26 -14.25
CA ALA D 172 18.66 -43.50 -13.97
C ALA D 172 18.93 -43.59 -12.48
N LEU D 173 18.08 -42.98 -11.64
CA LEU D 173 18.28 -43.06 -10.20
C LEU D 173 18.06 -44.46 -9.66
N SER D 174 17.35 -45.31 -10.39
CA SER D 174 17.15 -46.69 -9.98
C SER D 174 18.39 -47.53 -10.28
N ASP D 233 10.84 -40.38 -24.28
CA ASP D 233 12.03 -41.09 -23.87
C ASP D 233 13.25 -40.55 -24.63
N LYS D 234 13.22 -40.64 -25.96
CA LYS D 234 14.35 -40.18 -26.76
C LYS D 234 14.42 -38.66 -26.78
N LYS D 235 13.27 -37.99 -26.93
CA LYS D 235 13.24 -36.54 -26.82
C LYS D 235 13.80 -36.08 -25.49
N GLU D 236 13.43 -36.80 -24.43
CA GLU D 236 13.95 -36.54 -23.10
C GLU D 236 15.46 -36.74 -23.07
N GLY D 237 15.95 -37.69 -23.88
CA GLY D 237 17.39 -37.93 -23.96
C GLY D 237 18.14 -36.78 -24.58
N GLU D 238 17.56 -36.14 -25.60
CA GLU D 238 18.17 -34.95 -26.17
C GLU D 238 18.21 -33.84 -25.12
N GLN D 239 17.09 -33.64 -24.43
CA GLN D 239 17.05 -32.69 -23.33
C GLN D 239 18.05 -33.06 -22.25
N ALA D 240 18.12 -34.36 -21.91
CA ALA D 240 19.03 -34.82 -20.88
C ALA D 240 20.48 -34.56 -21.27
N LYS D 241 20.89 -35.04 -22.44
CA LYS D 241 22.26 -34.85 -22.88
C LYS D 241 22.58 -33.37 -23.09
N ALA D 242 21.59 -32.59 -23.53
CA ALA D 242 21.78 -31.15 -23.63
C ALA D 242 22.22 -30.57 -22.30
N LEU D 243 21.70 -31.13 -21.20
CA LEU D 243 22.04 -30.66 -19.86
C LEU D 243 23.37 -31.22 -19.40
N PHE D 244 23.74 -32.42 -19.86
CA PHE D 244 25.04 -32.99 -19.53
C PHE D 244 26.18 -32.08 -19.97
N GLU D 245 25.99 -31.36 -21.07
CA GLU D 245 27.06 -30.56 -21.65
C GLU D 245 27.29 -29.28 -20.85
N LYS D 246 26.24 -28.47 -20.72
CA LYS D 246 26.34 -27.24 -19.92
C LYS D 246 26.74 -27.54 -18.49
N VAL D 247 26.34 -28.70 -17.95
CA VAL D 247 26.83 -29.13 -16.65
C VAL D 247 28.35 -29.27 -16.69
N LYS D 248 28.87 -29.90 -17.74
CA LYS D 248 30.32 -30.04 -17.88
C LYS D 248 30.98 -28.67 -18.03
N LYS D 249 30.36 -27.78 -18.79
CA LYS D 249 30.91 -26.43 -18.93
C LYS D 249 30.76 -25.64 -17.64
N PHE D 250 29.60 -25.71 -17.01
CA PHE D 250 29.42 -25.12 -15.69
C PHE D 250 30.42 -25.69 -14.70
N ARG D 251 30.61 -27.02 -14.70
CA ARG D 251 31.61 -27.64 -13.84
C ARG D 251 32.99 -27.02 -14.02
N THR D 252 33.35 -26.65 -15.24
CA THR D 252 34.63 -26.03 -15.52
C THR D 252 34.60 -24.52 -15.35
N HIS D 253 33.46 -23.90 -15.67
CA HIS D 253 33.39 -22.44 -15.66
C HIS D 253 33.52 -21.88 -14.25
N VAL D 254 32.81 -22.47 -13.28
CA VAL D 254 32.75 -21.89 -11.94
C VAL D 254 33.74 -22.50 -10.96
N GLU D 255 34.20 -23.73 -11.21
CA GLU D 255 35.13 -24.36 -10.28
C GLU D 255 36.48 -23.65 -10.26
N GLU D 256 36.76 -22.85 -11.29
CA GLU D 256 37.98 -22.06 -11.32
C GLU D 256 38.04 -21.08 -10.15
N GLY D 257 37.05 -20.19 -10.06
CA GLY D 257 37.09 -19.15 -9.05
C GLY D 257 36.97 -19.70 -7.64
N ASP D 258 37.18 -18.80 -6.68
CA ASP D 258 36.94 -19.09 -5.27
C ASP D 258 36.35 -17.88 -4.54
N ILE D 259 35.80 -16.93 -5.29
CA ILE D 259 35.31 -15.69 -4.69
C ILE D 259 34.06 -15.89 -3.85
N VAL D 260 33.19 -16.83 -4.21
CA VAL D 260 31.92 -16.99 -3.51
C VAL D 260 32.16 -17.43 -2.08
N TYR D 261 32.97 -18.47 -1.90
CA TYR D 261 33.33 -18.92 -0.56
C TYR D 261 34.05 -17.81 0.20
N ARG D 262 34.85 -17.00 -0.49
CA ARG D 262 35.54 -15.90 0.16
C ARG D 262 34.55 -14.85 0.66
N LEU D 263 33.53 -14.53 -0.13
CA LEU D 263 32.55 -13.53 0.29
C LEU D 263 31.78 -13.99 1.50
N TYR D 264 31.17 -15.18 1.42
CA TYR D 264 30.42 -15.73 2.54
C TYR D 264 31.27 -15.81 3.79
N MET D 265 32.54 -16.17 3.64
CA MET D 265 33.50 -16.09 4.74
C MET D 265 33.70 -14.65 5.19
N ARG D 266 34.01 -13.76 4.24
CA ARG D 266 34.27 -12.36 4.56
C ARG D 266 33.02 -11.69 5.13
N GLN D 267 31.86 -12.26 4.84
CA GLN D 267 30.59 -11.69 5.25
C GLN D 267 30.31 -11.99 6.72
N THR D 268 30.25 -13.27 7.08
CA THR D 268 29.89 -13.65 8.43
C THR D 268 30.96 -13.24 9.43
N ILE D 269 32.23 -13.27 9.02
CA ILE D 269 33.32 -12.95 9.92
C ILE D 269 33.23 -11.52 10.44
N ILE D 270 32.80 -10.57 9.61
CA ILE D 270 32.67 -9.19 10.07
C ILE D 270 31.43 -9.02 10.94
N LYS D 271 30.35 -9.73 10.63
CA LYS D 271 29.15 -9.65 11.45
C LYS D 271 29.40 -10.21 12.84
N VAL D 272 30.18 -11.28 12.93
CA VAL D 272 30.62 -11.79 14.23
C VAL D 272 31.48 -10.73 14.93
N ILE D 273 32.46 -10.20 14.21
CA ILE D 273 33.30 -9.13 14.74
C ILE D 273 32.44 -7.95 15.15
N LYS D 274 31.45 -7.62 14.32
CA LYS D 274 30.54 -6.52 14.62
C LYS D 274 29.78 -6.76 15.91
N PHE D 275 29.31 -7.99 16.12
CA PHE D 275 28.52 -8.31 17.30
C PHE D 275 29.33 -8.08 18.57
N ALA D 276 30.63 -8.39 18.54
CA ALA D 276 31.45 -8.28 19.73
C ALA D 276 31.55 -6.84 20.22
N LEU D 277 31.57 -5.89 19.29
CA LEU D 277 31.72 -4.48 19.66
C LEU D 277 30.45 -3.91 20.26
N ILE D 278 29.30 -4.34 19.74
CA ILE D 278 28.02 -3.84 20.24
C ILE D 278 27.88 -4.15 21.72
N ILE D 279 28.32 -5.34 22.13
CA ILE D 279 28.28 -5.70 23.53
C ILE D 279 29.38 -5.01 24.32
N CYS D 280 30.46 -4.60 23.67
CA CYS D 280 31.58 -3.99 24.38
C CYS D 280 31.20 -2.62 24.95
N TYR D 281 30.52 -1.79 24.15
CA TYR D 281 30.20 -0.44 24.56
C TYR D 281 28.78 -0.28 25.09
N THR D 282 27.84 -1.04 24.57
CA THR D 282 26.43 -0.79 24.89
C THR D 282 26.15 -1.08 26.36
N VAL D 283 26.66 -2.20 26.85
CA VAL D 283 26.58 -2.48 28.28
C VAL D 283 27.40 -1.46 29.07
N TYR D 284 28.47 -0.93 28.46
CA TYR D 284 29.34 0.00 29.15
C TYR D 284 28.70 1.37 29.37
N TYR D 285 27.55 1.62 28.75
CA TYR D 285 26.84 2.89 28.89
C TYR D 285 25.36 2.75 29.17
N VAL D 286 24.83 1.52 29.24
CA VAL D 286 23.42 1.35 29.59
C VAL D 286 23.16 1.83 31.00
N HIS D 287 24.14 1.70 31.89
CA HIS D 287 24.03 2.27 33.23
C HIS D 287 23.89 3.79 33.19
N ASN D 288 24.38 4.44 32.12
CA ASN D 288 24.43 5.88 32.09
C ASN D 288 23.03 6.50 32.09
N ILE D 289 22.06 5.87 31.45
CA ILE D 289 20.73 6.44 31.37
C ILE D 289 20.00 6.21 32.70
N LYS D 290 19.17 7.17 33.07
CA LYS D 290 18.46 7.07 34.35
C LYS D 290 17.46 8.21 34.44
N PHE D 291 16.38 7.95 35.18
CA PHE D 291 15.29 8.91 35.30
C PHE D 291 15.76 10.21 35.93
N ASP D 292 16.22 10.15 37.18
CA ASP D 292 16.58 11.34 37.93
C ASP D 292 17.98 11.79 37.54
N VAL D 293 18.11 13.08 37.21
CA VAL D 293 19.39 13.68 36.85
C VAL D 293 19.42 15.11 37.37
N ASP D 294 20.64 15.58 37.64
CA ASP D 294 20.87 16.95 38.08
C ASP D 294 21.89 17.59 37.16
N CYS D 295 21.64 18.85 36.80
CA CYS D 295 22.48 19.60 35.89
C CYS D 295 22.92 20.89 36.55
N THR D 296 24.19 21.23 36.38
CA THR D 296 24.76 22.51 36.80
C THR D 296 25.32 23.15 35.53
N VAL D 297 24.69 24.22 35.08
CA VAL D 297 24.83 24.69 33.70
C VAL D 297 25.28 26.13 33.59
N ASP D 298 25.36 26.86 34.71
CA ASP D 298 25.89 28.22 34.73
C ASP D 298 25.06 29.15 33.83
N ILE D 299 23.79 29.31 34.20
CA ILE D 299 22.98 30.38 33.67
C ILE D 299 22.19 31.01 34.81
N GLU D 300 22.74 32.10 35.34
CA GLU D 300 22.13 32.84 36.44
C GLU D 300 21.83 34.27 36.07
N SER D 301 22.44 34.79 35.00
CA SER D 301 22.03 36.07 34.44
C SER D 301 20.65 36.00 33.81
N LEU D 302 20.15 34.81 33.54
CA LEU D 302 18.92 34.61 32.78
C LEU D 302 17.79 34.07 33.63
N THR D 303 18.10 33.18 34.57
CA THR D 303 17.13 32.64 35.50
C THR D 303 17.36 33.17 36.91
N GLY D 304 18.61 33.17 37.36
CA GLY D 304 18.96 33.46 38.73
C GLY D 304 19.31 32.24 39.55
N TYR D 305 19.19 31.04 38.98
CA TYR D 305 19.60 29.81 39.63
C TYR D 305 20.71 29.18 38.81
N ARG D 306 21.52 28.35 39.48
CA ARG D 306 22.66 27.70 38.84
C ARG D 306 22.36 26.23 38.56
N THR D 307 22.00 25.48 39.59
CA THR D 307 21.83 24.04 39.52
C THR D 307 20.36 23.69 39.45
N TYR D 308 20.04 22.66 38.67
CA TYR D 308 18.67 22.23 38.48
C TYR D 308 18.62 20.72 38.43
N ARG D 309 17.57 20.18 39.04
CA ARG D 309 17.29 18.76 39.02
C ARG D 309 16.24 18.48 37.96
N CYS D 310 16.58 17.62 37.01
CA CYS D 310 15.66 17.21 35.96
C CYS D 310 15.24 15.76 36.14
N ALA D 311 14.40 15.31 35.22
CA ALA D 311 13.84 13.97 35.29
C ALA D 311 13.54 13.52 33.86
N HIS D 312 14.23 12.46 33.42
CA HIS D 312 14.01 11.94 32.09
C HIS D 312 12.92 10.87 32.16
N PRO D 313 11.73 11.09 31.62
CA PRO D 313 10.66 10.10 31.80
C PRO D 313 10.90 8.81 31.04
N LEU D 314 11.68 8.86 29.96
CA LEU D 314 11.87 7.72 29.07
C LEU D 314 13.11 6.91 29.40
N ALA D 315 13.87 7.29 30.42
CA ALA D 315 15.07 6.55 30.77
C ALA D 315 14.77 5.10 31.10
N THR D 316 13.60 4.83 31.67
CA THR D 316 13.25 3.46 32.00
C THR D 316 13.04 2.64 30.74
N LEU D 317 12.10 3.07 29.89
CA LEU D 317 11.74 2.32 28.69
C LEU D 317 12.94 2.07 27.79
N PHE D 318 13.77 3.08 27.59
CA PHE D 318 14.97 2.89 26.79
C PHE D 318 15.91 1.89 27.43
N LYS D 319 15.93 1.82 28.77
CA LYS D 319 16.67 0.77 29.44
C LYS D 319 16.10 -0.60 29.12
N ILE D 320 14.78 -0.70 28.98
CA ILE D 320 14.16 -1.98 28.66
C ILE D 320 14.54 -2.42 27.26
N LEU D 321 14.43 -1.52 26.29
CA LEU D 321 14.78 -1.86 24.92
C LEU D 321 16.22 -2.28 24.80
N ALA D 322 17.12 -1.60 25.54
CA ALA D 322 18.54 -1.96 25.49
C ALA D 322 18.78 -3.35 26.05
N SER D 323 18.27 -3.62 27.24
CA SER D 323 18.40 -4.96 27.82
C SER D 323 17.70 -5.99 26.95
N PHE D 324 16.58 -5.60 26.34
CA PHE D 324 15.89 -6.49 25.41
C PHE D 324 16.69 -6.66 24.13
N TYR D 325 17.18 -5.55 23.59
CA TYR D 325 17.96 -5.58 22.35
C TYR D 325 19.23 -6.38 22.53
N ILE D 326 19.94 -6.13 23.63
CA ILE D 326 21.18 -6.84 23.91
C ILE D 326 20.93 -8.34 24.01
N SER D 327 19.88 -8.72 24.74
CA SER D 327 19.50 -10.13 24.82
C SER D 327 19.16 -10.68 23.44
N LEU D 328 18.52 -9.84 22.60
CA LEU D 328 18.23 -10.23 21.24
C LEU D 328 19.51 -10.51 20.46
N VAL D 329 20.45 -9.56 20.51
CA VAL D 329 21.63 -9.62 19.68
C VAL D 329 22.58 -10.70 20.17
N ILE D 330 22.50 -11.05 21.45
CA ILE D 330 23.26 -12.19 21.95
C ILE D 330 22.85 -13.45 21.19
N PHE D 331 21.56 -13.69 21.06
CA PHE D 331 21.09 -14.83 20.29
C PHE D 331 21.51 -14.71 18.83
N TYR D 332 21.53 -13.50 18.30
CA TYR D 332 22.10 -13.25 16.98
C TYR D 332 23.58 -13.68 16.95
N GLY D 333 24.34 -13.23 17.93
CA GLY D 333 25.79 -13.46 17.90
C GLY D 333 26.16 -14.93 17.97
N LEU D 334 25.30 -15.75 18.57
CA LEU D 334 25.59 -17.18 18.66
C LEU D 334 25.32 -17.87 17.32
N ILE D 335 24.27 -17.43 16.62
CA ILE D 335 23.94 -18.00 15.31
C ILE D 335 25.13 -17.87 14.37
N CYS D 336 25.60 -16.64 14.19
CA CYS D 336 26.73 -16.40 13.30
C CYS D 336 28.00 -17.07 13.79
N MET D 337 28.14 -17.26 15.10
CA MET D 337 29.29 -17.99 15.61
C MET D 337 29.25 -19.45 15.20
N TYR D 338 28.07 -20.06 15.26
CA TYR D 338 27.94 -21.49 15.01
C TYR D 338 28.28 -21.83 13.57
N THR D 339 27.60 -21.18 12.62
CA THR D 339 27.85 -21.43 11.21
C THR D 339 29.30 -21.15 10.82
N LEU D 340 29.95 -20.22 11.51
CA LEU D 340 31.35 -19.94 11.22
C LEU D 340 32.23 -21.11 11.58
N TRP D 341 32.13 -21.59 12.82
CA TRP D 341 32.81 -22.82 13.22
C TRP D 341 32.51 -23.95 12.26
N TRP D 342 31.25 -24.08 11.85
CA TRP D 342 30.87 -25.07 10.85
C TRP D 342 31.58 -24.83 9.52
N MET D 343 31.75 -23.57 9.13
CA MET D 343 32.52 -23.25 7.94
C MET D 343 34.00 -23.56 8.10
N LEU D 344 34.50 -23.60 9.33
CA LEU D 344 35.91 -23.85 9.60
C LEU D 344 36.20 -25.32 9.82
N ARG D 345 35.38 -25.96 10.66
CA ARG D 345 35.56 -27.37 10.97
C ARG D 345 35.48 -28.23 9.71
N ARG D 346 34.55 -27.91 8.82
CA ARG D 346 34.10 -28.84 7.80
C ARG D 346 34.92 -28.79 6.51
N SER D 347 35.71 -27.73 6.28
CA SER D 347 36.58 -27.63 5.11
C SER D 347 35.76 -27.69 3.82
N LEU D 348 34.97 -26.64 3.61
CA LEU D 348 33.92 -26.62 2.60
C LEU D 348 34.41 -26.38 1.18
N LYS D 349 35.72 -26.16 0.96
CA LYS D 349 36.20 -26.00 -0.40
C LYS D 349 35.92 -27.24 -1.25
N LYS D 350 36.01 -28.41 -0.63
CA LYS D 350 35.80 -29.68 -1.30
C LYS D 350 34.62 -30.39 -0.67
N TYR D 351 33.95 -31.24 -1.45
CA TYR D 351 32.86 -32.07 -0.97
C TYR D 351 33.18 -33.52 -1.25
N SER D 352 32.84 -34.40 -0.30
CA SER D 352 33.02 -35.84 -0.44
C SER D 352 31.73 -36.45 -0.96
N PHE D 353 31.74 -36.87 -2.22
CA PHE D 353 30.66 -37.66 -2.81
C PHE D 353 30.66 -39.10 -2.33
N GLU D 354 31.66 -39.52 -1.54
CA GLU D 354 31.98 -40.93 -1.42
C GLU D 354 30.87 -41.70 -0.71
N SER D 355 30.00 -41.01 0.04
CA SER D 355 28.89 -41.68 0.68
C SER D 355 27.77 -41.96 -0.33
N ILE D 356 27.49 -41.00 -1.20
CA ILE D 356 26.41 -41.17 -2.17
C ILE D 356 26.76 -42.27 -3.16
N ARG D 357 28.03 -42.36 -3.55
CA ARG D 357 28.40 -43.26 -4.63
C ARG D 357 28.27 -44.72 -4.23
N GLU D 358 28.28 -44.99 -2.92
CA GLU D 358 27.95 -46.33 -2.44
C GLU D 358 26.51 -46.70 -2.81
N GLU D 359 25.57 -45.82 -2.47
CA GLU D 359 24.16 -46.13 -2.70
C GLU D 359 23.83 -46.16 -4.19
N SER D 360 24.23 -45.13 -4.92
CA SER D 360 23.96 -45.09 -6.36
C SER D 360 24.70 -46.20 -7.10
N SER D 361 25.77 -46.75 -6.51
CA SER D 361 26.56 -47.80 -7.13
C SER D 361 27.22 -47.29 -8.41
N TYR D 362 27.69 -46.05 -8.37
CA TYR D 362 28.39 -45.40 -9.46
C TYR D 362 29.84 -45.17 -9.05
N SER D 363 30.75 -45.97 -9.58
CA SER D 363 32.16 -45.81 -9.27
C SER D 363 32.81 -44.66 -10.03
N ASP D 364 32.22 -44.23 -11.14
CA ASP D 364 32.71 -43.10 -11.93
C ASP D 364 31.91 -41.88 -11.55
N ILE D 365 32.39 -41.15 -10.56
CA ILE D 365 31.81 -39.86 -10.19
C ILE D 365 32.90 -39.03 -9.50
N PRO D 366 33.23 -37.82 -9.99
CA PRO D 366 34.34 -37.09 -9.39
C PRO D 366 33.89 -36.22 -8.22
N ASP D 367 34.86 -35.88 -7.38
CA ASP D 367 34.65 -34.91 -6.32
C ASP D 367 34.89 -33.50 -6.83
N VAL D 368 34.54 -32.53 -6.01
CA VAL D 368 34.71 -31.12 -6.34
C VAL D 368 36.09 -30.69 -5.85
N LYS D 369 36.55 -29.52 -6.34
CA LYS D 369 37.77 -28.90 -5.86
C LYS D 369 37.53 -27.62 -5.08
N ASN D 370 36.79 -26.67 -5.64
CA ASN D 370 36.69 -25.34 -5.03
C ASN D 370 35.55 -24.51 -5.60
N ASP D 371 34.78 -23.88 -4.72
CA ASP D 371 33.73 -22.91 -5.03
C ASP D 371 32.47 -23.57 -5.61
N PHE D 372 32.49 -24.88 -5.88
CA PHE D 372 31.34 -25.61 -6.37
C PHE D 372 30.88 -26.67 -5.37
N ALA D 373 31.76 -27.07 -4.45
CA ALA D 373 31.37 -27.90 -3.32
C ALA D 373 30.80 -27.08 -2.18
N PHE D 374 31.26 -25.84 -2.05
CA PHE D 374 30.74 -24.94 -1.04
C PHE D 374 29.25 -24.69 -1.27
N MET D 375 28.90 -24.23 -2.47
CA MET D 375 27.50 -24.11 -2.84
C MET D 375 26.78 -25.44 -2.77
N LEU D 376 27.49 -26.54 -3.06
CA LEU D 376 26.91 -27.86 -2.84
C LEU D 376 26.76 -28.13 -1.35
N HIS D 377 27.77 -27.76 -0.56
CA HIS D 377 27.70 -27.94 0.89
C HIS D 377 26.52 -27.18 1.47
N LEU D 378 26.25 -26.01 0.89
CA LEU D 378 25.11 -25.20 1.30
C LEU D 378 23.80 -25.94 1.08
N ILE D 379 23.50 -26.26 -0.19
CA ILE D 379 22.20 -26.82 -0.54
C ILE D 379 22.02 -28.18 0.10
N ASP D 380 23.12 -28.88 0.38
CA ASP D 380 23.05 -30.06 1.22
C ASP D 380 22.42 -29.75 2.56
N GLN D 381 22.70 -28.55 3.10
CA GLN D 381 22.11 -28.16 4.37
C GLN D 381 20.60 -28.00 4.25
N TYR D 382 20.13 -27.45 3.13
CA TYR D 382 18.69 -27.42 2.89
C TYR D 382 18.13 -28.84 2.84
N ASP D 383 18.68 -29.67 1.94
CA ASP D 383 18.39 -31.09 1.95
C ASP D 383 19.48 -31.81 1.17
N PRO D 384 19.71 -33.10 1.45
CA PRO D 384 20.62 -33.88 0.61
C PRO D 384 20.00 -34.36 -0.69
N LEU D 385 18.70 -34.16 -0.89
CA LEU D 385 18.01 -34.71 -2.04
C LEU D 385 18.56 -34.15 -3.35
N TYR D 386 18.58 -32.82 -3.47
CA TYR D 386 19.00 -32.18 -4.70
C TYR D 386 20.42 -32.58 -5.08
N SER D 387 21.29 -32.77 -4.08
CA SER D 387 22.63 -33.27 -4.36
C SER D 387 22.58 -34.69 -4.91
N LYS D 388 21.63 -35.49 -4.43
CA LYS D 388 21.53 -36.87 -4.87
C LYS D 388 21.10 -36.96 -6.33
N ARG D 389 20.09 -36.19 -6.71
CA ARG D 389 19.66 -36.13 -8.10
C ARG D 389 20.74 -35.59 -9.01
N PHE D 390 21.72 -34.87 -8.46
CA PHE D 390 22.77 -34.26 -9.25
C PHE D 390 23.93 -35.21 -9.53
N ALA D 391 24.06 -36.29 -8.77
CA ALA D 391 25.11 -37.27 -9.04
C ALA D 391 24.97 -37.89 -10.42
N VAL D 392 23.73 -38.00 -10.91
CA VAL D 392 23.51 -38.75 -12.14
C VAL D 392 23.94 -37.93 -13.36
N PHE D 393 23.66 -36.63 -13.38
CA PHE D 393 24.05 -35.80 -14.51
C PHE D 393 25.54 -35.57 -14.56
N LEU D 394 26.26 -35.85 -13.47
CA LEU D 394 27.69 -35.66 -13.40
C LEU D 394 28.48 -36.89 -13.82
N SER D 395 27.97 -38.09 -13.57
CA SER D 395 28.70 -39.31 -13.87
C SER D 395 28.78 -39.50 -15.38
N GLU D 396 29.97 -39.84 -15.87
CA GLU D 396 30.16 -40.04 -17.30
C GLU D 396 29.48 -41.32 -17.78
N VAL D 397 29.52 -42.38 -16.96
CA VAL D 397 28.83 -43.61 -17.34
C VAL D 397 27.33 -43.38 -17.39
N SER D 398 26.81 -42.48 -16.54
CA SER D 398 25.39 -42.13 -16.65
C SER D 398 25.09 -41.49 -17.99
N GLU D 399 25.95 -40.58 -18.45
CA GLU D 399 25.85 -40.09 -19.82
C GLU D 399 26.02 -41.24 -20.81
N ASN D 400 26.98 -42.12 -20.54
CA ASN D 400 27.19 -43.28 -21.41
C ASN D 400 25.95 -44.15 -21.48
N LYS D 401 25.28 -44.34 -20.34
CA LYS D 401 24.01 -45.06 -20.33
C LYS D 401 22.99 -44.36 -21.21
N LEU D 402 22.87 -43.04 -21.07
CA LEU D 402 22.01 -42.27 -21.96
C LEU D 402 22.50 -42.38 -23.40
N ARG D 403 23.81 -42.23 -23.61
CA ARG D 403 24.36 -42.23 -24.96
C ARG D 403 24.09 -43.55 -25.66
N GLN D 404 24.14 -44.66 -24.93
CA GLN D 404 23.76 -45.95 -25.50
C GLN D 404 22.27 -45.99 -25.81
N LEU D 405 21.43 -45.53 -24.88
CA LEU D 405 19.99 -45.46 -25.12
C LEU D 405 19.64 -44.43 -26.17
N ASN D 406 20.45 -43.38 -26.32
CA ASN D 406 20.18 -42.37 -27.33
C ASN D 406 20.58 -42.86 -28.72
N LEU D 407 21.74 -43.51 -28.82
CA LEU D 407 22.12 -44.17 -30.06
C LEU D 407 21.09 -45.22 -30.47
N ASN D 408 20.51 -45.92 -29.50
CA ASN D 408 19.58 -47.01 -29.78
C ASN D 408 18.19 -46.44 -30.14
N PRO E 15 11.76 -4.05 -16.83
CA PRO E 15 12.37 -5.18 -17.54
C PRO E 15 13.55 -5.77 -16.81
N ALA E 16 14.38 -6.54 -17.50
CA ALA E 16 15.55 -7.21 -16.90
C ALA E 16 16.77 -6.32 -17.06
N TYR E 17 16.66 -5.10 -16.52
CA TYR E 17 17.74 -4.14 -16.55
C TYR E 17 18.70 -4.29 -15.38
N ARG E 18 18.56 -5.35 -14.58
CA ARG E 18 19.54 -5.63 -13.54
C ARG E 18 20.91 -5.92 -14.14
N ILE E 19 20.92 -6.49 -15.35
CA ILE E 19 22.18 -6.71 -16.05
C ILE E 19 22.85 -5.39 -16.38
N LEU E 20 22.05 -4.34 -16.56
CA LEU E 20 22.57 -3.12 -17.15
C LEU E 20 23.33 -2.26 -16.13
N LYS E 21 23.34 -2.66 -14.86
CA LYS E 21 23.89 -1.84 -13.79
C LYS E 21 25.08 -2.57 -13.17
N PRO E 22 26.32 -2.14 -13.41
CA PRO E 22 27.45 -2.75 -12.70
C PRO E 22 27.39 -2.45 -11.22
N TRP E 23 28.32 -3.07 -10.48
CA TRP E 23 28.36 -2.91 -9.04
C TRP E 23 28.53 -1.44 -8.65
N TRP E 24 29.26 -0.67 -9.44
CA TRP E 24 29.37 0.76 -9.16
C TRP E 24 28.06 1.50 -9.38
N ASP E 25 27.13 0.94 -10.16
CA ASP E 25 25.79 1.50 -10.29
C ASP E 25 24.82 0.98 -9.24
N VAL E 26 25.12 -0.15 -8.60
CA VAL E 26 24.20 -0.77 -7.67
C VAL E 26 24.36 -0.20 -6.27
N PHE E 27 25.60 -0.06 -5.80
CA PHE E 27 25.82 0.69 -4.56
C PHE E 27 25.30 2.11 -4.73
N THR E 28 25.59 2.70 -5.89
CA THR E 28 25.09 4.03 -6.23
C THR E 28 23.57 4.11 -6.13
N ASP E 29 22.88 3.02 -6.48
CA ASP E 29 21.44 3.01 -6.37
C ASP E 29 21.01 3.14 -4.91
N TYR E 30 21.66 2.40 -4.01
CA TYR E 30 21.23 2.36 -2.61
C TYR E 30 21.81 3.49 -1.78
N ILE E 31 23.01 3.97 -2.13
CA ILE E 31 23.50 5.20 -1.52
C ILE E 31 22.55 6.35 -1.85
N SER E 32 21.92 6.30 -3.02
CA SER E 32 20.92 7.28 -3.39
C SER E 32 19.53 6.94 -2.84
N ILE E 33 19.45 6.08 -1.83
CA ILE E 33 18.21 5.78 -1.13
C ILE E 33 18.28 6.23 0.32
N VAL E 34 19.35 5.87 1.03
CA VAL E 34 19.49 6.34 2.39
C VAL E 34 19.76 7.84 2.40
N MET E 35 20.42 8.36 1.36
CA MET E 35 20.50 9.80 1.17
C MET E 35 19.13 10.44 1.18
N LEU E 36 18.15 9.77 0.55
CA LEU E 36 16.77 10.24 0.60
C LEU E 36 16.22 10.12 2.01
N MET E 37 16.49 9.01 2.69
CA MET E 37 15.83 8.72 3.95
C MET E 37 16.22 9.71 5.03
N ILE E 38 17.44 10.25 4.98
CA ILE E 38 17.81 11.30 5.93
C ILE E 38 17.27 12.65 5.47
N ALA E 39 17.18 12.86 4.15
CA ALA E 39 16.62 14.11 3.65
C ALA E 39 15.16 14.25 4.06
N VAL E 40 14.39 13.17 3.92
CA VAL E 40 12.99 13.20 4.34
C VAL E 40 12.88 13.21 5.86
N PHE E 41 13.73 12.44 6.53
CA PHE E 41 13.68 12.36 7.98
C PHE E 41 14.05 13.67 8.64
N GLY E 42 14.97 14.42 8.02
CA GLY E 42 15.28 15.75 8.53
C GLY E 42 14.22 16.77 8.21
N GLY E 43 13.58 16.64 7.06
CA GLY E 43 12.57 17.60 6.65
C GLY E 43 11.30 17.47 7.45
N THR E 44 10.78 16.24 7.52
CA THR E 44 9.61 15.97 8.35
C THR E 44 9.86 16.32 9.81
N LEU E 45 11.11 16.25 10.26
CA LEU E 45 11.48 16.75 11.59
C LEU E 45 11.50 18.27 11.62
N GLN E 46 12.07 18.88 10.58
CA GLN E 46 12.17 20.34 10.53
C GLN E 46 10.79 20.99 10.57
N VAL E 47 9.91 20.59 9.66
CA VAL E 47 8.54 21.12 9.63
C VAL E 47 7.81 20.90 10.95
N THR E 48 8.20 19.89 11.72
CA THR E 48 7.47 19.55 12.93
C THR E 48 7.61 20.66 13.98
N GLN E 49 8.85 20.95 14.42
CA GLN E 49 9.09 22.12 15.28
C GLN E 49 10.03 23.14 14.65
N ASP E 50 11.27 22.77 14.34
CA ASP E 50 12.36 23.70 13.97
C ASP E 50 12.22 25.06 14.69
N LYS E 51 12.22 25.00 16.01
CA LYS E 51 11.91 26.16 16.84
C LYS E 51 13.11 26.55 17.69
N MET E 52 12.99 27.70 18.33
CA MET E 52 14.03 28.28 19.16
C MET E 52 13.40 28.84 20.43
N ILE E 53 14.24 29.14 21.41
CA ILE E 53 13.81 29.66 22.70
C ILE E 53 14.65 30.90 22.97
N CYS E 54 14.16 32.06 22.55
CA CYS E 54 14.89 33.31 22.64
C CYS E 54 14.58 34.00 23.96
N LEU E 55 15.64 34.35 24.70
CA LEU E 55 15.55 35.03 25.98
C LEU E 55 16.34 36.33 25.92
N PRO E 56 15.87 37.39 26.59
CA PRO E 56 16.60 38.66 26.53
C PRO E 56 17.87 38.63 27.34
N CYS E 57 18.56 39.77 27.40
CA CYS E 57 19.74 39.93 28.25
C CYS E 57 19.71 41.34 28.79
N LYS E 58 19.60 41.46 30.12
CA LYS E 58 19.40 42.77 30.72
C LYS E 58 20.65 43.62 30.63
N TRP E 59 21.75 43.16 31.23
CA TRP E 59 23.02 43.86 31.15
C TRP E 59 23.68 43.43 29.84
N VAL E 60 23.63 44.30 28.83
CA VAL E 60 24.24 44.04 27.56
C VAL E 60 25.48 44.91 27.42
N THR E 61 26.51 44.34 26.83
CA THR E 61 27.70 45.06 26.43
C THR E 61 28.04 44.60 25.03
N LYS E 62 28.51 45.52 24.18
CA LYS E 62 28.87 45.21 22.79
C LYS E 62 27.66 44.75 21.98
N ASP E 63 26.44 45.03 22.46
CA ASP E 63 25.23 44.33 21.98
C ASP E 63 25.40 42.82 22.15
N SER E 64 25.98 42.44 23.29
CA SER E 64 26.15 41.06 23.69
C SER E 64 25.80 40.93 25.16
N CYS E 65 25.36 39.75 25.56
CA CYS E 65 25.00 39.52 26.95
C CYS E 65 26.21 39.73 27.84
N ASN E 66 26.20 40.81 28.62
CA ASN E 66 27.33 41.15 29.47
C ASN E 66 27.58 40.10 30.54
N ASP E 67 26.58 39.30 30.88
CA ASP E 67 26.72 38.23 31.87
C ASP E 67 27.10 38.80 33.23
N SER E 68 26.52 39.95 33.56
CA SER E 68 26.83 40.64 34.82
C SER E 68 25.82 40.26 35.90
N THR E 92 18.08 36.17 50.68
CA THR E 92 19.36 35.48 50.75
C THR E 92 19.53 34.51 49.57
N GLY E 93 18.74 33.44 49.58
CA GLY E 93 18.81 32.43 48.56
C GLY E 93 18.50 33.00 47.18
N PRO E 94 18.77 32.22 46.14
CA PRO E 94 18.55 32.72 44.79
C PRO E 94 17.08 32.70 44.42
N THR E 95 16.73 33.52 43.43
CA THR E 95 15.35 33.68 43.01
C THR E 95 15.29 33.87 41.52
N GLY E 96 14.10 33.68 40.96
CA GLY E 96 13.92 33.80 39.53
C GLY E 96 13.98 35.24 39.06
N ILE E 97 14.54 35.41 37.89
CA ILE E 97 14.54 36.70 37.22
C ILE E 97 13.22 36.84 36.48
N LYS E 98 12.77 38.09 36.34
CA LYS E 98 11.53 38.39 35.64
C LYS E 98 11.81 39.44 34.57
N TYR E 99 11.42 39.14 33.35
CA TYR E 99 11.39 40.12 32.27
C TYR E 99 10.00 40.68 32.03
N ASP E 100 8.97 40.16 32.71
CA ASP E 100 7.62 40.70 32.64
C ASP E 100 7.07 40.61 31.21
N LEU E 101 6.97 39.39 30.71
CA LEU E 101 6.56 39.14 29.33
C LEU E 101 5.62 37.95 29.25
N ASP E 102 4.64 38.06 28.35
CA ASP E 102 3.65 37.03 28.10
C ASP E 102 4.10 36.08 27.00
N ARG E 103 3.24 35.09 26.72
CA ARG E 103 3.64 33.95 25.91
C ARG E 103 3.84 34.34 24.45
N HIS E 104 2.99 35.21 23.92
CA HIS E 104 2.98 35.43 22.48
C HIS E 104 4.18 36.24 22.02
N GLN E 105 4.46 37.35 22.70
CA GLN E 105 5.64 38.12 22.33
C GLN E 105 6.91 37.32 22.60
N TYR E 106 6.86 36.37 23.53
CA TYR E 106 7.90 35.36 23.62
C TYR E 106 7.92 34.48 22.37
N ASN E 107 6.74 34.16 21.83
CA ASN E 107 6.68 33.42 20.59
C ASN E 107 7.08 34.30 19.41
N TYR E 108 6.71 35.58 19.46
CA TYR E 108 7.02 36.53 18.41
C TYR E 108 8.53 36.63 18.22
N VAL E 109 9.22 36.93 19.32
CA VAL E 109 10.66 37.13 19.27
C VAL E 109 11.37 35.88 18.78
N ASP E 110 10.83 34.70 19.09
CA ASP E 110 11.44 33.47 18.62
C ASP E 110 11.39 33.39 17.10
N ALA E 111 10.32 33.89 16.50
CA ALA E 111 10.19 33.86 15.05
C ALA E 111 11.24 34.74 14.39
N VAL E 112 11.43 35.95 14.93
CA VAL E 112 12.26 36.94 14.27
C VAL E 112 13.72 36.52 14.30
N CYS E 113 14.23 36.19 15.49
CA CYS E 113 15.59 35.69 15.61
C CYS E 113 15.77 34.41 14.79
N TYR E 114 14.73 33.59 14.71
CA TYR E 114 14.75 32.47 13.79
C TYR E 114 14.70 32.93 12.35
N GLU E 115 13.89 33.96 12.08
CA GLU E 115 13.69 34.40 10.70
C GLU E 115 14.97 34.96 10.11
N ASN E 116 15.66 35.82 10.86
CA ASN E 116 16.69 36.70 10.31
C ASN E 116 18.08 36.37 10.81
N ARG E 117 18.22 36.13 12.11
CA ARG E 117 19.52 35.83 12.71
C ARG E 117 19.81 34.34 12.75
N LEU E 118 19.23 33.56 11.83
CA LEU E 118 19.56 32.17 11.63
C LEU E 118 19.96 31.94 10.18
N HIS E 119 20.88 31.02 9.98
CA HIS E 119 21.39 30.72 8.65
C HIS E 119 20.36 29.95 7.84
N TRP E 120 20.21 30.34 6.57
CA TRP E 120 19.37 29.58 5.65
C TRP E 120 19.81 28.12 5.60
N PHE E 121 21.11 27.86 5.76
CA PHE E 121 21.61 26.49 5.64
C PHE E 121 21.08 25.61 6.77
N ALA E 122 20.95 26.17 7.96
CA ALA E 122 20.44 25.40 9.08
C ALA E 122 18.99 25.03 8.89
N LYS E 123 18.23 25.86 8.17
CA LYS E 123 16.79 25.69 8.06
C LYS E 123 16.40 24.83 6.88
N TYR E 124 17.10 24.96 5.76
CA TYR E 124 16.74 24.30 4.51
C TYR E 124 17.64 23.11 4.20
N PHE E 125 18.40 22.63 5.18
CA PHE E 125 19.29 21.50 4.97
C PHE E 125 18.57 20.25 4.47
N PRO E 126 17.49 19.77 5.10
CA PRO E 126 16.87 18.54 4.60
C PRO E 126 16.22 18.71 3.25
N TYR E 127 15.71 19.90 2.96
CA TYR E 127 15.11 20.20 1.67
C TYR E 127 16.15 20.36 0.57
N LEU E 128 17.43 20.43 0.93
CA LEU E 128 18.49 20.67 -0.04
C LEU E 128 19.08 19.36 -0.56
N VAL E 129 19.46 18.46 0.35
CA VAL E 129 20.05 17.21 -0.10
C VAL E 129 19.02 16.35 -0.80
N LEU E 130 17.74 16.48 -0.40
CA LEU E 130 16.66 15.83 -1.12
C LEU E 130 16.68 16.22 -2.60
N LEU E 131 16.77 17.53 -2.86
CA LEU E 131 16.92 18.01 -4.22
C LEU E 131 18.10 17.33 -4.90
N HIS E 132 19.25 17.32 -4.23
CA HIS E 132 20.42 16.67 -4.79
C HIS E 132 20.21 15.17 -4.93
N THR E 133 19.47 14.57 -4.01
CA THR E 133 19.20 13.13 -4.09
C THR E 133 18.41 12.78 -5.34
N LEU E 134 17.52 13.68 -5.77
CA LEU E 134 16.72 13.40 -6.96
C LEU E 134 17.54 13.49 -8.23
N ILE E 135 18.53 14.38 -8.27
CA ILE E 135 19.32 14.56 -9.48
C ILE E 135 20.10 13.29 -9.78
N PHE E 136 20.75 12.73 -8.76
CA PHE E 136 21.52 11.51 -8.93
C PHE E 136 20.64 10.36 -9.39
N LEU E 137 19.35 10.38 -9.04
CA LEU E 137 18.42 9.42 -9.62
C LEU E 137 18.07 9.79 -11.06
N ALA E 138 17.75 11.07 -11.30
CA ALA E 138 17.41 11.50 -12.65
C ALA E 138 18.60 11.34 -13.58
N CYS E 139 19.80 11.54 -13.06
CA CYS E 139 21.01 11.31 -13.82
C CYS E 139 21.44 9.85 -13.83
N SER E 140 20.52 8.91 -13.59
CA SER E 140 20.70 7.53 -14.02
C SER E 140 19.60 7.04 -14.93
N ASN E 141 18.33 7.28 -14.56
CA ASN E 141 17.23 6.75 -15.33
C ASN E 141 16.99 7.51 -16.63
N PHE E 142 17.52 8.74 -16.75
CA PHE E 142 17.50 9.45 -18.03
C PHE E 142 18.08 8.59 -19.14
N TRP E 143 19.19 7.91 -18.86
CA TRP E 143 19.78 6.96 -19.79
C TRP E 143 18.77 5.91 -20.23
N PHE E 144 18.20 5.17 -19.27
CA PHE E 144 17.19 4.17 -19.57
C PHE E 144 15.94 4.75 -20.22
N LYS E 145 15.61 6.00 -19.90
CA LYS E 145 14.33 6.57 -20.29
C LYS E 145 14.39 7.38 -21.57
N PHE E 146 15.56 7.80 -22.00
CA PHE E 146 15.65 8.58 -23.24
C PHE E 146 15.30 7.67 -24.42
N PRO E 147 14.37 8.06 -25.29
CA PRO E 147 13.81 7.07 -26.23
C PRO E 147 14.76 6.68 -27.34
N ARG E 148 15.55 7.64 -27.85
CA ARG E 148 16.46 7.35 -28.95
C ARG E 148 17.45 6.25 -28.59
N THR E 149 17.75 6.09 -27.30
CA THR E 149 18.59 5.03 -26.80
C THR E 149 17.79 3.88 -26.21
N SER E 150 16.71 4.18 -25.47
CA SER E 150 15.94 3.16 -24.78
C SER E 150 15.43 2.09 -25.73
N SER E 151 15.19 2.45 -27.00
CA SER E 151 14.94 1.45 -28.02
C SER E 151 16.16 0.59 -28.25
N LYS E 152 17.34 1.21 -28.36
CA LYS E 152 18.57 0.46 -28.56
C LYS E 152 18.85 -0.48 -27.41
N LEU E 153 18.62 0.00 -26.18
CA LEU E 153 18.82 -0.85 -25.01
C LEU E 153 17.84 -2.01 -25.03
N GLU E 154 16.55 -1.70 -25.18
CA GLU E 154 15.53 -2.74 -25.18
C GLU E 154 15.72 -3.69 -26.36
N HIS E 155 16.38 -3.25 -27.43
CA HIS E 155 16.72 -4.15 -28.52
C HIS E 155 17.94 -4.99 -28.18
N PHE E 156 18.99 -4.36 -27.64
CA PHE E 156 20.22 -5.06 -27.32
C PHE E 156 19.95 -6.19 -26.32
N VAL E 157 19.14 -5.91 -25.30
CA VAL E 157 18.80 -6.95 -24.34
C VAL E 157 17.97 -8.03 -24.98
N SER E 158 16.99 -7.65 -25.81
CA SER E 158 16.00 -8.61 -26.30
C SER E 158 16.66 -9.70 -27.14
N ILE E 159 17.65 -9.32 -27.95
CA ILE E 159 18.35 -10.29 -28.78
C ILE E 159 19.26 -11.18 -27.93
N LEU E 160 19.80 -10.62 -26.84
CA LEU E 160 20.85 -11.34 -26.11
C LEU E 160 20.28 -12.46 -25.27
N LEU E 161 19.05 -12.29 -24.77
CA LEU E 161 18.37 -13.40 -24.10
C LEU E 161 18.21 -14.58 -25.03
N LYS E 162 17.66 -14.33 -26.22
CA LYS E 162 17.47 -15.38 -27.21
C LYS E 162 18.80 -16.02 -27.59
N CYS E 163 19.83 -15.20 -27.81
CA CYS E 163 21.15 -15.74 -28.09
C CYS E 163 21.67 -16.53 -26.90
N PHE E 164 21.43 -16.02 -25.68
CA PHE E 164 21.77 -16.80 -24.50
C PHE E 164 20.96 -18.08 -24.41
N ASP E 165 19.70 -18.05 -24.88
CA ASP E 165 18.81 -19.20 -24.72
C ASP E 165 18.82 -20.14 -25.91
N SER E 166 19.56 -19.82 -26.96
CA SER E 166 19.52 -20.59 -28.19
C SER E 166 20.02 -22.02 -27.92
N PRO E 167 19.29 -23.05 -28.32
CA PRO E 167 19.87 -24.40 -28.23
C PRO E 167 21.04 -24.62 -29.17
N TRP E 168 21.07 -23.97 -30.34
CA TRP E 168 22.04 -24.34 -31.36
C TRP E 168 23.45 -23.93 -30.96
N THR E 169 23.58 -22.79 -30.26
CA THR E 169 24.90 -22.39 -29.78
C THR E 169 25.51 -23.43 -28.88
N THR E 170 24.68 -24.20 -28.16
CA THR E 170 25.18 -25.27 -27.31
C THR E 170 25.98 -26.28 -28.12
N ARG E 171 25.54 -26.54 -29.35
CA ARG E 171 26.32 -27.35 -30.27
C ARG E 171 27.50 -26.57 -30.81
N ALA E 172 27.25 -25.37 -31.31
CA ALA E 172 28.28 -24.62 -32.01
C ALA E 172 29.37 -24.12 -31.06
N LEU E 173 29.05 -23.96 -29.77
CA LEU E 173 30.05 -23.52 -28.82
C LEU E 173 31.14 -24.55 -28.60
N SER E 174 30.88 -25.81 -28.91
CA SER E 174 31.89 -26.85 -28.80
C SER E 174 32.86 -26.80 -29.98
N ASP E 233 16.25 -29.82 -34.38
CA ASP E 233 17.55 -29.51 -34.97
C ASP E 233 17.37 -28.55 -36.14
N LYS E 234 16.62 -28.99 -37.15
CA LYS E 234 16.42 -28.18 -38.35
C LYS E 234 15.50 -27.00 -38.05
N LYS E 235 14.41 -27.24 -37.32
CA LYS E 235 13.54 -26.16 -36.89
C LYS E 235 14.34 -25.12 -36.10
N GLU E 236 15.22 -25.60 -35.24
CA GLU E 236 16.11 -24.73 -34.48
C GLU E 236 17.02 -23.96 -35.43
N GLY E 237 17.38 -24.57 -36.56
CA GLY E 237 18.21 -23.89 -37.55
C GLY E 237 17.50 -22.73 -38.21
N GLU E 238 16.21 -22.88 -38.49
CA GLU E 238 15.43 -21.77 -39.01
C GLU E 238 15.38 -20.65 -37.99
N GLN E 239 15.09 -21.00 -36.73
CA GLN E 239 15.13 -20.02 -35.65
C GLN E 239 16.51 -19.41 -35.52
N ALA E 240 17.56 -20.24 -35.61
CA ALA E 240 18.92 -19.75 -35.48
C ALA E 240 19.25 -18.77 -36.60
N LYS E 241 19.06 -19.19 -37.85
CA LYS E 241 19.38 -18.31 -38.97
C LYS E 241 18.49 -17.08 -38.98
N ALA E 242 17.24 -17.22 -38.55
CA ALA E 242 16.37 -16.05 -38.39
C ALA E 242 17.02 -15.01 -37.51
N LEU E 243 17.76 -15.45 -36.49
CA LEU E 243 18.44 -14.54 -35.58
C LEU E 243 19.73 -14.02 -36.17
N PHE E 244 20.40 -14.81 -37.01
CA PHE E 244 21.61 -14.34 -37.68
C PHE E 244 21.34 -13.08 -38.51
N GLU E 245 20.14 -12.96 -39.06
CA GLU E 245 19.85 -11.85 -39.97
C GLU E 245 19.63 -10.56 -39.19
N LYS E 246 18.67 -10.56 -38.27
CA LYS E 246 18.42 -9.38 -37.44
C LYS E 246 19.66 -8.97 -36.66
N VAL E 247 20.50 -9.94 -36.29
CA VAL E 247 21.80 -9.62 -35.70
C VAL E 247 22.62 -8.79 -36.68
N LYS E 248 22.65 -9.22 -37.95
CA LYS E 248 23.40 -8.48 -38.95
C LYS E 248 22.78 -7.10 -39.15
N LYS E 249 21.45 -7.01 -39.15
CA LYS E 249 20.80 -5.71 -39.28
C LYS E 249 21.00 -4.87 -38.03
N PHE E 250 20.83 -5.47 -36.86
CA PHE E 250 21.16 -4.79 -35.62
C PHE E 250 22.61 -4.34 -35.59
N ARG E 251 23.53 -5.20 -36.02
CA ARG E 251 24.94 -4.82 -36.12
C ARG E 251 25.14 -3.56 -36.95
N THR E 252 24.36 -3.40 -38.02
CA THR E 252 24.46 -2.22 -38.86
C THR E 252 23.59 -1.07 -38.36
N HIS E 253 22.44 -1.39 -37.77
CA HIS E 253 21.50 -0.34 -37.38
C HIS E 253 22.05 0.52 -36.26
N VAL E 254 22.64 -0.09 -35.23
CA VAL E 254 23.03 0.65 -34.04
C VAL E 254 24.50 1.05 -34.04
N GLU E 255 25.36 0.35 -34.79
CA GLU E 255 26.77 0.71 -34.79
C GLU E 255 27.02 2.07 -35.43
N GLU E 256 26.05 2.57 -36.21
CA GLU E 256 26.15 3.90 -36.78
C GLU E 256 26.26 4.97 -35.70
N GLY E 257 25.25 5.06 -34.84
CA GLY E 257 25.22 6.11 -33.84
C GLY E 257 26.34 6.00 -32.83
N ASP E 258 26.47 7.06 -32.01
CA ASP E 258 27.36 7.07 -30.86
C ASP E 258 26.73 7.80 -29.68
N ILE E 259 25.40 7.97 -29.69
CA ILE E 259 24.74 8.75 -28.65
C ILE E 259 24.74 8.06 -27.30
N VAL E 260 24.67 6.73 -27.27
CA VAL E 260 24.55 6.01 -26.00
C VAL E 260 25.80 6.22 -25.15
N TYR E 261 26.96 5.99 -25.75
CA TYR E 261 28.23 6.23 -25.06
C TYR E 261 28.34 7.69 -24.65
N ARG E 262 27.82 8.59 -25.48
CA ARG E 262 27.87 10.02 -25.15
C ARG E 262 27.02 10.32 -23.92
N LEU E 263 25.83 9.73 -23.83
CA LEU E 263 24.95 9.98 -22.69
C LEU E 263 25.57 9.48 -21.40
N TYR E 264 25.96 8.21 -21.37
CA TYR E 264 26.59 7.63 -20.19
C TYR E 264 27.81 8.43 -19.77
N MET E 265 28.59 8.91 -20.76
CA MET E 265 29.68 9.83 -20.47
C MET E 265 29.14 11.15 -19.92
N ARG E 266 28.18 11.75 -20.64
CA ARG E 266 27.63 13.04 -20.21
C ARG E 266 26.91 12.92 -18.88
N GLN E 267 26.51 11.70 -18.52
CA GLN E 267 25.76 11.46 -17.31
C GLN E 267 26.67 11.44 -16.08
N THR E 268 27.66 10.56 -16.08
CA THR E 268 28.53 10.41 -14.91
C THR E 268 29.40 11.64 -14.71
N ILE E 269 29.81 12.27 -15.80
CA ILE E 269 30.70 13.43 -15.70
C ILE E 269 30.06 14.57 -14.93
N ILE E 270 28.76 14.80 -15.08
CA ILE E 270 28.10 15.87 -14.33
C ILE E 270 27.89 15.47 -12.87
N LYS E 271 27.61 14.19 -12.62
CA LYS E 271 27.44 13.73 -11.25
C LYS E 271 28.73 13.84 -10.47
N VAL E 272 29.86 13.55 -11.12
CA VAL E 272 31.16 13.78 -10.52
C VAL E 272 31.36 15.26 -10.26
N ILE E 273 31.09 16.09 -11.29
CA ILE E 273 31.15 17.54 -11.14
C ILE E 273 30.22 17.99 -10.04
N LYS E 274 29.02 17.40 -9.98
CA LYS E 274 28.06 17.75 -8.96
C LYS E 274 28.58 17.45 -7.57
N PHE E 275 29.24 16.30 -7.41
CA PHE E 275 29.76 15.89 -6.11
C PHE E 275 30.77 16.89 -5.58
N ALA E 276 31.60 17.45 -6.46
CA ALA E 276 32.65 18.35 -6.03
C ALA E 276 32.09 19.61 -5.38
N LEU E 277 30.94 20.09 -5.89
CA LEU E 277 30.37 21.33 -5.37
C LEU E 277 29.72 21.13 -4.01
N ILE E 278 29.10 19.96 -3.80
CA ILE E 278 28.44 19.68 -2.54
C ILE E 278 29.45 19.75 -1.40
N ILE E 279 30.65 19.25 -1.63
CA ILE E 279 31.69 19.33 -0.62
C ILE E 279 32.28 20.73 -0.53
N CYS E 280 32.18 21.52 -1.59
CA CYS E 280 32.79 22.85 -1.58
C CYS E 280 32.07 23.78 -0.60
N TYR E 281 30.74 23.77 -0.60
CA TYR E 281 29.97 24.70 0.21
C TYR E 281 29.46 24.09 1.51
N THR E 282 29.16 22.79 1.51
CA THR E 282 28.48 22.20 2.66
C THR E 282 29.39 22.20 3.89
N VAL E 283 30.65 21.82 3.70
CA VAL E 283 31.64 21.94 4.77
C VAL E 283 31.88 23.41 5.10
N TYR E 284 31.72 24.29 4.12
CA TYR E 284 31.98 25.71 4.32
C TYR E 284 30.94 26.38 5.20
N TYR E 285 29.82 25.71 5.48
CA TYR E 285 28.76 26.26 6.31
C TYR E 285 28.27 25.31 7.40
N VAL E 286 28.81 24.10 7.49
CA VAL E 286 28.41 23.19 8.56
C VAL E 286 28.82 23.76 9.91
N HIS E 287 29.93 24.50 9.96
CA HIS E 287 30.31 25.22 11.16
C HIS E 287 29.26 26.24 11.57
N ASN E 288 28.47 26.74 10.62
CA ASN E 288 27.56 27.84 10.90
C ASN E 288 26.46 27.46 11.88
N ILE E 289 26.00 26.21 11.85
CA ILE E 289 24.92 25.80 12.73
C ILE E 289 25.49 25.54 14.11
N LYS E 290 24.69 25.83 15.15
CA LYS E 290 25.14 25.66 16.51
C LYS E 290 23.99 25.92 17.46
N PHE E 291 24.04 25.26 18.61
CA PHE E 291 22.96 25.33 19.58
C PHE E 291 22.76 26.76 20.08
N ASP E 292 23.76 27.32 20.75
CA ASP E 292 23.64 28.63 21.35
C ASP E 292 23.84 29.72 20.33
N VAL E 293 22.90 30.67 20.29
CA VAL E 293 22.96 31.81 19.38
C VAL E 293 22.40 33.02 20.09
N ASP E 294 22.86 34.19 19.66
CA ASP E 294 22.40 35.47 20.16
C ASP E 294 21.95 36.34 19.00
N CYS E 295 20.83 37.02 19.17
CA CYS E 295 20.24 37.86 18.14
C CYS E 295 20.05 39.26 18.67
N THR E 296 20.36 40.26 17.84
CA THR E 296 20.10 41.65 18.11
C THR E 296 19.23 42.14 16.95
N VAL E 297 17.96 42.43 17.25
CA VAL E 297 16.93 42.50 16.23
C VAL E 297 16.19 43.83 16.20
N ASP E 298 16.43 44.72 17.18
CA ASP E 298 15.85 46.06 17.19
C ASP E 298 14.32 46.01 17.21
N ILE E 299 13.81 45.44 18.30
CA ILE E 299 12.40 45.60 18.64
C ILE E 299 12.28 45.89 20.12
N GLU E 300 12.20 47.17 20.45
CA GLU E 300 12.08 47.63 21.83
C GLU E 300 10.81 48.43 22.07
N SER E 301 10.16 48.91 21.00
CA SER E 301 8.82 49.45 21.12
C SER E 301 7.79 48.39 21.47
N LEU E 302 8.12 47.11 21.27
CA LEU E 302 7.18 46.02 21.40
C LEU E 302 7.45 45.14 22.62
N THR E 303 8.72 44.92 22.94
CA THR E 303 9.14 44.17 24.11
C THR E 303 9.76 45.07 25.17
N GLY E 304 10.64 45.96 24.75
CA GLY E 304 11.46 46.76 25.64
C GLY E 304 12.89 46.29 25.77
N TYR E 305 13.25 45.17 25.13
CA TYR E 305 14.60 44.67 25.08
C TYR E 305 15.08 44.66 23.64
N ARG E 306 16.39 44.72 23.47
CA ARG E 306 17.00 44.77 22.14
C ARG E 306 17.61 43.42 21.76
N THR E 307 18.51 42.92 22.61
CA THR E 307 19.28 41.72 22.31
C THR E 307 18.71 40.54 23.08
N TYR E 308 18.74 39.38 22.44
CA TYR E 308 18.20 38.17 23.03
C TYR E 308 19.10 36.99 22.68
N ARG E 309 19.26 36.11 23.66
CA ARG E 309 20.00 34.87 23.48
C ARG E 309 19.02 33.75 23.25
N CYS E 310 19.16 33.06 22.12
CA CYS E 310 18.33 31.92 21.78
C CYS E 310 19.14 30.64 21.84
N ALA E 311 18.45 29.53 21.55
CA ALA E 311 19.04 28.20 21.63
C ALA E 311 18.34 27.32 20.62
N HIS E 312 19.09 26.83 19.63
CA HIS E 312 18.51 25.95 18.62
C HIS E 312 18.68 24.51 19.10
N PRO E 313 17.61 23.80 19.47
CA PRO E 313 17.81 22.45 20.02
C PRO E 313 18.29 21.44 19.00
N LEU E 314 18.00 21.66 17.72
CA LEU E 314 18.28 20.70 16.66
C LEU E 314 19.61 20.95 15.97
N ALA E 315 20.37 21.97 16.38
CA ALA E 315 21.64 22.26 15.73
C ALA E 315 22.60 21.08 15.83
N THR E 316 22.52 20.30 16.91
CA THR E 316 23.40 19.15 17.07
C THR E 316 23.05 18.08 16.04
N LEU E 317 21.80 17.61 16.07
CA LEU E 317 21.39 16.50 15.21
C LEU E 317 21.62 16.81 13.73
N PHE E 318 21.28 18.03 13.30
CA PHE E 318 21.52 18.41 11.92
C PHE E 318 23.01 18.42 11.61
N LYS E 319 23.86 18.72 12.60
CA LYS E 319 25.29 18.58 12.42
C LYS E 319 25.66 17.12 12.20
N ILE E 320 24.97 16.20 12.88
CA ILE E 320 25.28 14.79 12.72
C ILE E 320 24.91 14.32 11.32
N LEU E 321 23.72 14.67 10.86
CA LEU E 321 23.30 14.26 9.52
C LEU E 321 24.23 14.81 8.46
N ALA E 322 24.68 16.05 8.64
CA ALA E 322 25.59 16.66 7.65
C ALA E 322 26.91 15.90 7.60
N SER E 323 27.54 15.71 8.76
CA SER E 323 28.79 14.95 8.82
C SER E 323 28.57 13.53 8.34
N PHE E 324 27.40 12.97 8.64
CA PHE E 324 27.05 11.64 8.15
C PHE E 324 26.80 11.66 6.65
N TYR E 325 26.03 12.64 6.20
CA TYR E 325 25.70 12.77 4.78
C TYR E 325 26.96 13.00 3.96
N ILE E 326 27.82 13.91 4.42
CA ILE E 326 29.05 14.22 3.71
C ILE E 326 29.92 12.98 3.59
N SER E 327 30.07 12.25 4.70
CA SER E 327 30.80 10.98 4.67
C SER E 327 30.15 10.01 3.70
N LEU E 328 28.82 10.02 3.64
CA LEU E 328 28.10 9.18 2.69
C LEU E 328 28.46 9.56 1.26
N VAL E 329 28.37 10.85 0.96
CA VAL E 329 28.50 11.31 -0.42
C VAL E 329 29.96 11.23 -0.87
N ILE E 330 30.90 11.25 0.07
CA ILE E 330 32.29 11.00 -0.27
C ILE E 330 32.42 9.62 -0.90
N PHE E 331 31.84 8.61 -0.26
CA PHE E 331 31.86 7.26 -0.83
C PHE E 331 31.13 7.22 -2.16
N TYR E 332 30.06 8.01 -2.30
CA TYR E 332 29.43 8.19 -3.59
C TYR E 332 30.41 8.76 -4.61
N GLY E 333 31.11 9.84 -4.23
CA GLY E 333 31.96 10.54 -5.17
C GLY E 333 33.11 9.70 -5.69
N LEU E 334 33.55 8.71 -4.91
CA LEU E 334 34.64 7.84 -5.35
C LEU E 334 34.14 6.81 -6.36
N ILE E 335 32.92 6.32 -6.15
CA ILE E 335 32.34 5.34 -7.07
C ILE E 335 32.29 5.92 -8.48
N CYS E 336 31.65 7.07 -8.62
CA CYS E 336 31.54 7.72 -9.93
C CYS E 336 32.89 8.13 -10.48
N MET E 337 33.86 8.41 -9.62
CA MET E 337 35.21 8.71 -10.10
C MET E 337 35.86 7.49 -10.72
N TYR E 338 35.67 6.33 -10.09
CA TYR E 338 36.36 5.12 -10.54
C TYR E 338 35.89 4.69 -11.92
N THR E 339 34.57 4.53 -12.08
CA THR E 339 34.02 4.11 -13.36
C THR E 339 34.34 5.10 -14.47
N LEU E 340 34.51 6.38 -14.13
CA LEU E 340 34.86 7.37 -15.14
C LEU E 340 36.26 7.13 -15.67
N TRP E 341 37.24 7.04 -14.77
CA TRP E 341 38.58 6.65 -15.16
C TRP E 341 38.57 5.36 -15.97
N TRP E 342 37.77 4.40 -15.55
CA TRP E 342 37.61 3.15 -16.30
C TRP E 342 37.04 3.42 -17.69
N MET E 343 36.10 4.36 -17.80
CA MET E 343 35.57 4.76 -19.10
C MET E 343 36.61 5.48 -19.95
N LEU E 344 37.62 6.08 -19.33
CA LEU E 344 38.65 6.83 -20.04
C LEU E 344 39.84 5.97 -20.38
N ARG E 345 40.33 5.21 -19.40
CA ARG E 345 41.49 4.36 -19.60
C ARG E 345 41.25 3.33 -20.70
N ARG E 346 40.05 2.77 -20.75
CA ARG E 346 39.80 1.53 -21.46
C ARG E 346 39.41 1.74 -22.92
N SER E 347 39.02 2.94 -23.33
CA SER E 347 38.69 3.25 -24.73
C SER E 347 37.54 2.35 -25.23
N LEU E 348 36.36 2.59 -24.66
CA LEU E 348 35.23 1.69 -24.79
C LEU E 348 34.48 1.80 -26.11
N LYS E 349 34.86 2.70 -27.02
CA LYS E 349 34.20 2.77 -28.31
C LYS E 349 34.34 1.46 -29.07
N LYS E 350 35.48 0.79 -28.93
CA LYS E 350 35.79 -0.46 -29.60
C LYS E 350 36.00 -1.54 -28.57
N TYR E 351 35.72 -2.79 -28.95
CA TYR E 351 35.99 -3.96 -28.12
C TYR E 351 36.90 -4.92 -28.86
N SER E 352 37.84 -5.52 -28.14
CA SER E 352 38.76 -6.51 -28.68
C SER E 352 38.17 -7.90 -28.43
N PHE E 353 37.69 -8.53 -29.50
CA PHE E 353 37.29 -9.94 -29.47
C PHE E 353 38.48 -10.90 -29.44
N GLU E 354 39.71 -10.38 -29.54
CA GLU E 354 40.84 -11.20 -29.97
C GLU E 354 41.18 -12.28 -28.93
N SER E 355 40.76 -12.09 -27.68
CA SER E 355 41.00 -13.10 -26.67
C SER E 355 40.02 -14.26 -26.82
N ILE E 356 38.74 -13.96 -27.09
CA ILE E 356 37.73 -14.99 -27.21
C ILE E 356 38.00 -15.86 -28.44
N ARG E 357 38.48 -15.25 -29.53
CA ARG E 357 38.58 -15.98 -30.78
C ARG E 357 39.68 -17.05 -30.72
N GLU E 358 40.63 -16.90 -29.80
CA GLU E 358 41.58 -17.96 -29.54
C GLU E 358 40.88 -19.21 -29.04
N GLU E 359 40.04 -19.06 -28.01
CA GLU E 359 39.40 -20.21 -27.40
C GLU E 359 38.37 -20.83 -28.33
N SER E 360 37.48 -20.01 -28.90
CA SER E 360 36.47 -20.53 -29.81
C SER E 360 37.09 -21.09 -31.09
N SER E 361 38.32 -20.69 -31.41
CA SER E 361 39.02 -21.15 -32.62
C SER E 361 38.27 -20.70 -33.87
N TYR E 362 37.76 -19.48 -33.82
CA TYR E 362 37.05 -18.86 -34.94
C TYR E 362 37.88 -17.69 -35.45
N SER E 363 38.53 -17.86 -36.60
CA SER E 363 39.33 -16.79 -37.18
C SER E 363 38.48 -15.74 -37.88
N ASP E 364 37.25 -16.08 -38.27
CA ASP E 364 36.33 -15.15 -38.91
C ASP E 364 35.37 -14.63 -37.84
N ILE E 365 35.75 -13.52 -37.22
CA ILE E 365 34.86 -12.83 -36.29
C ILE E 365 35.30 -11.37 -36.23
N PRO E 366 34.44 -10.40 -36.53
CA PRO E 366 34.89 -9.00 -36.57
C PRO E 366 34.81 -8.33 -35.21
N ASP E 367 35.58 -7.26 -35.08
CA ASP E 367 35.50 -6.39 -33.92
C ASP E 367 34.43 -5.32 -34.15
N VAL E 368 34.13 -4.61 -33.08
CA VAL E 368 33.14 -3.53 -33.10
C VAL E 368 33.85 -2.23 -33.47
N LYS E 369 33.07 -1.22 -33.85
CA LYS E 369 33.58 0.13 -34.09
C LYS E 369 33.11 1.14 -33.05
N ASN E 370 31.81 1.24 -32.80
CA ASN E 370 31.30 2.33 -31.98
C ASN E 370 29.87 2.10 -31.53
N ASP E 371 29.60 2.33 -30.24
CA ASP E 371 28.27 2.31 -29.62
C ASP E 371 27.72 0.90 -29.44
N PHE E 372 28.38 -0.13 -29.96
CA PHE E 372 27.97 -1.51 -29.81
C PHE E 372 28.99 -2.32 -29.01
N ALA E 373 30.24 -1.83 -28.93
CA ALA E 373 31.24 -2.40 -28.04
C ALA E 373 31.11 -1.83 -26.64
N PHE E 374 30.64 -0.58 -26.53
CA PHE E 374 30.41 0.03 -25.23
C PHE E 374 29.36 -0.75 -24.45
N MET E 375 28.19 -0.95 -25.05
CA MET E 375 27.17 -1.81 -24.44
C MET E 375 27.69 -3.23 -24.27
N LEU E 376 28.57 -3.69 -25.17
CA LEU E 376 29.24 -4.97 -24.95
C LEU E 376 30.21 -4.87 -23.79
N HIS E 377 30.96 -3.76 -23.71
CA HIS E 377 31.90 -3.56 -22.62
C HIS E 377 31.17 -3.55 -21.29
N LEU E 378 29.96 -3.01 -21.29
CA LEU E 378 29.13 -3.00 -20.09
C LEU E 378 28.79 -4.42 -19.65
N ILE E 379 28.09 -5.17 -20.50
CA ILE E 379 27.57 -6.47 -20.10
C ILE E 379 28.72 -7.44 -19.82
N ASP E 380 29.87 -7.21 -20.44
CA ASP E 380 31.09 -7.91 -20.03
C ASP E 380 31.36 -7.69 -18.55
N GLN E 381 31.07 -6.50 -18.04
CA GLN E 381 31.28 -6.23 -16.63
C GLN E 381 30.35 -7.06 -15.76
N TYR E 382 29.10 -7.25 -16.19
CA TYR E 382 28.22 -8.17 -15.50
C TYR E 382 28.80 -9.58 -15.53
N ASP E 383 29.07 -10.09 -16.74
CA ASP E 383 29.81 -11.33 -16.88
C ASP E 383 30.35 -11.41 -18.30
N PRO E 384 31.43 -12.16 -18.53
CA PRO E 384 31.88 -12.39 -19.90
C PRO E 384 31.11 -13.48 -20.63
N LEU E 385 30.20 -14.18 -19.94
CA LEU E 385 29.53 -15.33 -20.53
C LEU E 385 28.68 -14.91 -21.72
N TYR E 386 27.78 -13.94 -21.51
CA TYR E 386 26.85 -13.53 -22.55
C TYR E 386 27.60 -13.06 -23.81
N SER E 387 28.74 -12.41 -23.62
CA SER E 387 29.57 -12.02 -24.76
C SER E 387 30.11 -13.24 -25.47
N LYS E 388 30.41 -14.30 -24.72
CA LYS E 388 30.98 -15.51 -25.32
C LYS E 388 29.95 -16.22 -26.19
N ARG E 389 28.72 -16.37 -25.67
CA ARG E 389 27.65 -16.97 -26.45
C ARG E 389 27.32 -16.14 -27.68
N PHE E 390 27.68 -14.86 -27.69
CA PHE E 390 27.36 -13.96 -28.78
C PHE E 390 28.37 -14.04 -29.92
N ALA E 391 29.57 -14.56 -29.67
CA ALA E 391 30.55 -14.71 -30.74
C ALA E 391 30.04 -15.62 -31.85
N VAL E 392 29.20 -16.59 -31.50
CA VAL E 392 28.82 -17.61 -32.47
C VAL E 392 27.81 -17.07 -33.48
N PHE E 393 26.85 -16.28 -33.01
CA PHE E 393 25.86 -15.72 -33.92
C PHE E 393 26.43 -14.65 -34.82
N LEU E 394 27.60 -14.12 -34.48
CA LEU E 394 28.26 -13.08 -35.26
C LEU E 394 29.17 -13.62 -36.35
N SER E 395 29.81 -14.77 -36.11
CA SER E 395 30.77 -15.30 -37.07
C SER E 395 30.03 -15.79 -38.32
N GLU E 396 30.56 -15.45 -39.49
CA GLU E 396 29.93 -15.86 -40.73
C GLU E 396 30.11 -17.35 -40.97
N VAL E 397 31.28 -17.90 -40.63
CA VAL E 397 31.48 -19.34 -40.78
C VAL E 397 30.55 -20.10 -39.85
N SER E 398 30.21 -19.54 -38.69
CA SER E 398 29.23 -20.16 -37.82
C SER E 398 27.87 -20.23 -38.51
N GLU E 399 27.46 -19.15 -39.17
CA GLU E 399 26.30 -19.22 -40.05
C GLU E 399 26.51 -20.23 -41.15
N ASN E 400 27.71 -20.23 -41.74
CA ASN E 400 28.02 -21.17 -42.79
C ASN E 400 27.90 -22.60 -42.30
N LYS E 401 28.36 -22.86 -41.06
CA LYS E 401 28.18 -24.17 -40.46
C LYS E 401 26.70 -24.51 -40.34
N LEU E 402 25.91 -23.56 -39.86
CA LEU E 402 24.46 -23.75 -39.84
C LEU E 402 23.92 -23.91 -41.26
N ARG E 403 24.36 -23.05 -42.17
CA ARG E 403 23.84 -23.07 -43.53
C ARG E 403 24.11 -24.41 -44.21
N GLN E 404 25.26 -25.01 -43.93
CA GLN E 404 25.54 -26.35 -44.44
C GLN E 404 24.62 -27.37 -43.78
N LEU E 405 24.47 -27.30 -42.45
CA LEU E 405 23.56 -28.19 -41.75
C LEU E 405 22.11 -27.93 -42.10
N ASN E 406 21.77 -26.69 -42.47
CA ASN E 406 20.40 -26.36 -42.83
C ASN E 406 20.09 -26.85 -44.24
N LEU E 407 21.02 -26.65 -45.17
CA LEU E 407 20.89 -27.23 -46.50
C LEU E 407 20.78 -28.75 -46.44
N ASN E 408 21.50 -29.38 -45.51
CA ASN E 408 21.55 -30.84 -45.39
C ASN E 408 20.28 -31.36 -44.70
N PRO F 15 -1.93 -0.17 -20.94
CA PRO F 15 -1.34 -0.82 -22.11
C PRO F 15 0.08 -0.35 -22.40
N ALA F 16 0.57 -0.61 -23.61
CA ALA F 16 1.93 -0.25 -23.98
C ALA F 16 1.93 1.13 -24.65
N TYR F 17 1.43 2.10 -23.90
CA TYR F 17 1.37 3.48 -24.35
C TYR F 17 2.66 4.25 -24.07
N ARG F 18 3.72 3.57 -23.61
CA ARG F 18 5.01 4.24 -23.47
C ARG F 18 5.53 4.69 -24.82
N ILE F 19 5.19 3.96 -25.87
CA ILE F 19 5.56 4.37 -27.22
C ILE F 19 4.90 5.69 -27.58
N LEU F 20 3.73 5.95 -27.00
CA LEU F 20 2.89 7.04 -27.49
C LEU F 20 3.34 8.40 -26.97
N LYS F 21 4.35 8.44 -26.09
CA LYS F 21 4.76 9.66 -25.42
C LYS F 21 6.19 10.00 -25.82
N PRO F 22 6.42 11.01 -26.66
CA PRO F 22 7.80 11.41 -26.94
C PRO F 22 8.47 11.99 -25.70
N TRP F 23 9.76 12.28 -25.85
CA TRP F 23 10.54 12.80 -24.72
C TRP F 23 9.95 14.09 -24.19
N TRP F 24 9.37 14.92 -25.06
CA TRP F 24 8.71 16.13 -24.59
C TRP F 24 7.45 15.83 -23.81
N ASP F 25 6.86 14.65 -23.96
CA ASP F 25 5.75 14.22 -23.13
C ASP F 25 6.18 13.51 -21.86
N VAL F 26 7.41 13.01 -21.81
CA VAL F 26 7.87 12.22 -20.68
C VAL F 26 8.43 13.10 -19.57
N PHE F 27 9.27 14.08 -19.93
CA PHE F 27 9.64 15.09 -18.95
C PHE F 27 8.39 15.80 -18.44
N THR F 28 7.48 16.12 -19.37
CA THR F 28 6.21 16.73 -19.02
C THR F 28 5.44 15.89 -18.02
N ASP F 29 5.55 14.57 -18.12
CA ASP F 29 4.88 13.71 -17.15
C ASP F 29 5.44 13.91 -15.75
N TYR F 30 6.76 13.99 -15.62
CA TYR F 30 7.39 14.05 -14.32
C TYR F 30 7.48 15.46 -13.77
N ILE F 31 7.59 16.47 -14.64
CA ILE F 31 7.45 17.84 -14.20
C ILE F 31 6.05 18.05 -13.61
N SER F 32 5.07 17.33 -14.14
CA SER F 32 3.72 17.36 -13.59
C SER F 32 3.54 16.39 -12.42
N ILE F 33 4.62 15.96 -11.79
CA ILE F 33 4.59 15.15 -10.58
C ILE F 33 5.20 15.91 -9.40
N VAL F 34 6.39 16.47 -9.59
CA VAL F 34 6.99 17.27 -8.52
C VAL F 34 6.20 18.56 -8.35
N MET F 35 5.59 19.08 -9.42
CA MET F 35 4.64 20.17 -9.28
C MET F 35 3.54 19.80 -8.30
N LEU F 36 3.08 18.56 -8.35
CA LEU F 36 2.11 18.08 -7.38
C LEU F 36 2.73 18.02 -5.98
N MET F 37 3.96 17.52 -5.90
CA MET F 37 4.54 17.22 -4.59
C MET F 37 4.76 18.48 -3.77
N ILE F 38 5.02 19.61 -4.42
CA ILE F 38 5.13 20.87 -3.68
C ILE F 38 3.75 21.44 -3.40
N ALA F 39 2.79 21.20 -4.30
CA ALA F 39 1.42 21.67 -4.07
C ALA F 39 0.83 21.00 -2.85
N VAL F 40 1.01 19.69 -2.73
CA VAL F 40 0.52 18.96 -1.56
C VAL F 40 1.36 19.28 -0.33
N PHE F 41 2.68 19.40 -0.50
CA PHE F 41 3.56 19.67 0.62
C PHE F 41 3.32 21.05 1.20
N GLY F 42 2.97 22.02 0.35
CA GLY F 42 2.61 23.34 0.85
C GLY F 42 1.24 23.38 1.48
N GLY F 43 0.31 22.59 0.96
CA GLY F 43 -1.06 22.59 1.46
C GLY F 43 -1.16 21.93 2.81
N THR F 44 -0.62 20.71 2.90
CA THR F 44 -0.56 20.01 4.18
C THR F 44 0.21 20.80 5.23
N LEU F 45 1.16 21.63 4.80
CA LEU F 45 1.83 22.55 5.70
C LEU F 45 0.92 23.72 6.06
N GLN F 46 0.21 24.26 5.06
CA GLN F 46 -0.67 25.41 5.30
C GLN F 46 -1.75 25.06 6.31
N VAL F 47 -2.51 24.00 6.05
CA VAL F 47 -3.55 23.55 6.98
C VAL F 47 -3.02 23.28 8.37
N THR F 48 -1.73 22.95 8.49
CA THR F 48 -1.18 22.57 9.78
C THR F 48 -1.18 23.75 10.75
N GLN F 49 -0.46 24.84 10.42
CA GLN F 49 -0.55 26.07 11.20
C GLN F 49 -1.08 27.26 10.37
N ASP F 50 -0.39 27.66 9.30
CA ASP F 50 -0.62 28.93 8.58
C ASP F 50 -1.11 30.04 9.52
N LYS F 51 -0.28 30.34 10.52
CA LYS F 51 -0.67 31.23 11.61
C LYS F 51 0.21 32.47 11.62
N MET F 52 -0.20 33.43 12.44
CA MET F 52 0.48 34.71 12.58
C MET F 52 0.55 35.07 14.06
N ILE F 53 1.38 36.06 14.37
CA ILE F 53 1.60 36.52 15.74
C ILE F 53 1.43 38.03 15.72
N CYS F 54 0.20 38.48 15.96
CA CYS F 54 -0.14 39.90 15.87
C CYS F 54 0.05 40.58 17.23
N LEU F 55 0.82 41.65 17.24
CA LEU F 55 1.11 42.44 18.42
C LEU F 55 0.67 43.89 18.20
N PRO F 56 0.17 44.58 19.23
CA PRO F 56 -0.28 45.95 19.03
C PRO F 56 0.88 46.91 18.89
N CYS F 57 0.57 48.20 18.78
CA CYS F 57 1.57 49.25 18.75
C CYS F 57 1.00 50.44 19.51
N LYS F 58 1.66 50.80 20.61
CA LYS F 58 1.10 51.82 21.50
C LYS F 58 1.15 53.20 20.85
N TRP F 59 2.36 53.66 20.56
CA TRP F 59 2.55 54.95 19.88
C TRP F 59 2.38 54.69 18.39
N VAL F 60 1.22 55.05 17.86
CA VAL F 60 0.94 54.91 16.43
C VAL F 60 0.96 56.28 15.80
N THR F 61 1.49 56.33 14.58
CA THR F 61 1.43 57.50 13.72
C THR F 61 1.06 56.99 12.35
N LYS F 62 0.23 57.75 11.63
CA LYS F 62 -0.21 57.39 10.28
C LYS F 62 -1.02 56.09 10.29
N ASP F 63 -1.55 55.67 11.44
CA ASP F 63 -2.03 54.31 11.65
C ASP F 63 -0.90 53.32 11.34
N SER F 64 0.31 53.67 11.77
CA SER F 64 1.49 52.84 11.64
C SER F 64 2.25 52.91 12.96
N CYS F 65 3.01 51.85 13.26
CA CYS F 65 3.77 51.82 14.50
C CYS F 65 4.80 52.94 14.50
N ASN F 66 4.58 53.95 15.35
CA ASN F 66 5.46 55.11 15.38
C ASN F 66 6.87 54.75 15.82
N ASP F 67 7.06 53.61 16.50
CA ASP F 67 8.37 53.16 16.92
C ASP F 67 9.02 54.16 17.87
N SER F 68 8.21 54.77 18.73
CA SER F 68 8.68 55.78 19.67
C SER F 68 9.03 55.16 21.02
N THR F 92 16.31 51.16 36.05
CA THR F 92 17.44 51.44 35.18
C THR F 92 17.43 50.52 33.96
N GLY F 93 17.69 49.23 34.20
CA GLY F 93 17.74 48.26 33.14
C GLY F 93 16.42 48.14 32.40
N PRO F 94 16.43 47.46 31.26
CA PRO F 94 15.20 47.35 30.47
C PRO F 94 14.24 46.34 31.08
N THR F 95 12.97 46.49 30.72
CA THR F 95 11.92 45.66 31.27
C THR F 95 10.87 45.39 30.19
N GLY F 96 10.05 44.39 30.45
CA GLY F 96 9.04 44.00 29.49
C GLY F 96 7.90 45.00 29.43
N ILE F 97 7.39 45.17 28.24
CA ILE F 97 6.20 45.96 28.01
C ILE F 97 5.00 45.08 28.27
N LYS F 98 3.90 45.70 28.71
CA LYS F 98 2.65 44.99 28.99
C LYS F 98 1.52 45.69 28.26
N TYR F 99 0.78 44.91 27.48
CA TYR F 99 -0.47 45.34 26.91
C TYR F 99 -1.69 44.85 27.68
N ASP F 100 -1.50 44.02 28.70
CA ASP F 100 -2.57 43.58 29.58
C ASP F 100 -3.64 42.82 28.80
N LEU F 101 -3.22 41.70 28.21
CA LEU F 101 -4.11 40.92 27.34
C LEU F 101 -3.89 39.43 27.57
N ASP F 102 -5.00 38.68 27.50
CA ASP F 102 -5.01 37.25 27.68
C ASP F 102 -4.85 36.53 26.34
N ARG F 103 -4.85 35.20 26.42
CA ARG F 103 -4.42 34.37 25.30
C ARG F 103 -5.42 34.40 24.14
N HIS F 104 -6.71 34.41 24.45
CA HIS F 104 -7.71 34.21 23.41
C HIS F 104 -7.86 35.43 22.52
N GLN F 105 -7.99 36.61 23.12
CA GLN F 105 -8.08 37.80 22.31
C GLN F 105 -6.77 38.04 21.56
N TYR F 106 -5.65 37.53 22.09
CA TYR F 106 -4.43 37.43 21.30
C TYR F 106 -4.62 36.47 20.14
N ASN F 107 -5.35 35.37 20.36
CA ASN F 107 -5.66 34.46 19.26
C ASN F 107 -6.70 35.07 18.34
N TYR F 108 -7.64 35.81 18.89
CA TYR F 108 -8.70 36.45 18.11
C TYR F 108 -8.10 37.39 17.09
N VAL F 109 -7.27 38.32 17.58
CA VAL F 109 -6.67 39.33 16.71
C VAL F 109 -5.84 38.70 15.62
N ASP F 110 -5.20 37.57 15.92
CA ASP F 110 -4.39 36.88 14.91
C ASP F 110 -5.27 36.40 13.76
N ALA F 111 -6.49 35.97 14.07
CA ALA F 111 -7.39 35.51 13.02
C ALA F 111 -7.79 36.64 12.09
N VAL F 112 -8.11 37.80 12.66
CA VAL F 112 -8.70 38.88 11.88
C VAL F 112 -7.67 39.47 10.92
N CYS F 113 -6.49 39.83 11.45
CA CYS F 113 -5.41 40.31 10.61
C CYS F 113 -5.01 39.26 9.58
N TYR F 114 -5.08 37.98 9.96
CA TYR F 114 -4.92 36.90 9.00
C TYR F 114 -6.09 36.86 8.03
N GLU F 115 -7.30 37.07 8.54
CA GLU F 115 -8.50 36.93 7.71
C GLU F 115 -8.54 37.98 6.61
N ASN F 116 -8.26 39.23 6.96
CA ASN F 116 -8.60 40.38 6.13
C ASN F 116 -7.39 41.11 5.61
N ARG F 117 -6.39 41.35 6.46
CA ARG F 117 -5.18 42.06 6.07
C ARG F 117 -4.08 41.13 5.58
N LEU F 118 -4.45 39.97 5.05
CA LEU F 118 -3.53 39.07 4.38
C LEU F 118 -4.04 38.76 2.99
N HIS F 119 -3.11 38.58 2.06
CA HIS F 119 -3.45 38.34 0.67
C HIS F 119 -3.98 36.92 0.49
N TRP F 120 -5.06 36.81 -0.30
CA TRP F 120 -5.55 35.48 -0.68
C TRP F 120 -4.45 34.63 -1.31
N PHE F 121 -3.53 35.27 -2.03
CA PHE F 121 -2.49 34.52 -2.73
C PHE F 121 -1.56 33.83 -1.75
N ALA F 122 -1.26 34.48 -0.63
CA ALA F 122 -0.37 33.87 0.36
C ALA F 122 -1.02 32.65 0.99
N LYS F 123 -2.35 32.64 1.09
CA LYS F 123 -3.05 31.61 1.84
C LYS F 123 -3.42 30.41 0.98
N TYR F 124 -3.81 30.65 -0.27
CA TYR F 124 -4.32 29.62 -1.15
C TYR F 124 -3.30 29.20 -2.21
N PHE F 125 -2.04 29.55 -2.03
CA PHE F 125 -0.99 29.19 -2.99
C PHE F 125 -0.89 27.69 -3.21
N PRO F 126 -0.77 26.83 -2.19
CA PRO F 126 -0.62 25.40 -2.49
C PRO F 126 -1.86 24.79 -3.09
N TYR F 127 -3.04 25.30 -2.72
CA TYR F 127 -4.29 24.83 -3.28
C TYR F 127 -4.51 25.29 -4.71
N LEU F 128 -3.68 26.21 -5.20
CA LEU F 128 -3.85 26.79 -6.52
C LEU F 128 -3.04 26.05 -7.58
N VAL F 129 -1.76 25.83 -7.31
CA VAL F 129 -0.94 25.14 -8.29
C VAL F 129 -1.35 23.67 -8.40
N LEU F 130 -1.86 23.10 -7.31
CA LEU F 130 -2.44 21.77 -7.36
C LEU F 130 -3.54 21.70 -8.40
N LEU F 131 -4.46 22.66 -8.35
CA LEU F 131 -5.49 22.77 -9.38
C LEU F 131 -4.86 22.80 -10.76
N HIS F 132 -3.87 23.66 -10.95
CA HIS F 132 -3.19 23.75 -12.23
C HIS F 132 -2.45 22.46 -12.56
N THR F 133 -1.92 21.79 -11.54
CA THR F 133 -1.21 20.53 -11.76
C THR F 133 -2.14 19.46 -12.33
N LEU F 134 -3.41 19.49 -11.92
CA LEU F 134 -4.35 18.49 -12.40
C LEU F 134 -4.74 18.72 -13.85
N ILE F 135 -4.81 19.98 -14.27
CA ILE F 135 -5.22 20.30 -15.64
C ILE F 135 -4.20 19.74 -16.63
N PHE F 136 -2.92 19.98 -16.36
CA PHE F 136 -1.87 19.48 -17.23
C PHE F 136 -1.89 17.97 -17.32
N LEU F 137 -2.35 17.29 -16.28
CA LEU F 137 -2.58 15.85 -16.37
C LEU F 137 -3.84 15.55 -17.17
N ALA F 138 -4.94 16.26 -16.88
CA ALA F 138 -6.18 16.03 -17.61
C ALA F 138 -6.02 16.39 -19.07
N CYS F 139 -5.22 17.40 -19.35
CA CYS F 139 -4.89 17.78 -20.71
C CYS F 139 -3.77 16.94 -21.32
N SER F 140 -3.52 15.74 -20.79
CA SER F 140 -2.82 14.70 -21.54
C SER F 140 -3.64 13.42 -21.67
N ASN F 141 -4.21 12.93 -20.58
CA ASN F 141 -4.92 11.66 -20.63
C ASN F 141 -6.27 11.75 -21.31
N PHE F 142 -6.83 12.97 -21.44
CA PHE F 142 -8.04 13.16 -22.24
C PHE F 142 -7.87 12.59 -23.63
N TRP F 143 -6.70 12.82 -24.24
CA TRP F 143 -6.37 12.23 -25.53
C TRP F 143 -6.49 10.71 -25.50
N PHE F 144 -5.77 10.06 -24.59
CA PHE F 144 -5.84 8.62 -24.44
C PHE F 144 -7.22 8.13 -24.05
N LYS F 145 -7.99 8.94 -23.32
CA LYS F 145 -9.23 8.49 -22.71
C LYS F 145 -10.47 8.80 -23.54
N PHE F 146 -10.37 9.72 -24.49
CA PHE F 146 -11.53 10.04 -25.31
C PHE F 146 -11.85 8.85 -26.22
N PRO F 147 -13.08 8.35 -26.23
CA PRO F 147 -13.32 7.03 -26.83
C PRO F 147 -13.25 7.03 -28.34
N ARG F 148 -13.73 8.09 -29.00
CA ARG F 148 -13.73 8.15 -30.46
C ARG F 148 -12.33 8.03 -31.02
N THR F 149 -11.32 8.42 -30.25
CA THR F 149 -9.92 8.26 -30.62
C THR F 149 -9.27 7.06 -29.94
N SER F 150 -9.59 6.82 -28.66
CA SER F 150 -8.94 5.76 -27.90
C SER F 150 -9.10 4.40 -28.56
N SER F 151 -10.20 4.21 -29.30
CA SER F 151 -10.31 3.04 -30.16
C SER F 151 -9.28 3.08 -31.27
N LYS F 152 -9.13 4.24 -31.93
CA LYS F 152 -8.15 4.37 -33.00
C LYS F 152 -6.74 4.13 -32.48
N LEU F 153 -6.42 4.66 -31.31
CA LEU F 153 -5.11 4.45 -30.73
C LEU F 153 -4.90 2.98 -30.41
N GLU F 154 -5.84 2.39 -29.68
CA GLU F 154 -5.73 0.98 -29.31
C GLU F 154 -5.74 0.08 -30.53
N HIS F 155 -6.30 0.54 -31.65
CA HIS F 155 -6.22 -0.21 -32.89
C HIS F 155 -4.86 -0.02 -33.56
N PHE F 156 -4.41 1.24 -33.63
CA PHE F 156 -3.13 1.54 -34.28
C PHE F 156 -1.99 0.80 -33.63
N VAL F 157 -1.98 0.76 -32.29
CA VAL F 157 -0.93 0.03 -31.59
C VAL F 157 -1.07 -1.47 -31.82
N SER F 158 -2.30 -1.98 -31.79
CA SER F 158 -2.52 -3.43 -31.79
C SER F 158 -1.99 -4.06 -33.07
N ILE F 159 -2.20 -3.39 -34.20
CA ILE F 159 -1.72 -3.90 -35.47
C ILE F 159 -0.20 -3.79 -35.57
N LEU F 160 0.39 -2.76 -34.94
CA LEU F 160 1.79 -2.47 -35.17
C LEU F 160 2.69 -3.45 -34.44
N LEU F 161 2.24 -3.95 -33.29
CA LEU F 161 2.98 -5.02 -32.60
C LEU F 161 3.08 -6.24 -33.50
N LYS F 162 1.93 -6.69 -34.02
CA LYS F 162 1.90 -7.85 -34.90
C LYS F 162 2.76 -7.62 -36.13
N CYS F 163 2.65 -6.44 -36.74
CA CYS F 163 3.51 -6.11 -37.87
C CYS F 163 4.97 -6.08 -37.45
N PHE F 164 5.25 -5.54 -36.27
CA PHE F 164 6.60 -5.60 -35.74
C PHE F 164 7.03 -7.03 -35.47
N ASP F 165 6.09 -7.91 -35.07
CA ASP F 165 6.43 -9.27 -34.67
C ASP F 165 6.32 -10.27 -35.80
N SER F 166 5.87 -9.85 -36.98
CA SER F 166 5.62 -10.77 -38.07
C SER F 166 6.92 -11.46 -38.50
N PRO F 167 6.94 -12.80 -38.59
CA PRO F 167 8.14 -13.42 -39.19
C PRO F 167 8.32 -13.12 -40.65
N TRP F 168 7.25 -12.92 -41.41
CA TRP F 168 7.37 -12.86 -42.86
C TRP F 168 8.07 -11.60 -43.31
N THR F 169 7.85 -10.48 -42.60
CA THR F 169 8.56 -9.25 -42.93
C THR F 169 10.06 -9.44 -42.84
N THR F 170 10.53 -10.33 -41.98
CA THR F 170 11.96 -10.61 -41.87
C THR F 170 12.51 -11.09 -43.20
N ARG F 171 11.73 -11.87 -43.94
CA ARG F 171 12.08 -12.25 -45.29
C ARG F 171 11.90 -11.08 -46.25
N ALA F 172 10.72 -10.46 -46.21
CA ALA F 172 10.37 -9.44 -47.19
C ALA F 172 11.18 -8.16 -46.99
N LEU F 173 11.68 -7.91 -45.79
CA LEU F 173 12.49 -6.72 -45.56
C LEU F 173 13.83 -6.77 -46.29
N SER F 174 14.28 -7.96 -46.66
CA SER F 174 15.52 -8.09 -47.42
C SER F 174 15.29 -7.77 -48.89
N ASP F 233 5.99 -21.27 -42.94
CA ASP F 233 6.12 -20.40 -44.09
C ASP F 233 4.73 -20.10 -44.68
N LYS F 234 4.03 -21.15 -45.10
CA LYS F 234 2.71 -20.95 -45.70
C LYS F 234 1.68 -20.55 -44.65
N LYS F 235 1.70 -21.21 -43.50
CA LYS F 235 0.84 -20.82 -42.39
C LYS F 235 1.07 -19.35 -42.03
N GLU F 236 2.34 -18.95 -42.02
CA GLU F 236 2.70 -17.56 -41.78
C GLU F 236 2.13 -16.67 -42.87
N GLY F 237 2.03 -17.20 -44.09
CA GLY F 237 1.46 -16.45 -45.20
C GLY F 237 -0.02 -16.17 -45.02
N GLU F 238 -0.76 -17.15 -44.48
CA GLU F 238 -2.16 -16.91 -44.15
C GLU F 238 -2.28 -15.84 -43.08
N GLN F 239 -1.46 -15.96 -42.04
CA GLN F 239 -1.41 -14.93 -41.01
C GLN F 239 -1.00 -13.58 -41.60
N ALA F 240 0.00 -13.60 -42.48
CA ALA F 240 0.48 -12.37 -43.09
C ALA F 240 -0.62 -11.71 -43.93
N LYS F 241 -1.20 -12.47 -44.87
CA LYS F 241 -2.24 -11.90 -45.72
C LYS F 241 -3.47 -11.52 -44.91
N ALA F 242 -3.78 -12.28 -43.85
CA ALA F 242 -4.85 -11.89 -42.95
C ALA F 242 -4.65 -10.49 -42.42
N LEU F 243 -3.39 -10.10 -42.19
CA LEU F 243 -3.06 -8.78 -41.70
C LEU F 243 -3.07 -7.74 -42.81
N PHE F 244 -2.73 -8.15 -44.03
CA PHE F 244 -2.80 -7.24 -45.18
C PHE F 244 -4.20 -6.66 -45.35
N GLU F 245 -5.21 -7.44 -45.03
CA GLU F 245 -6.59 -7.02 -45.29
C GLU F 245 -7.05 -5.99 -44.27
N LYS F 246 -7.01 -6.34 -42.99
CA LYS F 246 -7.37 -5.39 -41.94
C LYS F 246 -6.52 -4.12 -42.00
N VAL F 247 -5.27 -4.25 -42.43
CA VAL F 247 -4.45 -3.06 -42.69
C VAL F 247 -5.12 -2.20 -43.75
N LYS F 248 -5.58 -2.82 -44.83
CA LYS F 248 -6.26 -2.06 -45.88
C LYS F 248 -7.54 -1.45 -45.35
N LYS F 249 -8.29 -2.19 -44.53
CA LYS F 249 -9.50 -1.65 -43.94
C LYS F 249 -9.18 -0.58 -42.92
N PHE F 250 -8.21 -0.83 -42.05
CA PHE F 250 -7.72 0.20 -41.14
C PHE F 250 -7.24 1.42 -41.90
N ARG F 251 -6.47 1.23 -42.98
CA ARG F 251 -6.05 2.35 -43.81
C ARG F 251 -7.21 3.19 -44.28
N THR F 252 -8.35 2.57 -44.59
CA THR F 252 -9.53 3.30 -45.03
C THR F 252 -10.38 3.77 -43.86
N HIS F 253 -10.44 2.98 -42.79
CA HIS F 253 -11.35 3.29 -41.68
C HIS F 253 -10.94 4.56 -40.96
N VAL F 254 -9.64 4.73 -40.67
CA VAL F 254 -9.20 5.83 -39.83
C VAL F 254 -8.68 7.02 -40.62
N GLU F 255 -8.26 6.83 -41.87
CA GLU F 255 -7.74 7.95 -42.65
C GLU F 255 -8.84 8.96 -42.96
N GLU F 256 -10.11 8.55 -42.87
CA GLU F 256 -11.22 9.45 -43.06
C GLU F 256 -11.19 10.61 -42.06
N GLY F 257 -11.25 10.28 -40.77
CA GLY F 257 -11.33 11.31 -39.75
C GLY F 257 -10.09 12.17 -39.68
N ASP F 258 -10.20 13.25 -38.88
CA ASP F 258 -9.07 14.09 -38.54
C ASP F 258 -9.14 14.56 -37.09
N ILE F 259 -9.93 13.88 -36.26
CA ILE F 259 -10.15 14.33 -34.89
C ILE F 259 -8.92 14.15 -34.01
N VAL F 260 -8.12 13.12 -34.25
CA VAL F 260 -6.99 12.83 -33.37
C VAL F 260 -5.96 13.96 -33.43
N TYR F 261 -5.57 14.34 -34.64
CA TYR F 261 -4.66 15.47 -34.81
C TYR F 261 -5.27 16.75 -34.24
N ARG F 262 -6.58 16.89 -34.36
CA ARG F 262 -7.25 18.08 -33.81
C ARG F 262 -7.16 18.10 -32.29
N LEU F 263 -7.35 16.96 -31.63
CA LEU F 263 -7.28 16.91 -30.18
C LEU F 263 -5.88 17.24 -29.68
N TYR F 264 -4.87 16.52 -30.19
CA TYR F 264 -3.49 16.78 -29.79
C TYR F 264 -3.11 18.23 -30.03
N MET F 265 -3.59 18.81 -31.14
CA MET F 265 -3.44 20.24 -31.36
C MET F 265 -4.21 21.04 -30.32
N ARG F 266 -5.49 20.73 -30.15
CA ARG F 266 -6.33 21.46 -29.20
C ARG F 266 -5.84 21.28 -27.77
N GLN F 267 -5.08 20.22 -27.53
CA GLN F 267 -4.59 19.89 -26.20
C GLN F 267 -3.40 20.74 -25.83
N THR F 268 -2.32 20.67 -26.62
CA THR F 268 -1.11 21.39 -26.28
C THR F 268 -1.30 22.89 -26.37
N ILE F 269 -2.12 23.35 -27.31
CA ILE F 269 -2.32 24.78 -27.51
C ILE F 269 -2.90 25.45 -26.27
N ILE F 270 -3.81 24.79 -25.55
CA ILE F 270 -4.36 25.38 -24.34
C ILE F 270 -3.36 25.32 -23.19
N LYS F 271 -2.57 24.26 -23.11
CA LYS F 271 -1.56 24.15 -22.06
C LYS F 271 -0.50 25.23 -22.23
N VAL F 272 -0.12 25.53 -23.47
CA VAL F 272 0.77 26.65 -23.74
C VAL F 272 0.09 27.95 -23.33
N ILE F 273 -1.15 28.14 -23.76
CA ILE F 273 -1.94 29.30 -23.36
C ILE F 273 -2.05 29.37 -21.84
N LYS F 274 -2.27 28.21 -21.22
CA LYS F 274 -2.38 28.14 -19.77
C LYS F 274 -1.09 28.59 -19.09
N PHE F 275 0.05 28.17 -19.64
CA PHE F 275 1.34 28.50 -19.04
C PHE F 275 1.56 30.01 -19.02
N ALA F 276 1.11 30.71 -20.06
CA ALA F 276 1.35 32.14 -20.16
C ALA F 276 0.66 32.91 -19.04
N LEU F 277 -0.52 32.44 -18.63
CA LEU F 277 -1.29 33.15 -17.60
C LEU F 277 -0.68 32.95 -16.22
N ILE F 278 -0.16 31.75 -15.95
CA ILE F 278 0.43 31.46 -14.65
C ILE F 278 1.56 32.43 -14.37
N ILE F 279 2.37 32.73 -15.39
CA ILE F 279 3.45 33.67 -15.23
C ILE F 279 2.94 35.11 -15.19
N CYS F 280 1.77 35.38 -15.76
CA CYS F 280 1.27 36.74 -15.82
C CYS F 280 0.89 37.26 -14.43
N TYR F 281 0.22 36.43 -13.63
CA TYR F 281 -0.28 36.87 -12.33
C TYR F 281 0.61 36.44 -11.17
N THR F 282 1.26 35.28 -11.28
CA THR F 282 1.95 34.72 -10.12
C THR F 282 3.14 35.58 -9.74
N VAL F 283 3.93 36.02 -10.73
CA VAL F 283 4.99 36.98 -10.48
C VAL F 283 4.40 38.32 -10.03
N TYR F 284 3.19 38.63 -10.49
CA TYR F 284 2.56 39.91 -10.17
C TYR F 284 2.12 40.00 -8.72
N TYR F 285 2.14 38.89 -7.97
CA TYR F 285 1.74 38.87 -6.57
C TYR F 285 2.71 38.14 -5.67
N VAL F 286 3.81 37.57 -6.20
CA VAL F 286 4.79 36.93 -5.35
C VAL F 286 5.45 37.96 -4.43
N HIS F 287 5.58 39.19 -4.89
CA HIS F 287 6.05 40.27 -4.04
C HIS F 287 5.11 40.50 -2.85
N ASN F 288 3.84 40.15 -2.99
CA ASN F 288 2.85 40.50 -1.99
C ASN F 288 3.11 39.79 -0.66
N ILE F 289 3.61 38.57 -0.69
CA ILE F 289 3.84 37.82 0.54
C ILE F 289 5.11 38.33 1.21
N LYS F 290 5.12 38.33 2.53
CA LYS F 290 6.28 38.83 3.27
C LYS F 290 6.07 38.56 4.75
N PHE F 291 7.20 38.40 5.44
CA PHE F 291 7.17 38.04 6.86
C PHE F 291 6.47 39.11 7.69
N ASP F 292 7.04 40.32 7.71
CA ASP F 292 6.53 41.38 8.56
C ASP F 292 5.33 42.07 7.89
N VAL F 293 4.25 42.19 8.65
CA VAL F 293 3.03 42.84 8.17
C VAL F 293 2.40 43.59 9.33
N ASP F 294 1.67 44.65 9.00
CA ASP F 294 0.93 45.46 9.95
C ASP F 294 -0.52 45.53 9.52
N CYS F 295 -1.43 45.42 10.49
CA CYS F 295 -2.86 45.42 10.24
C CYS F 295 -3.51 46.49 11.09
N THR F 296 -4.45 47.22 10.49
CA THR F 296 -5.30 48.18 11.18
C THR F 296 -6.73 47.72 10.92
N VAL F 297 -7.40 47.24 11.98
CA VAL F 297 -8.58 46.40 11.83
C VAL F 297 -9.79 46.94 12.57
N ASP F 298 -9.65 48.00 13.35
CA ASP F 298 -10.77 48.66 14.02
C ASP F 298 -11.51 47.69 14.95
N ILE F 299 -10.78 47.24 15.97
CA ILE F 299 -11.41 46.59 17.11
C ILE F 299 -10.77 47.11 18.38
N GLU F 300 -11.41 48.11 18.98
CA GLU F 300 -10.95 48.74 20.21
C GLU F 300 -11.96 48.62 21.33
N SER F 301 -13.21 48.31 21.02
CA SER F 301 -14.18 47.94 22.04
C SER F 301 -13.84 46.60 22.69
N LEU F 302 -12.99 45.80 22.05
CA LEU F 302 -12.73 44.43 22.47
C LEU F 302 -11.33 44.25 23.03
N THR F 303 -10.35 44.93 22.46
CA THR F 303 -8.98 44.93 22.93
C THR F 303 -8.59 46.25 23.58
N GLY F 304 -8.93 47.35 22.92
CA GLY F 304 -8.48 48.67 23.30
C GLY F 304 -7.37 49.22 22.43
N TYR F 305 -6.87 48.44 21.47
CA TYR F 305 -5.89 48.89 20.50
C TYR F 305 -6.49 48.79 19.11
N ARG F 306 -5.95 49.59 18.20
CA ARG F 306 -6.44 49.66 16.82
C ARG F 306 -5.52 48.92 15.87
N THR F 307 -4.25 49.31 15.85
CA THR F 307 -3.28 48.80 14.89
C THR F 307 -2.38 47.77 15.56
N TYR F 308 -2.03 46.75 14.79
CA TYR F 308 -1.21 45.66 15.28
C TYR F 308 -0.22 45.24 14.21
N ARG F 309 0.98 44.92 14.65
CA ARG F 309 2.03 44.40 13.78
C ARG F 309 2.08 42.89 13.95
N CYS F 310 1.91 42.17 12.85
CA CYS F 310 2.00 40.73 12.82
C CYS F 310 3.24 40.27 12.09
N ALA F 311 3.39 38.95 12.03
CA ALA F 311 4.58 38.34 11.43
C ALA F 311 4.16 36.98 10.89
N HIS F 312 4.26 36.82 9.57
CA HIS F 312 3.92 35.54 8.94
C HIS F 312 5.18 34.69 8.88
N PRO F 313 5.28 33.60 9.64
CA PRO F 313 6.55 32.85 9.64
C PRO F 313 6.81 32.11 8.34
N LEU F 314 5.77 31.78 7.58
CA LEU F 314 5.89 30.97 6.39
C LEU F 314 6.01 31.78 5.11
N ALA F 315 6.01 33.11 5.19
CA ALA F 315 6.12 33.93 4.00
C ALA F 315 7.39 33.66 3.23
N THR F 316 8.46 33.31 3.93
CA THR F 316 9.72 33.02 3.26
C THR F 316 9.62 31.74 2.44
N LEU F 317 9.27 30.63 3.10
CA LEU F 317 9.23 29.33 2.45
C LEU F 317 8.29 29.32 1.25
N PHE F 318 7.11 29.92 1.41
CA PHE F 318 6.18 30.01 0.29
C PHE F 318 6.77 30.83 -0.85
N LYS F 319 7.59 31.83 -0.53
CA LYS F 319 8.32 32.54 -1.56
C LYS F 319 9.29 31.62 -2.29
N ILE F 320 9.89 30.69 -1.57
CA ILE F 320 10.84 29.77 -2.19
C ILE F 320 10.12 28.84 -3.15
N LEU F 321 9.00 28.26 -2.70
CA LEU F 321 8.25 27.35 -3.56
C LEU F 321 7.76 28.07 -4.80
N ALA F 322 7.33 29.31 -4.67
CA ALA F 322 6.84 30.05 -5.83
C ALA F 322 7.96 30.30 -6.83
N SER F 323 9.10 30.83 -6.37
CA SER F 323 10.24 31.03 -7.26
C SER F 323 10.73 29.71 -7.81
N PHE F 324 10.65 28.65 -7.00
CA PHE F 324 11.02 27.32 -7.47
C PHE F 324 9.98 26.80 -8.47
N TYR F 325 8.70 26.95 -8.12
CA TYR F 325 7.62 26.48 -8.98
C TYR F 325 7.64 27.22 -10.31
N ILE F 326 7.79 28.54 -10.27
CA ILE F 326 7.82 29.34 -11.48
C ILE F 326 8.97 28.91 -12.38
N SER F 327 10.15 28.73 -11.79
CA SER F 327 11.29 28.22 -12.55
C SER F 327 10.99 26.84 -13.12
N LEU F 328 10.26 26.02 -12.36
CA LEU F 328 9.84 24.71 -12.84
C LEU F 328 8.95 24.85 -14.06
N VAL F 329 7.92 25.69 -13.96
CA VAL F 329 6.90 25.76 -14.97
C VAL F 329 7.43 26.47 -16.21
N ILE F 330 8.46 27.30 -16.05
CA ILE F 330 9.13 27.87 -17.21
C ILE F 330 9.68 26.76 -18.09
N PHE F 331 10.38 25.80 -17.48
CA PHE F 331 10.90 24.66 -18.23
C PHE F 331 9.75 23.85 -18.83
N TYR F 332 8.63 23.75 -18.11
CA TYR F 332 7.43 23.16 -18.68
C TYR F 332 6.98 23.94 -19.91
N GLY F 333 6.90 25.27 -19.79
CA GLY F 333 6.35 26.06 -20.87
C GLY F 333 7.16 26.00 -22.15
N LEU F 334 8.46 25.73 -22.04
CA LEU F 334 9.29 25.63 -23.24
C LEU F 334 9.09 24.31 -23.94
N ILE F 335 8.88 23.24 -23.16
CA ILE F 335 8.64 21.91 -23.74
C ILE F 335 7.43 21.96 -24.65
N CYS F 336 6.29 22.39 -24.11
CA CYS F 336 5.07 22.47 -24.90
C CYS F 336 5.19 23.47 -26.04
N MET F 337 6.02 24.50 -25.91
CA MET F 337 6.24 25.42 -27.01
C MET F 337 6.97 24.73 -28.15
N TYR F 338 7.97 23.91 -27.84
CA TYR F 338 8.81 23.31 -28.86
C TYR F 338 8.01 22.34 -29.73
N THR F 339 7.34 21.38 -29.10
CA THR F 339 6.56 20.40 -29.84
C THR F 339 5.46 21.06 -30.66
N LEU F 340 4.95 22.21 -30.21
CA LEU F 340 3.92 22.91 -30.95
C LEU F 340 4.47 23.44 -32.27
N TRP F 341 5.56 24.21 -32.19
CA TRP F 341 6.28 24.63 -33.39
C TRP F 341 6.58 23.45 -34.29
N TRP F 342 7.02 22.34 -33.71
CA TRP F 342 7.26 21.12 -34.47
C TRP F 342 5.98 20.62 -35.12
N MET F 343 4.84 20.72 -34.43
CA MET F 343 3.57 20.36 -35.02
C MET F 343 3.14 21.32 -36.13
N LEU F 344 3.66 22.55 -36.13
CA LEU F 344 3.31 23.55 -37.11
C LEU F 344 4.26 23.55 -38.30
N ARG F 345 5.57 23.52 -38.01
CA ARG F 345 6.57 23.55 -39.06
C ARG F 345 6.43 22.34 -39.98
N ARG F 346 6.13 21.17 -39.42
CA ARG F 346 6.35 19.91 -40.10
C ARG F 346 5.15 19.45 -40.94
N SER F 347 3.97 20.01 -40.74
CA SER F 347 2.78 19.69 -41.55
C SER F 347 2.44 18.19 -41.45
N LEU F 348 2.04 17.80 -40.25
CA LEU F 348 1.92 16.39 -39.85
C LEU F 348 0.69 15.69 -40.40
N LYS F 349 -0.21 16.37 -41.12
CA LYS F 349 -1.35 15.68 -41.69
C LYS F 349 -0.92 14.58 -42.65
N LYS F 350 0.16 14.82 -43.38
CA LYS F 350 0.70 13.89 -44.37
C LYS F 350 2.10 13.47 -43.95
N TYR F 351 2.50 12.27 -44.37
CA TYR F 351 3.85 11.77 -44.15
C TYR F 351 4.47 11.40 -45.49
N SER F 352 5.76 11.71 -45.63
CA SER F 352 6.53 11.38 -46.83
C SER F 352 7.24 10.05 -46.60
N PHE F 353 6.75 9.02 -47.27
CA PHE F 353 7.44 7.73 -47.33
C PHE F 353 8.66 7.73 -48.24
N GLU F 354 8.91 8.84 -48.95
CA GLU F 354 9.75 8.80 -50.14
C GLU F 354 11.20 8.47 -49.80
N SER F 355 11.61 8.67 -48.54
CA SER F 355 12.97 8.31 -48.14
C SER F 355 13.08 6.81 -47.93
N ILE F 356 12.08 6.20 -47.30
CA ILE F 356 12.13 4.76 -47.02
C ILE F 356 12.09 3.97 -48.31
N ARG F 357 11.31 4.44 -49.30
CA ARG F 357 11.07 3.64 -50.49
C ARG F 357 12.33 3.52 -51.34
N GLU F 358 13.26 4.45 -51.19
CA GLU F 358 14.58 4.29 -51.80
C GLU F 358 15.28 3.04 -51.27
N GLU F 359 15.36 2.93 -49.94
CA GLU F 359 16.11 1.81 -49.35
C GLU F 359 15.41 0.49 -49.59
N SER F 360 14.11 0.42 -49.29
CA SER F 360 13.37 -0.81 -49.51
C SER F 360 13.28 -1.19 -50.99
N SER F 361 13.48 -0.22 -51.89
CA SER F 361 13.41 -0.46 -53.33
C SER F 361 12.01 -0.89 -53.74
N TYR F 362 11.01 -0.28 -53.12
CA TYR F 362 9.60 -0.53 -53.41
C TYR F 362 9.00 0.73 -54.02
N SER F 363 8.77 0.70 -55.33
CA SER F 363 8.17 1.84 -56.02
C SER F 363 6.67 1.93 -55.81
N ASP F 364 6.02 0.83 -55.43
CA ASP F 364 4.58 0.81 -55.16
C ASP F 364 4.40 0.89 -53.65
N ILE F 365 4.28 2.11 -53.14
CA ILE F 365 3.94 2.32 -51.74
C ILE F 365 3.29 3.70 -51.63
N PRO F 366 2.06 3.84 -51.11
CA PRO F 366 1.42 5.14 -51.11
C PRO F 366 1.75 5.95 -49.86
N ASP F 367 1.56 7.26 -49.98
CA ASP F 367 1.67 8.16 -48.85
C ASP F 367 0.33 8.25 -48.13
N VAL F 368 0.36 8.88 -46.97
CA VAL F 368 -0.83 9.08 -46.15
C VAL F 368 -1.49 10.39 -46.56
N LYS F 369 -2.74 10.58 -46.15
CA LYS F 369 -3.47 11.83 -46.34
C LYS F 369 -3.70 12.58 -45.03
N ASN F 370 -4.30 11.93 -44.03
CA ASN F 370 -4.75 12.64 -42.84
C ASN F 370 -5.08 11.71 -41.69
N ASP F 371 -4.60 12.04 -40.49
CA ASP F 371 -4.90 11.40 -39.22
C ASP F 371 -4.22 10.04 -39.08
N PHE F 372 -3.55 9.54 -40.11
CA PHE F 372 -2.80 8.29 -40.06
C PHE F 372 -1.31 8.51 -40.25
N ALA F 373 -0.92 9.65 -40.83
CA ALA F 373 0.48 10.06 -40.87
C ALA F 373 0.88 10.77 -39.60
N PHE F 374 -0.07 11.45 -38.95
CA PHE F 374 0.20 12.10 -37.67
C PHE F 374 0.61 11.08 -36.62
N MET F 375 -0.22 10.07 -36.42
CA MET F 375 0.14 8.96 -35.54
C MET F 375 1.40 8.26 -36.04
N LEU F 376 1.60 8.21 -37.37
CA LEU F 376 2.86 7.71 -37.89
C LEU F 376 4.00 8.68 -37.56
N HIS F 377 3.74 9.97 -37.71
CA HIS F 377 4.74 10.99 -37.40
C HIS F 377 5.15 10.88 -35.94
N LEU F 378 4.19 10.55 -35.07
CA LEU F 378 4.46 10.36 -33.66
C LEU F 378 5.43 9.21 -33.44
N ILE F 379 5.02 8.00 -33.84
CA ILE F 379 5.79 6.80 -33.53
C ILE F 379 7.16 6.85 -34.21
N ASP F 380 7.25 7.57 -35.34
CA ASP F 380 8.55 7.88 -35.91
C ASP F 380 9.44 8.59 -34.90
N GLN F 381 8.84 9.45 -34.07
CA GLN F 381 9.61 10.13 -33.04
C GLN F 381 10.17 9.16 -32.02
N TYR F 382 9.38 8.16 -31.63
CA TYR F 382 9.91 7.10 -30.77
C TYR F 382 11.06 6.39 -31.47
N ASP F 383 10.81 5.85 -32.67
CA ASP F 383 11.87 5.34 -33.52
C ASP F 383 11.36 5.25 -34.94
N PRO F 384 12.25 5.28 -35.94
CA PRO F 384 11.82 5.04 -37.32
C PRO F 384 11.65 3.56 -37.65
N LEU F 385 12.03 2.67 -36.74
CA LEU F 385 12.05 1.24 -37.04
C LEU F 385 10.64 0.73 -37.33
N TYR F 386 9.70 0.96 -36.42
CA TYR F 386 8.36 0.44 -36.57
C TYR F 386 7.71 0.93 -37.87
N SER F 387 8.00 2.16 -38.26
CA SER F 387 7.52 2.66 -39.55
C SER F 387 8.14 1.88 -40.70
N LYS F 388 9.39 1.47 -40.55
CA LYS F 388 10.08 0.76 -41.62
C LYS F 388 9.47 -0.63 -41.83
N ARG F 389 9.25 -1.36 -40.72
CA ARG F 389 8.59 -2.65 -40.81
C ARG F 389 7.18 -2.55 -41.37
N PHE F 390 6.57 -1.36 -41.30
CA PHE F 390 5.20 -1.17 -41.75
C PHE F 390 5.09 -0.90 -43.23
N ALA F 391 6.19 -0.51 -43.89
CA ALA F 391 6.15 -0.29 -45.33
C ALA F 391 5.81 -1.57 -46.08
N VAL F 392 6.18 -2.73 -45.53
CA VAL F 392 6.05 -3.97 -46.28
C VAL F 392 4.58 -4.43 -46.31
N PHE F 393 3.87 -4.30 -45.19
CA PHE F 393 2.48 -4.73 -45.17
C PHE F 393 1.58 -3.79 -45.95
N LEU F 394 2.06 -2.60 -46.28
CA LEU F 394 1.29 -1.62 -47.03
C LEU F 394 1.46 -1.75 -48.54
N SER F 395 2.64 -2.16 -49.01
CA SER F 395 2.89 -2.22 -50.44
C SER F 395 2.09 -3.36 -51.06
N GLU F 396 1.45 -3.08 -52.18
CA GLU F 396 0.65 -4.09 -52.85
C GLU F 396 1.51 -5.16 -53.49
N VAL F 397 2.66 -4.78 -54.05
CA VAL F 397 3.57 -5.77 -54.62
C VAL F 397 4.12 -6.67 -53.52
N SER F 398 4.28 -6.15 -52.30
CA SER F 398 4.67 -7.00 -51.19
C SER F 398 3.61 -8.06 -50.91
N GLU F 399 2.34 -7.67 -50.93
CA GLU F 399 1.25 -8.64 -50.90
C GLU F 399 1.33 -9.56 -52.11
N ASN F 400 1.60 -8.97 -53.29
CA ASN F 400 1.74 -9.76 -54.51
C ASN F 400 2.85 -10.78 -54.37
N LYS F 401 3.97 -10.39 -53.76
CA LYS F 401 5.05 -11.32 -53.48
C LYS F 401 4.57 -12.45 -52.59
N LEU F 402 3.85 -12.10 -51.52
CA LEU F 402 3.23 -13.12 -50.67
C LEU F 402 2.22 -13.93 -51.47
N ARG F 403 1.37 -13.25 -52.23
CA ARG F 403 0.31 -13.93 -52.97
C ARG F 403 0.88 -14.94 -53.96
N GLN F 404 2.02 -14.62 -54.58
CA GLN F 404 2.69 -15.58 -55.44
C GLN F 404 3.24 -16.75 -54.62
N LEU F 405 3.89 -16.44 -53.49
CA LEU F 405 4.39 -17.49 -52.61
C LEU F 405 3.28 -18.27 -51.94
N ASN F 406 2.12 -17.64 -51.74
CA ASN F 406 1.00 -18.32 -51.12
C ASN F 406 0.30 -19.23 -52.12
N LEU F 407 0.11 -18.76 -53.35
CA LEU F 407 -0.39 -19.62 -54.42
C LEU F 407 0.55 -20.80 -54.65
N ASN F 408 1.85 -20.60 -54.51
CA ASN F 408 2.85 -21.63 -54.80
C ASN F 408 2.93 -22.62 -53.62
#